data_9ATR
#
_entry.id   9ATR
#
_cell.length_a   1.00
_cell.length_b   1.00
_cell.length_c   1.00
_cell.angle_alpha   90.00
_cell.angle_beta   90.00
_cell.angle_gamma   90.00
#
_symmetry.space_group_name_H-M   'P 1'
#
loop_
_entity.id
_entity.type
_entity.pdbx_description
1 polymer 'Spike glycoprotein'
2 polymer Nanosota-8
3 branched 2-acetamido-2-deoxy-beta-D-glucopyranose-(1-4)-2-acetamido-2-deoxy-beta-D-glucopyranose
4 non-polymer 2-acetamido-2-deoxy-beta-D-glucopyranose
#
loop_
_entity_poly.entity_id
_entity_poly.type
_entity_poly.pdbx_seq_one_letter_code
_entity_poly.pdbx_strand_id
1 'polypeptide(L)'
;QCVNLITRTQSYTNSFTRGVYYPDKVFRSSVLHSTQDLFLPFFSNVTWFHAIHVSGTNGTKRFDNPALPFNDGVYFASTE
KSNIIRGWIFGTTLDSKTQSLLIVNNATNVVIKVCEFQFCNDPFLDVYQKNNKSWMESEFRVYSSANNCTFEYVSQPFLM
DLEGKEGNFKNLREFVFKNIDGYFKIYSKHTPINLERDLPQGFSALEPLVDLPIGINITRFQTLLALHRSYLTPGDSSSG
WTAGAAAYYVGYLQPRTFLLKYNENGTITDAVDCALDPLSETKCTLKSFTVEKGIYQTSNFRVQPTESIVRFPNITNLCP
FHEVFNATTFASVYAWNRKRISNCVADYSVIYNFAPFFAFKCYGVSPTKLNDLCFTNVYADSFVIRGNEVSQIAPGQTGN
IADYNYKLPDDFTGCVIAWNSNKLDSKPSGNYNYLYRLFRKSKLKPFERDISTEIYQAGNKPCNGVAGPNCYSPLQSYGF
RPTYGVGHQPYRVVVLSFELLHAPATVCGPKKSTNLVKNKCVNFNFNGLTGTGVLTESNKKFLPFQQFGRDIADTTDAVR
DPQTLEILDITPCSFGGVSVITPGTNTSNQVAVLYQGVNCTEVPVAIHADQLTPTWRVYSTGSNVFQTRAGCLIGAEYVN
NSYECDIPIGAGICASYQTQTKSHAGARSVASQSIIAYTMSLGAENSVAYSNNSIAIPTNFTISVTTEILPVSMTKTSVD
CTMYICGDSTECSNLLLQYGSFCTQLKRALTGIAVEQDKNTQEVFAQVKQIYKTPPIKYFGGFNFSQILPDPSKPSKRSP
IEDLLFNKVTLADAGFIKQYGDCLGDIAARDLICAQKFNGLTVLPPLLTDEMIAQYTSALLAGTITSGWTFGAGPALQIP
FPMQMAYRFNGIGVTQNVLYENQKLIANQFNSAIGKIQDSLSSTPSALGKLQDVVNHNAQALNTLVKQLSSKFGAISSVL
NDILSRLDPPEAEVQIDRLITGRLQSLQTYVTQQLIRAAEIRASANLAATKMSECVLGQSKRVDFCGKGYHLMSFPQSAP
HGVVFLHVTYVPAQEKNFTTAPAICHDGKAHFPREGVFVSNGTHWFVTQRNFYEPQIITTDNTFVSGNCDVVIGIVNNTV
YDPLQPELDSFKEELDKYFKNHTSPDVDLGDISGINASVVNIQKEIDRLNEVAKNLNESLIDLQELGKYEQYIKGSGYIP
EAPRDGQAYVRKDGEWVLLSTFLGHHHHHH
;
A,B,C
2 'polypeptide(L)'
;QVQLQESGGGLVQPGGSLRLSCAASGFTLDDYAIGWFRQAPGKEREGVLCISASGGSTLYADSVKGRFTISRDKDKNTVY
LQMNSLKPEDTAVYYCAAAGRLDLGSGYVCYGYYGTDYWGKGTQVTVSSGGQHHHHHHGAYPYDVPDYAS
;
F,E,H
#
# COMPACT_ATOMS: atom_id res chain seq x y z
N VAL A 3 -44.86 -34.56 13.54
CA VAL A 3 -46.30 -34.57 13.39
C VAL A 3 -46.89 -33.26 13.91
N ASN A 4 -48.01 -32.84 13.33
CA ASN A 4 -48.69 -31.61 13.72
C ASN A 4 -49.68 -31.94 14.82
N LEU A 5 -49.40 -31.47 16.04
CA LEU A 5 -50.27 -31.74 17.18
C LEU A 5 -50.44 -30.54 18.10
N ILE A 6 -50.05 -29.34 17.67
CA ILE A 6 -50.13 -28.14 18.48
C ILE A 6 -50.86 -27.07 17.70
N THR A 7 -51.73 -26.32 18.39
CA THR A 7 -52.39 -25.16 17.82
C THR A 7 -52.05 -23.93 18.64
N ARG A 8 -52.33 -22.75 18.08
CA ARG A 8 -51.92 -21.51 18.70
C ARG A 8 -52.92 -20.41 18.40
N THR A 9 -53.15 -19.53 19.38
CA THR A 9 -54.00 -18.37 19.25
C THR A 9 -53.21 -17.12 19.61
N GLN A 10 -53.63 -15.99 19.05
CA GLN A 10 -52.92 -14.72 19.23
C GLN A 10 -53.89 -13.63 19.64
N SER A 11 -53.69 -13.09 20.84
CA SER A 11 -54.35 -11.86 21.29
C SER A 11 -53.33 -10.73 21.25
N TYR A 12 -53.76 -9.51 21.57
CA TYR A 12 -52.87 -8.36 21.49
C TYR A 12 -53.02 -7.47 22.73
N THR A 13 -51.92 -6.86 23.14
CA THR A 13 -51.92 -6.00 24.31
C THR A 13 -50.85 -4.91 24.13
N ASN A 14 -50.88 -3.95 25.06
CA ASN A 14 -49.93 -2.87 25.07
C ASN A 14 -48.62 -3.30 25.73
N SER A 15 -47.58 -2.51 25.49
CA SER A 15 -46.27 -2.82 26.05
C SER A 15 -45.99 -2.10 27.36
N PHE A 16 -46.80 -1.11 27.71
CA PHE A 16 -46.60 -0.29 28.92
C PHE A 16 -45.17 0.23 28.91
N THR A 17 -44.40 0.08 29.98
CA THR A 17 -43.02 0.55 30.06
C THR A 17 -42.16 -0.59 30.59
N ARG A 18 -41.63 -1.39 29.67
CA ARG A 18 -40.81 -2.55 30.00
C ARG A 18 -39.66 -2.65 29.02
N GLY A 19 -38.66 -3.44 29.40
CA GLY A 19 -37.55 -3.70 28.51
C GLY A 19 -36.52 -2.59 28.44
N VAL A 20 -35.89 -2.27 29.56
CA VAL A 20 -34.74 -1.38 29.59
C VAL A 20 -33.57 -2.13 30.19
N TYR A 21 -32.53 -2.35 29.40
CA TYR A 21 -31.37 -3.10 29.82
C TYR A 21 -30.16 -2.17 29.93
N TYR A 22 -29.25 -2.53 30.83
CA TYR A 22 -28.06 -1.73 31.06
C TYR A 22 -27.27 -1.60 29.77
N PRO A 23 -27.27 -0.42 29.15
CA PRO A 23 -26.64 -0.28 27.82
C PRO A 23 -25.17 -0.63 27.81
N ASP A 24 -24.45 -0.33 28.89
CA ASP A 24 -23.04 -0.64 28.97
C ASP A 24 -22.73 -1.15 30.37
N LYS A 25 -21.79 -2.09 30.46
CA LYS A 25 -21.40 -2.66 31.74
C LYS A 25 -20.44 -1.69 32.44
N VAL A 26 -21.01 -0.60 32.92
CA VAL A 26 -20.26 0.47 33.58
C VAL A 26 -21.10 0.98 34.74
N PHE A 27 -20.45 1.20 35.89
CA PHE A 27 -21.14 1.68 37.08
C PHE A 27 -21.16 3.19 37.13
N ARG A 28 -22.30 3.74 37.52
CA ARG A 28 -22.47 5.17 37.77
C ARG A 28 -23.23 5.33 39.07
N SER A 29 -23.56 6.57 39.43
CA SER A 29 -24.27 6.81 40.68
C SER A 29 -24.93 8.18 40.66
N SER A 30 -26.24 8.19 40.86
CA SER A 30 -27.00 9.42 41.08
C SER A 30 -26.85 10.42 39.94
N VAL A 31 -26.77 9.90 38.71
CA VAL A 31 -26.64 10.74 37.53
C VAL A 31 -27.62 10.27 36.48
N LEU A 32 -27.90 11.14 35.52
CA LEU A 32 -28.77 10.84 34.39
C LEU A 32 -27.90 10.66 33.15
N HIS A 33 -28.09 9.56 32.44
CA HIS A 33 -27.27 9.23 31.29
C HIS A 33 -28.15 9.10 30.05
N SER A 34 -27.73 9.71 28.96
CA SER A 34 -28.43 9.62 27.69
C SER A 34 -27.62 8.74 26.73
N THR A 35 -28.26 7.71 26.20
CA THR A 35 -27.60 6.77 25.30
C THR A 35 -28.43 6.59 24.05
N GLN A 36 -27.83 5.97 23.04
CA GLN A 36 -28.52 5.62 21.81
C GLN A 36 -28.24 4.17 21.50
N ASP A 37 -29.29 3.35 21.47
CA ASP A 37 -29.12 1.91 21.28
C ASP A 37 -30.48 1.30 20.96
N LEU A 38 -30.53 -0.01 20.85
CA LEU A 38 -31.77 -0.73 20.59
C LEU A 38 -32.58 -0.84 21.87
N PHE A 39 -33.87 -0.50 21.79
CA PHE A 39 -34.76 -0.61 22.93
C PHE A 39 -36.16 -0.93 22.43
N LEU A 40 -37.05 -1.25 23.36
CA LEU A 40 -38.45 -1.46 23.04
C LEU A 40 -39.19 -0.15 23.23
N PRO A 41 -39.68 0.50 22.17
CA PRO A 41 -40.40 1.77 22.34
C PRO A 41 -41.63 1.59 23.20
N PHE A 42 -41.88 2.58 24.06
CA PHE A 42 -42.93 2.45 25.05
C PHE A 42 -44.30 2.51 24.40
N PHE A 43 -45.26 1.83 25.03
CA PHE A 43 -46.64 1.79 24.59
C PHE A 43 -46.72 1.33 23.13
N SER A 44 -46.19 0.12 22.90
CA SER A 44 -46.10 -0.47 21.57
C SER A 44 -46.88 -1.77 21.56
N ASN A 45 -46.65 -2.54 20.50
CA ASN A 45 -47.62 -3.53 20.08
C ASN A 45 -47.16 -4.91 20.50
N VAL A 46 -48.00 -5.66 21.22
CA VAL A 46 -47.51 -6.92 21.73
C VAL A 46 -48.51 -8.03 21.36
N THR A 47 -47.97 -9.14 20.85
CA THR A 47 -48.74 -10.32 20.46
C THR A 47 -48.70 -11.37 21.57
N TRP A 48 -49.75 -11.42 22.37
CA TRP A 48 -49.90 -12.46 23.39
C TRP A 48 -50.19 -13.78 22.70
N PHE A 49 -49.21 -14.69 22.67
CA PHE A 49 -49.38 -15.99 22.07
C PHE A 49 -49.79 -17.02 23.12
N HIS A 50 -50.73 -17.89 22.76
CA HIS A 50 -51.18 -18.97 23.62
C HIS A 50 -51.22 -20.26 22.79
N ALA A 51 -50.30 -21.17 23.09
CA ALA A 51 -50.23 -22.45 22.42
C ALA A 51 -50.85 -23.54 23.27
N ILE A 52 -51.48 -24.51 22.61
CA ILE A 52 -52.23 -25.56 23.30
C ILE A 52 -52.18 -26.83 22.47
N HIS A 53 -52.05 -27.96 23.14
CA HIS A 53 -52.15 -29.27 22.50
C HIS A 53 -52.99 -30.20 23.36
N ASP A 64 -50.64 -24.80 13.07
CA ASP A 64 -49.67 -23.95 13.76
C ASP A 64 -48.54 -23.53 12.83
N ASN A 65 -48.20 -22.26 12.87
CA ASN A 65 -47.07 -21.70 12.11
C ASN A 65 -46.15 -20.99 13.08
N PRO A 66 -45.13 -21.67 13.59
CA PRO A 66 -44.21 -21.04 14.54
C PRO A 66 -43.17 -20.16 13.87
N ALA A 67 -43.41 -19.79 12.61
CA ALA A 67 -42.48 -18.97 11.84
C ALA A 67 -42.61 -17.51 12.30
N LEU A 68 -41.91 -17.20 13.39
CA LEU A 68 -41.94 -15.86 13.95
C LEU A 68 -40.72 -15.07 13.48
N PRO A 69 -40.91 -13.93 12.80
CA PRO A 69 -39.76 -13.17 12.30
C PRO A 69 -38.89 -12.66 13.44
N PHE A 70 -37.60 -12.49 13.14
CA PHE A 70 -36.61 -12.05 14.11
C PHE A 70 -36.33 -10.56 14.05
N ASN A 71 -36.34 -9.97 12.87
CA ASN A 71 -36.05 -8.54 12.65
C ASN A 71 -34.64 -8.27 13.18
N ASP A 72 -34.43 -7.19 13.93
CA ASP A 72 -33.11 -6.88 14.47
C ASP A 72 -32.86 -7.55 15.81
N GLY A 73 -33.86 -7.59 16.69
CA GLY A 73 -33.75 -8.23 17.98
C GLY A 73 -35.11 -8.72 18.41
N VAL A 74 -35.15 -9.38 19.57
CA VAL A 74 -36.38 -9.96 20.07
C VAL A 74 -36.46 -9.74 21.57
N TYR A 75 -37.67 -9.38 22.04
CA TYR A 75 -37.99 -9.35 23.46
C TYR A 75 -39.00 -10.45 23.71
N PHE A 76 -38.68 -11.35 24.64
CA PHE A 76 -39.55 -12.46 24.99
C PHE A 76 -39.95 -12.35 26.45
N ALA A 77 -41.18 -12.72 26.75
CA ALA A 77 -41.68 -12.69 28.11
C ALA A 77 -42.52 -13.94 28.36
N SER A 78 -42.50 -14.43 29.59
CA SER A 78 -43.35 -15.56 29.94
C SER A 78 -43.68 -15.52 31.42
N THR A 79 -44.75 -16.22 31.77
CA THR A 79 -45.21 -16.29 33.16
C THR A 79 -45.49 -17.71 33.63
N GLU A 80 -45.18 -18.72 32.81
CA GLU A 80 -45.37 -20.10 33.23
C GLU A 80 -44.37 -20.47 34.31
N LYS A 81 -44.76 -21.42 35.17
CA LYS A 81 -43.93 -21.86 36.28
C LYS A 81 -43.54 -23.33 36.21
N SER A 82 -43.97 -24.05 35.18
CA SER A 82 -43.67 -25.47 35.03
C SER A 82 -42.41 -25.72 34.23
N ASN A 83 -41.67 -24.67 33.88
CA ASN A 83 -40.48 -24.79 33.03
C ASN A 83 -40.82 -25.46 31.70
N ILE A 84 -42.03 -25.22 31.19
CA ILE A 84 -42.45 -25.86 29.95
C ILE A 84 -41.65 -25.34 28.78
N ILE A 85 -41.24 -24.07 28.82
CA ILE A 85 -40.51 -23.46 27.72
C ILE A 85 -39.03 -23.83 27.84
N ARG A 86 -38.39 -24.07 26.70
CA ARG A 86 -37.00 -24.52 26.69
C ARG A 86 -36.35 -24.15 25.36
N GLY A 87 -35.30 -23.35 25.42
CA GLY A 87 -34.45 -23.13 24.27
C GLY A 87 -35.03 -22.25 23.18
N TRP A 88 -34.21 -21.91 22.19
CA TRP A 88 -34.63 -21.09 21.06
C TRP A 88 -33.79 -21.45 19.84
N ILE A 89 -34.37 -21.22 18.66
CA ILE A 89 -33.72 -21.49 17.38
C ILE A 89 -33.83 -20.23 16.52
N PHE A 90 -32.75 -19.89 15.84
CA PHE A 90 -32.70 -18.67 15.04
C PHE A 90 -32.15 -19.01 13.65
N GLY A 91 -32.68 -18.33 12.63
CA GLY A 91 -32.18 -18.56 11.29
C GLY A 91 -32.84 -17.62 10.30
N THR A 92 -32.55 -17.87 9.02
CA THR A 92 -33.10 -17.08 7.92
C THR A 92 -34.14 -17.83 7.10
N THR A 93 -33.95 -19.12 6.87
CA THR A 93 -34.97 -19.96 6.25
C THR A 93 -35.15 -21.30 6.94
N LEU A 94 -34.22 -21.72 7.80
CA LEU A 94 -34.38 -22.91 8.65
C LEU A 94 -34.62 -24.16 7.82
N ASP A 95 -33.70 -24.43 6.90
CA ASP A 95 -33.62 -25.70 6.21
C ASP A 95 -32.17 -26.19 6.28
N SER A 96 -31.88 -27.25 5.53
CA SER A 96 -30.50 -27.74 5.45
C SER A 96 -29.67 -26.97 4.43
N LYS A 97 -30.24 -25.96 3.77
CA LYS A 97 -29.52 -25.13 2.83
C LYS A 97 -28.79 -23.97 3.48
N THR A 98 -29.02 -23.71 4.76
CA THR A 98 -28.38 -22.60 5.45
C THR A 98 -28.20 -22.95 6.91
N GLN A 99 -27.28 -22.23 7.56
CA GLN A 99 -26.99 -22.44 8.97
C GLN A 99 -28.08 -21.84 9.84
N SER A 100 -28.15 -22.32 11.08
CA SER A 100 -29.12 -21.82 12.04
C SER A 100 -28.58 -22.02 13.46
N LEU A 101 -29.14 -21.26 14.40
CA LEU A 101 -28.68 -21.28 15.78
C LEU A 101 -29.44 -22.33 16.58
N LEU A 102 -28.76 -22.90 17.58
CA LEU A 102 -29.25 -24.05 18.32
C LEU A 102 -29.08 -23.84 19.83
N ILE A 103 -29.51 -22.69 20.32
CA ILE A 103 -29.46 -22.41 21.75
C ILE A 103 -30.57 -23.21 22.43
N VAL A 104 -30.20 -24.29 23.12
CA VAL A 104 -31.16 -25.17 23.77
C VAL A 104 -30.86 -25.19 25.26
N ASN A 105 -31.87 -24.90 26.07
CA ASN A 105 -31.73 -24.93 27.52
C ASN A 105 -31.86 -26.36 28.05
N ASN A 106 -31.34 -26.56 29.24
CA ASN A 106 -31.38 -27.86 29.90
C ASN A 106 -31.23 -27.64 31.40
N ALA A 107 -31.75 -28.58 32.18
CA ALA A 107 -31.68 -28.47 33.64
C ALA A 107 -30.26 -28.55 34.16
N THR A 108 -29.32 -29.00 33.34
CA THR A 108 -27.92 -29.17 33.76
C THR A 108 -26.99 -28.18 33.11
N ASN A 109 -27.03 -28.05 31.78
CA ASN A 109 -26.12 -27.17 31.05
C ASN A 109 -26.90 -26.50 29.93
N VAL A 110 -26.16 -25.87 29.02
CA VAL A 110 -26.74 -25.24 27.84
C VAL A 110 -25.77 -25.43 26.68
N VAL A 111 -26.32 -25.73 25.51
CA VAL A 111 -25.53 -26.08 24.32
C VAL A 111 -26.02 -25.22 23.15
N ILE A 112 -25.07 -24.70 22.38
CA ILE A 112 -25.34 -23.90 21.19
C ILE A 112 -24.56 -24.49 20.03
N LYS A 113 -25.22 -24.66 18.89
CA LYS A 113 -24.58 -25.19 17.71
C LYS A 113 -25.02 -24.39 16.48
N VAL A 114 -24.15 -24.39 15.47
CA VAL A 114 -24.46 -23.77 14.18
C VAL A 114 -24.17 -24.80 13.09
N CYS A 115 -25.20 -25.17 12.34
CA CYS A 115 -25.07 -26.19 11.30
C CYS A 115 -26.32 -26.14 10.42
N GLU A 116 -26.24 -26.82 9.28
CA GLU A 116 -27.34 -26.87 8.34
C GLU A 116 -28.26 -28.05 8.64
N PHE A 117 -28.83 -28.02 9.85
CA PHE A 117 -29.78 -29.06 10.24
C PHE A 117 -31.04 -28.97 9.38
N GLN A 118 -31.82 -30.04 9.39
CA GLN A 118 -33.12 -30.06 8.72
C GLN A 118 -34.21 -30.11 9.78
N PHE A 119 -34.77 -28.95 10.10
CA PHE A 119 -35.89 -28.86 11.04
C PHE A 119 -37.21 -29.17 10.34
N CYS A 120 -38.08 -29.90 11.02
CA CYS A 120 -39.39 -30.24 10.50
C CYS A 120 -40.36 -29.07 10.69
N ASN A 121 -41.65 -29.31 10.45
CA ASN A 121 -42.65 -28.25 10.59
C ASN A 121 -42.84 -27.81 12.03
N ASP A 122 -42.46 -28.63 13.00
CA ASP A 122 -42.64 -28.29 14.41
C ASP A 122 -41.63 -29.07 15.25
N PRO A 123 -40.41 -28.55 15.38
CA PRO A 123 -39.43 -29.19 16.26
C PRO A 123 -39.89 -29.18 17.71
N PHE A 124 -39.57 -30.24 18.43
CA PHE A 124 -39.96 -30.36 19.83
C PHE A 124 -39.11 -31.44 20.49
N LEU A 125 -39.20 -31.49 21.82
CA LEU A 125 -38.41 -32.41 22.63
C LEU A 125 -39.28 -33.61 23.01
N ASP A 126 -38.81 -34.81 22.68
CA ASP A 126 -39.57 -36.02 23.00
C ASP A 126 -39.75 -36.18 24.50
N VAL A 127 -38.67 -35.97 25.27
CA VAL A 127 -38.61 -36.14 26.73
C VAL A 127 -39.57 -37.20 27.27
N GLU A 137 -35.72 -37.44 26.02
CA GLU A 137 -34.65 -36.45 26.03
C GLU A 137 -33.90 -36.47 24.70
N SER A 138 -34.64 -36.41 23.61
CA SER A 138 -34.09 -36.56 22.26
C SER A 138 -34.52 -35.40 21.38
N GLU A 139 -33.68 -35.09 20.39
CA GLU A 139 -33.95 -34.00 19.45
C GLU A 139 -33.94 -34.49 18.00
N PHE A 140 -34.32 -35.76 17.78
CA PHE A 140 -34.44 -36.24 16.40
C PHE A 140 -35.54 -35.49 15.66
N ARG A 141 -36.68 -35.26 16.31
CA ARG A 141 -37.74 -34.50 15.68
C ARG A 141 -37.33 -33.05 15.44
N VAL A 142 -36.39 -32.54 16.25
CA VAL A 142 -35.90 -31.19 16.05
C VAL A 142 -35.19 -31.07 14.71
N TYR A 143 -34.31 -32.04 14.40
CA TYR A 143 -33.57 -32.03 13.15
C TYR A 143 -33.15 -33.45 12.82
N SER A 144 -33.18 -33.78 11.52
CA SER A 144 -32.81 -35.12 11.10
C SER A 144 -31.32 -35.37 11.28
N SER A 145 -30.47 -34.45 10.82
CA SER A 145 -29.04 -34.66 10.86
C SER A 145 -28.32 -33.32 10.73
N ALA A 146 -27.01 -33.36 10.99
CA ALA A 146 -26.14 -32.20 10.85
C ALA A 146 -24.99 -32.58 9.92
N ASN A 147 -24.81 -31.84 8.84
CA ASN A 147 -23.85 -32.20 7.80
C ASN A 147 -22.61 -31.30 7.81
N ASN A 148 -22.77 -29.99 7.66
CA ASN A 148 -21.66 -29.05 7.56
C ASN A 148 -21.79 -28.03 8.69
N CYS A 149 -21.19 -28.35 9.83
CA CYS A 149 -21.30 -27.54 11.03
C CYS A 149 -20.05 -26.67 11.19
N THR A 150 -20.25 -25.49 11.78
CA THR A 150 -19.19 -24.50 11.91
C THR A 150 -18.86 -24.10 13.34
N PHE A 151 -19.82 -24.16 14.27
CA PHE A 151 -19.57 -23.67 15.62
C PHE A 151 -20.32 -24.51 16.64
N GLU A 152 -19.68 -24.71 17.79
CA GLU A 152 -20.29 -25.40 18.92
C GLU A 152 -19.85 -24.69 20.20
N TYR A 153 -20.69 -24.78 21.23
CA TYR A 153 -20.43 -24.08 22.49
C TYR A 153 -21.26 -24.72 23.59
N VAL A 154 -20.68 -24.80 24.79
CA VAL A 154 -21.36 -25.34 25.97
C VAL A 154 -21.09 -24.40 27.14
N SER A 155 -22.10 -24.22 27.99
CA SER A 155 -21.93 -23.39 29.17
C SER A 155 -22.98 -23.77 30.21
N GLN A 156 -23.08 -22.95 31.27
CA GLN A 156 -24.03 -23.08 32.38
C GLN A 156 -25.41 -22.59 31.94
N PRO A 157 -26.48 -23.29 32.30
CA PRO A 157 -27.82 -22.89 31.84
C PRO A 157 -28.26 -21.57 32.45
N PHE A 158 -29.12 -20.88 31.71
CA PHE A 158 -29.57 -19.54 32.08
C PHE A 158 -30.83 -19.59 32.95
N LEU A 159 -31.88 -20.23 32.45
CA LEU A 159 -33.14 -20.30 33.19
C LEU A 159 -32.94 -21.03 34.50
N MET A 160 -33.49 -20.46 35.57
CA MET A 160 -33.37 -21.06 36.89
C MET A 160 -34.72 -21.12 37.59
N LYS A 170 -46.29 -16.97 39.37
CA LYS A 170 -45.88 -16.16 40.51
C LYS A 170 -44.65 -15.32 40.15
N ASN A 171 -44.04 -15.65 39.02
CA ASN A 171 -42.84 -14.95 38.56
C ASN A 171 -43.02 -14.58 37.09
N LEU A 172 -42.30 -13.54 36.67
CA LEU A 172 -42.32 -13.05 35.30
C LEU A 172 -40.89 -13.10 34.78
N ARG A 173 -40.68 -13.81 33.68
CA ARG A 173 -39.33 -14.02 33.15
C ARG A 173 -39.22 -13.28 31.83
N GLU A 174 -38.24 -12.38 31.75
CA GLU A 174 -38.06 -11.52 30.59
C GLU A 174 -36.67 -11.72 30.01
N PHE A 175 -36.58 -11.77 28.69
CA PHE A 175 -35.32 -11.95 28.02
C PHE A 175 -35.25 -11.04 26.81
N VAL A 176 -34.05 -10.56 26.49
CA VAL A 176 -33.83 -9.73 25.31
C VAL A 176 -32.62 -10.29 24.57
N PHE A 177 -32.83 -10.67 23.31
CA PHE A 177 -31.75 -11.18 22.47
C PHE A 177 -31.52 -10.22 21.31
N LYS A 178 -30.25 -9.95 21.01
CA LYS A 178 -29.95 -9.10 19.86
C LYS A 178 -28.66 -9.56 19.20
N ASN A 179 -28.47 -9.09 17.96
CA ASN A 179 -27.33 -9.46 17.13
C ASN A 179 -26.80 -8.20 16.47
N ILE A 180 -25.67 -7.69 16.94
CA ILE A 180 -25.05 -6.50 16.36
C ILE A 180 -23.61 -6.82 16.00
N ASP A 181 -23.23 -6.46 14.78
CA ASP A 181 -21.86 -6.65 14.27
C ASP A 181 -21.40 -8.09 14.43
N GLY A 182 -22.27 -9.03 14.05
CA GLY A 182 -21.94 -10.44 14.17
C GLY A 182 -21.76 -10.91 15.59
N TYR A 183 -22.39 -10.24 16.55
CA TYR A 183 -22.24 -10.53 17.97
C TYR A 183 -23.63 -10.74 18.56
N PHE A 184 -23.82 -11.91 19.18
CA PHE A 184 -25.11 -12.33 19.70
C PHE A 184 -25.10 -12.16 21.21
N LYS A 185 -25.97 -11.28 21.71
CA LYS A 185 -25.98 -10.88 23.11
C LYS A 185 -27.35 -11.16 23.70
N ILE A 186 -27.38 -11.73 24.90
CA ILE A 186 -28.63 -11.97 25.63
C ILE A 186 -28.54 -11.33 27.01
N TYR A 187 -29.63 -10.65 27.37
CA TYR A 187 -29.87 -10.07 28.69
C TYR A 187 -31.13 -10.70 29.27
N SER A 188 -31.21 -10.78 30.58
CA SER A 188 -32.32 -11.49 31.21
C SER A 188 -32.69 -10.85 32.53
N LYS A 189 -33.90 -11.16 33.00
CA LYS A 189 -34.34 -10.76 34.33
C LYS A 189 -35.48 -11.64 34.79
N HIS A 190 -35.42 -12.05 36.05
CA HIS A 190 -36.47 -12.80 36.72
C HIS A 190 -37.08 -11.89 37.78
N THR A 191 -38.36 -11.54 37.61
CA THR A 191 -38.98 -10.64 38.56
C THR A 191 -40.11 -11.35 39.30
N PRO A 192 -40.38 -10.97 40.54
CA PRO A 192 -41.56 -11.50 41.23
C PRO A 192 -42.79 -10.69 40.93
N ILE A 193 -43.90 -11.36 40.64
CA ILE A 193 -45.15 -10.69 40.28
C ILE A 193 -46.27 -11.25 41.13
N ASN A 194 -47.17 -10.38 41.56
CA ASN A 194 -48.37 -10.81 42.27
C ASN A 194 -49.36 -11.36 41.26
N LEU A 195 -50.57 -11.68 41.72
CA LEU A 195 -51.62 -12.20 40.84
C LEU A 195 -52.17 -11.04 40.02
N GLU A 196 -51.48 -10.73 38.93
CA GLU A 196 -51.87 -9.65 38.03
C GLU A 196 -52.09 -10.20 36.63
N ARG A 197 -53.16 -9.76 35.98
CA ARG A 197 -53.52 -10.32 34.68
C ARG A 197 -52.55 -9.86 33.58
N ASP A 198 -52.23 -8.57 33.54
CA ASP A 198 -51.41 -8.00 32.49
C ASP A 198 -50.03 -7.64 33.04
N LEU A 199 -49.22 -7.05 32.17
CA LEU A 199 -47.86 -6.68 32.54
C LEU A 199 -47.87 -5.63 33.63
N PRO A 200 -47.24 -5.86 34.77
CA PRO A 200 -47.26 -4.86 35.85
C PRO A 200 -46.48 -3.61 35.46
N GLN A 201 -46.85 -2.50 36.09
CA GLN A 201 -46.18 -1.23 35.86
C GLN A 201 -44.87 -1.17 36.62
N GLY A 202 -44.31 0.01 36.77
CA GLY A 202 -43.04 0.15 37.45
C GLY A 202 -41.88 -0.11 36.50
N PHE A 203 -40.72 -0.36 37.10
CA PHE A 203 -39.49 -0.58 36.33
C PHE A 203 -38.77 -1.81 36.83
N SER A 204 -38.04 -2.43 35.90
CA SER A 204 -37.21 -3.59 36.21
C SER A 204 -36.13 -3.67 35.15
N ALA A 205 -34.88 -3.44 35.54
CA ALA A 205 -33.79 -3.44 34.59
C ALA A 205 -33.45 -4.87 34.14
N LEU A 206 -32.83 -4.96 32.97
CA LEU A 206 -32.35 -6.23 32.44
C LEU A 206 -30.83 -6.30 32.62
N GLU A 207 -30.34 -7.43 33.12
CA GLU A 207 -28.92 -7.61 33.38
C GLU A 207 -28.29 -8.50 32.32
N PRO A 208 -27.16 -8.10 31.76
CA PRO A 208 -26.53 -8.89 30.69
C PRO A 208 -26.08 -10.26 31.17
N LEU A 209 -26.19 -11.24 30.27
CA LEU A 209 -25.72 -12.57 30.59
C LEU A 209 -24.71 -13.14 29.59
N VAL A 210 -24.92 -12.98 28.29
CA VAL A 210 -24.13 -13.76 27.34
C VAL A 210 -23.80 -12.93 26.10
N ASP A 211 -22.59 -13.15 25.57
CA ASP A 211 -22.19 -12.68 24.24
C ASP A 211 -21.37 -13.75 23.52
N LEU A 212 -21.68 -13.97 22.25
CA LEU A 212 -21.00 -14.94 21.40
C LEU A 212 -20.74 -14.37 20.02
N PRO A 213 -19.65 -14.79 19.34
CA PRO A 213 -19.39 -14.41 17.93
C PRO A 213 -19.93 -15.35 16.86
N ILE A 214 -21.22 -15.24 16.54
CA ILE A 214 -21.83 -16.11 15.54
C ILE A 214 -21.66 -15.52 14.15
N GLY A 215 -22.25 -14.34 13.90
CA GLY A 215 -22.10 -13.65 12.64
C GLY A 215 -22.79 -14.27 11.44
N ILE A 216 -24.12 -14.44 11.51
CA ILE A 216 -24.90 -14.90 10.37
C ILE A 216 -26.16 -14.06 10.26
N ASN A 217 -26.81 -14.14 9.09
CA ASN A 217 -28.08 -13.48 8.89
C ASN A 217 -29.20 -14.34 9.47
N ILE A 218 -30.08 -13.70 10.24
CA ILE A 218 -31.19 -14.38 10.90
C ILE A 218 -32.43 -13.51 10.76
N THR A 219 -33.41 -13.98 10.00
CA THR A 219 -34.63 -13.22 9.76
C THR A 219 -35.81 -13.70 10.58
N ARG A 220 -35.74 -14.87 11.19
CA ARG A 220 -36.85 -15.39 11.97
C ARG A 220 -36.32 -16.39 13.00
N PHE A 221 -37.18 -16.74 13.95
CA PHE A 221 -36.80 -17.57 15.06
C PHE A 221 -38.01 -18.37 15.53
N GLN A 222 -37.72 -19.48 16.22
CA GLN A 222 -38.72 -20.38 16.73
C GLN A 222 -38.37 -20.74 18.16
N THR A 223 -39.38 -21.12 18.93
CA THR A 223 -39.20 -21.54 20.32
C THR A 223 -39.68 -22.97 20.49
N LEU A 224 -38.90 -23.76 21.22
CA LEU A 224 -39.17 -25.18 21.40
C LEU A 224 -39.90 -25.45 22.70
N LEU A 225 -40.74 -26.48 22.68
CA LEU A 225 -41.47 -26.93 23.85
C LEU A 225 -41.22 -28.41 24.06
N ALA A 226 -41.26 -28.84 25.32
CA ALA A 226 -41.01 -30.23 25.69
C ALA A 226 -42.28 -30.81 26.27
N LEU A 227 -42.74 -31.94 25.71
CA LEU A 227 -43.94 -32.62 26.17
C LEU A 227 -43.63 -34.09 26.40
N HIS A 228 -44.07 -34.61 27.54
CA HIS A 228 -43.81 -35.99 27.92
C HIS A 228 -44.71 -36.94 27.14
N ARG A 229 -44.38 -38.23 27.22
CA ARG A 229 -45.15 -39.28 26.56
C ARG A 229 -45.00 -40.60 27.29
N TRP A 241 -48.63 -38.76 23.40
CA TRP A 241 -48.04 -37.74 24.26
C TRP A 241 -49.02 -37.30 25.34
N THR A 242 -48.85 -36.09 25.83
CA THR A 242 -49.70 -35.54 26.88
C THR A 242 -50.13 -34.13 26.51
N ALA A 243 -51.34 -33.76 26.93
CA ALA A 243 -51.86 -32.44 26.67
C ALA A 243 -51.06 -31.39 27.44
N GLY A 244 -50.94 -30.20 26.85
CA GLY A 244 -50.17 -29.13 27.46
C GLY A 244 -50.60 -27.78 26.96
N ALA A 245 -50.30 -26.76 27.75
CA ALA A 245 -50.64 -25.39 27.41
C ALA A 245 -49.46 -24.47 27.75
N ALA A 246 -49.37 -23.36 27.02
CA ALA A 246 -48.30 -22.40 27.24
C ALA A 246 -48.78 -21.03 26.76
N ALA A 247 -48.18 -19.99 27.33
CA ALA A 247 -48.51 -18.62 26.97
C ALA A 247 -47.26 -17.77 27.10
N TYR A 248 -47.13 -16.77 26.22
CA TYR A 248 -45.95 -15.91 26.24
C TYR A 248 -46.23 -14.63 25.47
N TYR A 249 -45.28 -13.70 25.55
CA TYR A 249 -45.38 -12.40 24.90
C TYR A 249 -44.13 -12.18 24.06
N VAL A 250 -44.31 -11.66 22.85
CA VAL A 250 -43.22 -11.45 21.91
C VAL A 250 -43.28 -10.03 21.39
N GLY A 251 -42.13 -9.36 21.36
CA GLY A 251 -42.07 -8.00 20.85
C GLY A 251 -40.76 -7.76 20.11
N TYR A 252 -40.77 -6.72 19.28
CA TYR A 252 -39.62 -6.34 18.49
C TYR A 252 -39.12 -4.98 18.93
N LEU A 253 -37.82 -4.74 18.73
CA LEU A 253 -37.18 -3.54 19.22
C LEU A 253 -36.66 -2.68 18.07
N GLN A 254 -36.49 -1.40 18.36
CA GLN A 254 -36.06 -0.40 17.40
C GLN A 254 -34.90 0.39 17.98
N PRO A 255 -34.04 0.96 17.12
CA PRO A 255 -32.95 1.80 17.63
C PRO A 255 -33.46 3.19 17.99
N ARG A 256 -33.37 3.54 19.27
CA ARG A 256 -33.85 4.81 19.76
C ARG A 256 -32.82 5.43 20.70
N THR A 257 -33.07 6.68 21.06
CA THR A 257 -32.30 7.40 22.06
C THR A 257 -33.07 7.39 23.38
N PHE A 258 -32.42 6.92 24.44
CA PHE A 258 -33.04 6.77 25.74
C PHE A 258 -32.30 7.62 26.77
N LEU A 259 -33.00 7.93 27.86
CA LEU A 259 -32.41 8.56 29.02
C LEU A 259 -32.71 7.70 30.24
N LEU A 260 -31.71 7.52 31.10
CA LEU A 260 -31.85 6.64 32.24
C LEU A 260 -31.37 7.35 33.50
N LYS A 261 -32.02 7.05 34.63
CA LYS A 261 -31.70 7.65 35.91
C LYS A 261 -31.16 6.57 36.83
N TYR A 262 -29.88 6.66 37.17
CA TYR A 262 -29.30 5.77 38.16
C TYR A 262 -29.53 6.33 39.56
N ASN A 263 -29.82 5.44 40.50
CA ASN A 263 -29.96 5.84 41.89
C ASN A 263 -28.59 5.84 42.56
N GLU A 264 -28.57 5.95 43.88
CA GLU A 264 -27.29 6.03 44.59
C GLU A 264 -26.57 4.69 44.70
N ASN A 265 -27.21 3.58 44.35
CA ASN A 265 -26.53 2.30 44.33
C ASN A 265 -26.16 1.85 42.92
N GLY A 266 -26.64 2.54 41.90
CA GLY A 266 -26.37 2.17 40.52
C GLY A 266 -27.44 1.34 39.85
N THR A 267 -28.59 1.17 40.48
CA THR A 267 -29.69 0.40 39.90
C THR A 267 -30.66 1.34 39.22
N ILE A 268 -31.02 1.03 37.97
CA ILE A 268 -31.92 1.88 37.21
C ILE A 268 -33.30 1.84 37.84
N THR A 269 -33.85 3.01 38.14
CA THR A 269 -35.20 3.11 38.67
C THR A 269 -36.17 3.83 37.75
N ASP A 270 -35.67 4.55 36.75
CA ASP A 270 -36.57 5.25 35.84
C ASP A 270 -35.85 5.55 34.55
N ALA A 271 -36.63 5.61 33.46
CA ALA A 271 -36.10 5.94 32.16
C ALA A 271 -37.13 6.76 31.39
N VAL A 272 -36.64 7.52 30.42
CA VAL A 272 -37.47 8.42 29.63
C VAL A 272 -37.11 8.23 28.16
N ASP A 273 -38.13 7.98 27.35
CA ASP A 273 -37.96 7.89 25.91
C ASP A 273 -37.83 9.28 25.30
N CYS A 274 -37.26 9.34 24.11
CA CYS A 274 -37.03 10.61 23.43
C CYS A 274 -37.86 10.78 22.17
N ALA A 275 -38.69 9.82 21.81
CA ALA A 275 -39.49 9.92 20.59
C ALA A 275 -40.90 9.38 20.83
N LEU A 276 -41.45 9.64 22.00
CA LEU A 276 -42.81 9.22 22.31
C LEU A 276 -43.81 10.36 22.12
N ASP A 277 -43.59 11.47 22.81
CA ASP A 277 -44.42 12.66 22.68
C ASP A 277 -43.53 13.87 22.90
N PRO A 278 -43.92 15.04 22.42
CA PRO A 278 -43.03 16.21 22.51
C PRO A 278 -42.57 16.53 23.93
N LEU A 279 -43.39 16.25 24.94
CA LEU A 279 -42.96 16.47 26.31
C LEU A 279 -41.73 15.63 26.64
N SER A 280 -41.72 14.38 26.17
CA SER A 280 -40.55 13.53 26.36
C SER A 280 -39.34 14.10 25.63
N GLU A 281 -39.56 14.70 24.46
CA GLU A 281 -38.47 15.36 23.76
C GLU A 281 -37.92 16.52 24.57
N THR A 282 -38.81 17.30 25.19
CA THR A 282 -38.36 18.38 26.07
C THR A 282 -37.54 17.84 27.23
N LYS A 283 -38.00 16.74 27.83
CA LYS A 283 -37.25 16.14 28.94
C LYS A 283 -35.88 15.68 28.48
N CYS A 284 -35.81 15.05 27.29
CA CYS A 284 -34.52 14.58 26.79
C CYS A 284 -33.58 15.74 26.49
N THR A 285 -34.09 16.81 25.90
CA THR A 285 -33.23 17.94 25.57
C THR A 285 -32.75 18.66 26.83
N LEU A 286 -33.67 18.95 27.74
CA LEU A 286 -33.32 19.67 28.95
C LEU A 286 -32.53 18.79 29.92
N LYS A 287 -32.58 17.47 29.74
CA LYS A 287 -31.84 16.53 30.58
C LYS A 287 -32.26 16.63 32.05
N SER A 288 -33.55 16.39 32.27
CA SER A 288 -34.11 16.36 33.62
C SER A 288 -35.46 15.67 33.56
N PHE A 289 -35.95 15.25 34.73
CA PHE A 289 -37.24 14.61 34.85
C PHE A 289 -38.36 15.57 35.19
N THR A 290 -38.06 16.84 35.40
CA THR A 290 -39.06 17.85 35.71
C THR A 290 -38.90 19.03 34.77
N VAL A 291 -40.03 19.53 34.27
CA VAL A 291 -40.05 20.68 33.37
C VAL A 291 -40.92 21.76 34.00
N GLU A 292 -40.37 22.95 34.12
CA GLU A 292 -41.06 24.07 34.75
C GLU A 292 -41.93 24.81 33.73
N LYS A 293 -42.74 25.73 34.22
CA LYS A 293 -43.61 26.52 33.36
C LYS A 293 -42.78 27.44 32.48
N GLY A 294 -43.12 27.49 31.21
CA GLY A 294 -42.41 28.31 30.25
C GLY A 294 -42.54 27.72 28.86
N ILE A 295 -41.69 28.23 27.96
CA ILE A 295 -41.67 27.79 26.57
C ILE A 295 -40.24 27.34 26.24
N TYR A 296 -40.13 26.18 25.61
CA TYR A 296 -38.84 25.62 25.22
C TYR A 296 -38.89 25.22 23.75
N GLN A 297 -37.69 25.16 23.15
CA GLN A 297 -37.53 24.73 21.76
C GLN A 297 -36.91 23.34 21.75
N THR A 298 -37.52 22.43 20.99
CA THR A 298 -37.12 21.03 21.00
C THR A 298 -36.33 20.63 19.75
N SER A 299 -36.91 20.86 18.57
CA SER A 299 -36.27 20.44 17.33
C SER A 299 -36.93 21.17 16.15
N ASN A 300 -36.61 20.73 14.94
CA ASN A 300 -37.14 21.29 13.71
C ASN A 300 -37.94 20.23 12.97
N PHE A 301 -38.70 20.69 11.97
CA PHE A 301 -39.49 19.83 11.12
C PHE A 301 -39.30 20.23 9.66
N ARG A 302 -39.34 19.23 8.79
CA ARG A 302 -39.20 19.42 7.35
C ARG A 302 -40.15 18.48 6.65
N VAL A 303 -40.39 18.75 5.37
CA VAL A 303 -41.22 17.89 4.53
C VAL A 303 -40.31 16.88 3.85
N GLN A 304 -40.60 15.61 4.04
CA GLN A 304 -39.71 14.58 3.50
C GLN A 304 -39.95 14.39 2.00
N PRO A 305 -38.92 14.07 1.23
CA PRO A 305 -39.14 13.71 -0.17
C PRO A 305 -39.87 12.39 -0.29
N THR A 306 -40.58 12.22 -1.40
CA THR A 306 -41.37 11.02 -1.63
C THR A 306 -40.89 10.21 -2.82
N GLU A 307 -40.62 10.85 -3.96
CA GLU A 307 -40.27 10.12 -5.16
C GLU A 307 -38.95 10.61 -5.75
N SER A 308 -38.62 10.16 -6.95
CA SER A 308 -37.39 10.56 -7.64
C SER A 308 -37.72 10.87 -9.08
N ILE A 309 -36.88 11.69 -9.70
CA ILE A 309 -37.16 12.23 -11.03
C ILE A 309 -36.05 11.80 -11.98
N VAL A 310 -36.45 11.33 -13.16
CA VAL A 310 -35.54 10.78 -14.15
C VAL A 310 -35.52 11.68 -15.37
N ARG A 311 -34.33 12.17 -15.72
CA ARG A 311 -34.14 13.11 -16.82
C ARG A 311 -32.98 12.62 -17.70
N PHE A 312 -33.32 11.89 -18.76
CA PHE A 312 -32.35 11.27 -19.67
C PHE A 312 -31.99 12.23 -20.80
N PRO A 313 -31.05 11.88 -21.68
CA PRO A 313 -30.76 12.74 -22.82
C PRO A 313 -31.90 12.77 -23.83
N ASN A 314 -31.83 13.76 -24.72
CA ASN A 314 -32.86 13.94 -25.74
C ASN A 314 -32.91 12.73 -26.66
N ILE A 315 -34.12 12.40 -27.11
CA ILE A 315 -34.35 11.22 -27.92
C ILE A 315 -35.16 11.62 -29.15
N THR A 316 -34.63 11.27 -30.33
CA THR A 316 -35.31 11.48 -31.60
C THR A 316 -35.34 10.24 -32.48
N ASN A 317 -34.30 9.41 -32.43
CA ASN A 317 -34.19 8.26 -33.31
C ASN A 317 -33.84 6.98 -32.55
N LEU A 318 -33.55 5.91 -33.28
CA LEU A 318 -33.20 4.62 -32.71
C LEU A 318 -31.94 4.08 -33.39
N CYS A 319 -31.17 3.30 -32.63
CA CYS A 319 -29.88 2.81 -33.12
C CYS A 319 -30.08 1.71 -34.16
N PRO A 320 -29.32 1.76 -35.26
CA PRO A 320 -29.40 0.71 -36.29
C PRO A 320 -28.55 -0.52 -35.96
N PHE A 321 -29.09 -1.37 -35.07
CA PHE A 321 -28.40 -2.59 -34.68
C PHE A 321 -28.46 -3.68 -35.74
N HIS A 322 -29.36 -3.55 -36.72
CA HIS A 322 -29.57 -4.60 -37.71
C HIS A 322 -28.52 -4.61 -38.81
N GLU A 323 -27.71 -3.56 -38.93
CA GLU A 323 -26.69 -3.48 -39.97
C GLU A 323 -25.31 -3.91 -39.49
N VAL A 324 -25.18 -4.39 -38.26
CA VAL A 324 -23.90 -4.79 -37.70
C VAL A 324 -23.85 -6.30 -37.45
N PHE A 325 -24.85 -6.84 -36.75
CA PHE A 325 -24.82 -8.25 -36.39
C PHE A 325 -25.13 -9.16 -37.58
N ASN A 326 -25.94 -8.70 -38.53
CA ASN A 326 -26.35 -9.52 -39.67
C ASN A 326 -26.31 -8.64 -40.92
N ALA A 327 -25.21 -8.74 -41.68
CA ALA A 327 -25.08 -8.03 -42.94
C ALA A 327 -24.56 -8.91 -44.05
N THR A 328 -24.51 -10.24 -43.83
CA THR A 328 -23.93 -11.20 -44.77
C THR A 328 -22.47 -10.89 -45.10
N THR A 329 -21.81 -10.10 -44.25
CA THR A 329 -20.41 -9.78 -44.45
C THR A 329 -19.77 -9.42 -43.12
N PHE A 330 -18.62 -10.04 -42.84
CA PHE A 330 -17.83 -9.73 -41.66
C PHE A 330 -16.40 -9.49 -42.09
N ALA A 331 -15.83 -8.38 -41.62
CA ALA A 331 -14.49 -8.00 -42.03
C ALA A 331 -13.46 -8.94 -41.43
N SER A 332 -12.28 -8.96 -42.05
CA SER A 332 -11.21 -9.85 -41.61
C SER A 332 -10.70 -9.40 -40.23
N VAL A 333 -10.02 -10.32 -39.55
CA VAL A 333 -9.51 -10.02 -38.22
C VAL A 333 -8.39 -8.99 -38.29
N TYR A 334 -7.53 -9.10 -39.31
CA TYR A 334 -6.42 -8.15 -39.44
C TYR A 334 -6.92 -6.75 -39.82
N ALA A 335 -8.03 -6.67 -40.54
CA ALA A 335 -8.65 -5.40 -40.93
C ALA A 335 -10.11 -5.45 -40.49
N TRP A 336 -10.36 -5.05 -39.24
CA TRP A 336 -11.69 -5.12 -38.66
C TRP A 336 -12.42 -3.79 -38.84
N ASN A 337 -13.72 -3.87 -39.12
CA ASN A 337 -14.53 -2.68 -39.26
C ASN A 337 -14.84 -2.09 -37.89
N ARG A 338 -15.15 -0.79 -37.89
CA ARG A 338 -15.49 -0.08 -36.66
C ARG A 338 -16.60 0.92 -36.97
N LYS A 339 -17.75 0.75 -36.32
CA LYS A 339 -18.90 1.62 -36.51
C LYS A 339 -19.15 2.40 -35.23
N ARG A 340 -19.39 3.71 -35.38
CA ARG A 340 -19.68 4.58 -34.25
C ARG A 340 -21.18 4.75 -34.13
N ILE A 341 -21.71 4.54 -32.92
CA ILE A 341 -23.13 4.61 -32.63
C ILE A 341 -23.34 5.70 -31.60
N SER A 342 -24.18 6.68 -31.94
CA SER A 342 -24.45 7.81 -31.06
C SER A 342 -25.80 8.40 -31.41
N ASN A 343 -26.33 9.18 -30.47
CA ASN A 343 -27.59 9.92 -30.66
C ASN A 343 -28.74 8.99 -31.02
N CYS A 344 -28.83 7.85 -30.33
CA CYS A 344 -29.91 6.91 -30.58
C CYS A 344 -30.06 5.99 -29.38
N VAL A 345 -31.17 5.28 -29.34
CA VAL A 345 -31.49 4.35 -28.26
C VAL A 345 -30.95 2.97 -28.64
N ALA A 346 -30.12 2.40 -27.78
CA ALA A 346 -29.54 1.09 -28.01
C ALA A 346 -30.45 0.03 -27.37
N ASP A 347 -31.22 -0.67 -28.20
CA ASP A 347 -32.10 -1.73 -27.73
C ASP A 347 -31.32 -3.04 -27.79
N TYR A 348 -30.63 -3.36 -26.70
CA TYR A 348 -29.88 -4.60 -26.61
C TYR A 348 -30.79 -5.83 -26.52
N SER A 349 -32.07 -5.65 -26.23
CA SER A 349 -32.98 -6.77 -26.16
C SER A 349 -33.19 -7.43 -27.52
N VAL A 350 -33.20 -6.62 -28.59
CA VAL A 350 -33.40 -7.15 -29.94
C VAL A 350 -32.13 -7.73 -30.54
N ILE A 351 -31.00 -7.65 -29.82
CA ILE A 351 -29.75 -8.23 -30.32
C ILE A 351 -29.87 -9.74 -30.43
N TYR A 352 -30.55 -10.37 -29.46
CA TYR A 352 -30.73 -11.82 -29.49
C TYR A 352 -31.53 -12.27 -30.70
N ASN A 353 -32.34 -11.40 -31.29
CA ASN A 353 -33.15 -11.73 -32.46
C ASN A 353 -32.41 -11.47 -33.77
N PHE A 354 -31.16 -11.01 -33.72
CA PHE A 354 -30.39 -10.71 -34.93
C PHE A 354 -29.34 -11.77 -35.23
N ALA A 355 -28.72 -12.36 -34.22
CA ALA A 355 -27.70 -13.37 -34.41
C ALA A 355 -28.01 -14.59 -33.56
N PRO A 356 -27.65 -15.79 -34.03
CA PRO A 356 -27.92 -17.03 -33.29
C PRO A 356 -26.83 -17.36 -32.26
N PHE A 357 -26.50 -16.39 -31.41
CA PHE A 357 -25.51 -16.60 -30.38
C PHE A 357 -26.15 -17.12 -29.10
N PHE A 358 -25.32 -17.51 -28.15
CA PHE A 358 -25.80 -18.09 -26.89
C PHE A 358 -26.11 -17.01 -25.86
N ALA A 359 -25.11 -16.22 -25.48
CA ALA A 359 -25.30 -15.19 -24.47
C ALA A 359 -24.18 -14.16 -24.58
N PHE A 360 -24.40 -13.02 -23.93
CA PHE A 360 -23.40 -11.97 -23.87
C PHE A 360 -22.30 -12.33 -22.87
N LYS A 361 -21.18 -11.62 -22.98
CA LYS A 361 -20.17 -11.62 -21.93
C LYS A 361 -19.57 -10.22 -21.87
N CYS A 362 -19.69 -9.59 -20.71
CA CYS A 362 -19.26 -8.22 -20.52
C CYS A 362 -18.36 -8.11 -19.30
N TYR A 363 -17.52 -7.08 -19.28
CA TYR A 363 -16.52 -6.90 -18.24
C TYR A 363 -16.85 -5.71 -17.33
N GLY A 364 -17.02 -4.52 -17.90
CA GLY A 364 -17.31 -3.34 -17.12
C GLY A 364 -18.77 -3.07 -16.89
N VAL A 365 -19.66 -3.75 -17.60
CA VAL A 365 -21.10 -3.57 -17.49
C VAL A 365 -21.75 -4.95 -17.43
N SER A 366 -23.07 -4.95 -17.25
CA SER A 366 -23.82 -6.19 -17.24
C SER A 366 -24.74 -6.27 -18.45
N PRO A 367 -24.91 -7.46 -19.05
CA PRO A 367 -25.79 -7.56 -20.24
C PRO A 367 -27.22 -7.16 -19.96
N THR A 368 -27.75 -7.48 -18.78
CA THR A 368 -29.13 -7.14 -18.44
C THR A 368 -29.29 -5.72 -17.92
N LYS A 369 -28.20 -5.07 -17.55
CA LYS A 369 -28.24 -3.70 -17.03
C LYS A 369 -27.80 -2.67 -18.06
N LEU A 370 -27.64 -3.07 -19.32
CA LEU A 370 -27.24 -2.14 -20.37
C LEU A 370 -28.36 -1.21 -20.82
N ASN A 371 -29.60 -1.50 -20.44
CA ASN A 371 -30.74 -0.66 -20.80
C ASN A 371 -30.98 0.47 -19.82
N ASP A 372 -30.19 0.56 -18.75
CA ASP A 372 -30.31 1.62 -17.76
C ASP A 372 -29.16 2.62 -17.82
N LEU A 373 -27.93 2.15 -17.81
CA LEU A 373 -26.78 3.03 -17.92
C LEU A 373 -26.76 3.72 -19.28
N CYS A 374 -26.26 4.95 -19.31
CA CYS A 374 -26.28 5.77 -20.51
C CYS A 374 -24.86 6.15 -20.90
N PHE A 375 -24.55 5.98 -22.18
CA PHE A 375 -23.19 6.17 -22.70
C PHE A 375 -23.19 7.21 -23.81
N THR A 376 -22.10 7.99 -23.86
CA THR A 376 -21.96 9.03 -24.86
C THR A 376 -21.64 8.50 -26.24
N ASN A 377 -20.99 7.34 -26.32
CA ASN A 377 -20.57 6.77 -27.60
C ASN A 377 -20.51 5.26 -27.49
N VAL A 378 -20.81 4.58 -28.60
CA VAL A 378 -20.69 3.14 -28.71
C VAL A 378 -19.82 2.82 -29.92
N TYR A 379 -18.98 1.79 -29.80
CA TYR A 379 -18.11 1.36 -30.89
C TYR A 379 -18.37 -0.11 -31.17
N ALA A 380 -18.57 -0.44 -32.44
CA ALA A 380 -18.84 -1.81 -32.87
C ALA A 380 -17.68 -2.30 -33.74
N ASP A 381 -17.12 -3.45 -33.37
CA ASP A 381 -16.01 -4.06 -34.11
C ASP A 381 -16.40 -5.49 -34.43
N SER A 382 -16.66 -5.78 -35.70
CA SER A 382 -17.09 -7.10 -36.13
C SER A 382 -16.01 -7.74 -36.99
N PHE A 383 -15.72 -9.00 -36.73
CA PHE A 383 -14.68 -9.71 -37.46
C PHE A 383 -14.95 -11.21 -37.39
N VAL A 384 -14.10 -11.99 -38.06
CA VAL A 384 -14.19 -13.45 -38.10
C VAL A 384 -12.86 -14.01 -37.64
N ILE A 385 -12.91 -14.95 -36.69
CA ILE A 385 -11.73 -15.60 -36.15
C ILE A 385 -11.96 -17.10 -36.12
N ARG A 386 -10.97 -17.83 -35.61
CA ARG A 386 -11.05 -19.28 -35.51
C ARG A 386 -11.85 -19.69 -34.28
N GLY A 387 -12.26 -20.96 -34.27
CA GLY A 387 -13.03 -21.47 -33.14
C GLY A 387 -12.23 -21.48 -31.85
N ASN A 388 -10.97 -21.92 -31.93
CA ASN A 388 -10.11 -21.91 -30.75
C ASN A 388 -9.67 -20.51 -30.37
N GLU A 389 -9.74 -19.55 -31.29
CA GLU A 389 -9.37 -18.18 -31.01
C GLU A 389 -10.49 -17.39 -30.36
N VAL A 390 -11.67 -17.99 -30.17
CA VAL A 390 -12.75 -17.30 -29.49
C VAL A 390 -12.38 -17.01 -28.04
N SER A 391 -11.62 -17.92 -27.42
CA SER A 391 -11.16 -17.71 -26.06
C SER A 391 -10.04 -16.68 -25.97
N GLN A 392 -9.50 -16.22 -27.10
CA GLN A 392 -8.35 -15.32 -27.11
C GLN A 392 -8.74 -13.84 -27.06
N ILE A 393 -10.00 -13.53 -26.76
CA ILE A 393 -10.44 -12.14 -26.60
C ILE A 393 -10.84 -11.98 -25.14
N ALA A 394 -9.92 -11.44 -24.35
CA ALA A 394 -10.12 -11.20 -22.92
C ALA A 394 -8.98 -10.33 -22.41
N PRO A 395 -9.24 -9.40 -21.48
CA PRO A 395 -8.16 -8.59 -20.94
C PRO A 395 -7.11 -9.45 -20.24
N GLY A 396 -5.86 -9.04 -20.36
CA GLY A 396 -4.77 -9.80 -19.79
C GLY A 396 -4.51 -11.13 -20.47
N GLN A 397 -4.56 -11.16 -21.80
CA GLN A 397 -4.31 -12.37 -22.56
C GLN A 397 -3.33 -12.07 -23.69
N THR A 398 -2.62 -13.11 -24.12
CA THR A 398 -1.63 -13.02 -25.17
C THR A 398 -1.86 -14.11 -26.20
N GLY A 399 -1.58 -13.79 -27.45
CA GLY A 399 -1.75 -14.75 -28.52
C GLY A 399 -1.31 -14.16 -29.83
N ASN A 400 -1.34 -15.01 -30.88
CA ASN A 400 -0.98 -14.54 -32.21
C ASN A 400 -1.94 -13.47 -32.70
N ILE A 401 -3.25 -13.66 -32.46
CA ILE A 401 -4.24 -12.69 -32.90
C ILE A 401 -4.14 -11.40 -32.08
N ALA A 402 -3.89 -11.54 -30.77
CA ALA A 402 -3.97 -10.39 -29.87
C ALA A 402 -2.95 -9.32 -30.24
N ASP A 403 -1.66 -9.66 -30.20
CA ASP A 403 -0.60 -8.68 -30.37
C ASP A 403 -0.30 -8.36 -31.84
N TYR A 404 -0.94 -9.05 -32.79
CA TYR A 404 -0.67 -8.81 -34.20
C TYR A 404 -1.89 -8.34 -34.99
N ASN A 405 -3.11 -8.65 -34.55
CA ASN A 405 -4.31 -8.29 -35.29
C ASN A 405 -5.22 -7.33 -34.54
N TYR A 406 -5.59 -7.64 -33.31
CA TYR A 406 -6.61 -6.88 -32.60
C TYR A 406 -6.27 -6.83 -31.12
N LYS A 407 -6.15 -5.62 -30.58
CA LYS A 407 -5.78 -5.42 -29.19
C LYS A 407 -6.77 -4.47 -28.52
N LEU A 408 -7.07 -4.73 -27.26
CA LEU A 408 -7.98 -3.92 -26.46
C LEU A 408 -7.32 -3.57 -25.14
N PRO A 409 -7.70 -2.43 -24.55
CA PRO A 409 -7.11 -2.06 -23.25
C PRO A 409 -7.53 -3.02 -22.16
N ASP A 410 -6.65 -3.17 -21.16
CA ASP A 410 -6.94 -4.02 -20.02
C ASP A 410 -8.08 -3.48 -19.17
N ASP A 411 -8.40 -2.19 -19.30
CA ASP A 411 -9.55 -1.59 -18.64
C ASP A 411 -10.79 -1.56 -19.53
N PHE A 412 -10.92 -2.54 -20.42
CA PHE A 412 -12.02 -2.57 -21.37
C PHE A 412 -13.36 -2.65 -20.64
N THR A 413 -14.30 -1.81 -21.05
CA THR A 413 -15.66 -1.79 -20.50
C THR A 413 -16.62 -1.97 -21.68
N GLY A 414 -17.14 -3.18 -21.83
CA GLY A 414 -18.02 -3.47 -22.94
C GLY A 414 -18.36 -4.96 -22.96
N CYS A 415 -18.92 -5.38 -24.10
CA CYS A 415 -19.37 -6.75 -24.27
C CYS A 415 -18.79 -7.34 -25.55
N VAL A 416 -18.69 -8.67 -25.57
CA VAL A 416 -18.21 -9.41 -26.72
C VAL A 416 -19.21 -10.53 -27.00
N ILE A 417 -19.61 -10.68 -28.26
CA ILE A 417 -20.60 -11.68 -28.67
C ILE A 417 -19.99 -12.48 -29.80
N ALA A 418 -19.84 -13.79 -29.58
CA ALA A 418 -19.24 -14.69 -30.58
C ALA A 418 -20.22 -15.80 -30.91
N TRP A 419 -20.41 -16.03 -32.21
CA TRP A 419 -21.31 -17.09 -32.66
C TRP A 419 -20.70 -17.80 -33.86
N ASN A 420 -20.95 -19.11 -33.93
CA ASN A 420 -20.44 -19.90 -35.04
C ASN A 420 -21.14 -19.52 -36.34
N SER A 421 -20.38 -19.47 -37.43
CA SER A 421 -20.89 -19.20 -38.76
C SER A 421 -20.35 -20.21 -39.76
N ASN A 422 -20.36 -21.49 -39.37
CA ASN A 422 -19.82 -22.55 -40.22
C ASN A 422 -20.64 -22.75 -41.49
N LYS A 423 -21.91 -22.35 -41.50
CA LYS A 423 -22.77 -22.54 -42.65
C LYS A 423 -22.65 -21.43 -43.68
N LEU A 424 -21.91 -20.37 -43.38
CA LEU A 424 -21.75 -19.25 -44.30
C LEU A 424 -20.31 -18.95 -44.67
N ASP A 425 -19.35 -19.22 -43.79
CA ASP A 425 -17.95 -18.91 -44.03
C ASP A 425 -17.11 -20.14 -44.35
N SER A 426 -17.74 -21.29 -44.60
CA SER A 426 -17.04 -22.52 -44.93
C SER A 426 -17.48 -23.02 -46.29
N LYS A 427 -16.52 -23.50 -47.07
CA LYS A 427 -16.75 -24.00 -48.41
C LYS A 427 -16.14 -25.39 -48.56
N PRO A 428 -16.72 -26.24 -49.42
CA PRO A 428 -16.11 -27.57 -49.65
C PRO A 428 -14.68 -27.48 -50.17
N SER A 429 -14.39 -26.50 -51.02
CA SER A 429 -13.03 -26.27 -51.50
C SER A 429 -12.14 -25.63 -50.45
N GLY A 430 -12.72 -24.90 -49.51
CA GLY A 430 -11.95 -24.21 -48.49
C GLY A 430 -11.94 -22.70 -48.68
N ASN A 431 -12.41 -21.98 -47.68
CA ASN A 431 -12.45 -20.52 -47.76
C ASN A 431 -11.04 -19.95 -47.80
N TYR A 432 -10.83 -18.94 -48.62
CA TYR A 432 -9.53 -18.33 -48.81
C TYR A 432 -9.50 -16.81 -48.64
N ASN A 433 -10.67 -16.16 -48.61
CA ASN A 433 -10.69 -14.70 -48.53
C ASN A 433 -10.15 -14.22 -47.18
N TYR A 434 -10.47 -14.91 -46.10
CA TYR A 434 -10.06 -14.46 -44.77
C TYR A 434 -8.55 -14.62 -44.61
N LEU A 435 -7.92 -13.58 -44.05
CA LEU A 435 -6.49 -13.60 -43.78
C LEU A 435 -6.23 -13.02 -42.39
N TYR A 436 -5.11 -13.44 -41.80
CA TYR A 436 -4.68 -12.93 -40.51
C TYR A 436 -3.17 -12.73 -40.51
N ARG A 437 -2.72 -11.69 -39.83
CA ARG A 437 -1.29 -11.39 -39.78
C ARG A 437 -0.57 -12.39 -38.89
N LEU A 438 0.65 -12.76 -39.27
CA LEU A 438 1.44 -13.72 -38.55
C LEU A 438 2.73 -13.15 -37.97
N PHE A 439 3.40 -12.26 -38.69
CA PHE A 439 4.68 -11.70 -38.25
C PHE A 439 4.55 -10.19 -38.06
N ARG A 440 5.16 -9.69 -36.99
CA ARG A 440 5.21 -8.26 -36.73
C ARG A 440 6.40 -7.97 -35.84
N LYS A 441 6.94 -6.76 -35.98
CA LYS A 441 8.13 -6.39 -35.22
C LYS A 441 7.83 -6.17 -33.74
N SER A 442 6.62 -5.71 -33.42
CA SER A 442 6.26 -5.40 -32.05
C SER A 442 4.79 -5.68 -31.82
N LYS A 443 4.42 -5.79 -30.55
CA LYS A 443 3.03 -6.03 -30.19
C LYS A 443 2.17 -4.79 -30.47
N LEU A 444 0.92 -5.03 -30.83
CA LEU A 444 -0.01 -3.94 -31.14
C LEU A 444 -0.52 -3.28 -29.86
N LYS A 445 -0.63 -1.95 -29.91
CA LYS A 445 -1.23 -1.22 -28.81
C LYS A 445 -2.74 -1.41 -28.82
N PRO A 446 -3.40 -1.17 -27.69
CA PRO A 446 -4.86 -1.31 -27.65
C PRO A 446 -5.56 -0.39 -28.66
N PHE A 447 -6.64 -0.91 -29.25
CA PHE A 447 -7.42 -0.19 -30.25
C PHE A 447 -6.54 0.28 -31.42
N GLU A 448 -5.71 -0.63 -31.92
CA GLU A 448 -4.85 -0.35 -33.06
C GLU A 448 -5.01 -1.45 -34.10
N ARG A 449 -5.04 -1.05 -35.36
CA ARG A 449 -5.22 -1.97 -36.48
C ARG A 449 -4.03 -1.88 -37.42
N ASP A 450 -3.80 -2.97 -38.16
CA ASP A 450 -2.72 -3.04 -39.14
C ASP A 450 -3.31 -3.59 -40.44
N ILE A 451 -3.18 -2.82 -41.52
CA ILE A 451 -3.72 -3.20 -42.82
C ILE A 451 -2.59 -3.23 -43.83
N SER A 452 -1.54 -2.45 -43.59
CA SER A 452 -0.42 -2.37 -44.51
C SER A 452 0.24 -3.73 -44.68
N THR A 453 0.55 -4.10 -45.92
CA THR A 453 1.18 -5.36 -46.23
C THR A 453 2.54 -5.12 -46.86
N GLU A 454 3.44 -6.07 -46.63
CA GLU A 454 4.82 -6.00 -47.13
C GLU A 454 5.41 -7.40 -47.01
N ILE A 455 6.72 -7.51 -47.24
CA ILE A 455 7.44 -8.77 -47.11
C ILE A 455 8.27 -8.70 -45.85
N TYR A 456 7.92 -9.53 -44.86
CA TYR A 456 8.64 -9.52 -43.59
C TYR A 456 10.03 -10.11 -43.77
N GLN A 457 11.02 -9.47 -43.17
CA GLN A 457 12.42 -9.86 -43.27
C GLN A 457 12.90 -10.41 -41.94
N ALA A 458 13.47 -11.62 -41.98
CA ALA A 458 14.03 -12.26 -40.79
C ALA A 458 15.53 -12.51 -40.93
N GLY A 459 16.20 -11.80 -41.84
CA GLY A 459 17.62 -11.96 -42.05
C GLY A 459 18.33 -10.63 -42.14
N ASN A 460 19.66 -10.70 -42.13
CA ASN A 460 20.47 -9.48 -42.21
C ASN A 460 20.32 -8.80 -43.57
N LYS A 461 20.32 -9.57 -44.65
CA LYS A 461 20.21 -9.00 -45.97
C LYS A 461 18.79 -8.47 -46.20
N PRO A 462 18.65 -7.38 -46.96
CA PRO A 462 17.31 -6.87 -47.27
C PRO A 462 16.54 -7.83 -48.16
N CYS A 463 15.21 -7.83 -47.99
CA CYS A 463 14.36 -8.70 -48.79
C CYS A 463 14.37 -8.30 -50.25
N ASN A 464 14.46 -7.00 -50.54
CA ASN A 464 14.51 -6.48 -51.90
C ASN A 464 13.27 -6.84 -52.71
N GLY A 465 12.14 -7.02 -52.03
CA GLY A 465 10.88 -7.25 -52.71
C GLY A 465 10.65 -8.65 -53.22
N VAL A 466 11.52 -9.61 -52.89
CA VAL A 466 11.39 -10.99 -53.31
C VAL A 466 11.35 -11.88 -52.07
N ALA A 467 10.38 -12.79 -52.02
CA ALA A 467 10.21 -13.69 -50.89
C ALA A 467 11.11 -14.91 -51.11
N GLY A 468 12.39 -14.73 -50.82
CA GLY A 468 13.36 -15.79 -50.94
C GLY A 468 13.76 -16.35 -49.58
N PRO A 469 15.06 -16.38 -49.31
CA PRO A 469 15.53 -16.87 -48.01
C PRO A 469 15.36 -15.79 -46.94
N ASN A 470 14.84 -16.19 -45.78
CA ASN A 470 14.59 -15.29 -44.66
C ASN A 470 13.66 -14.14 -45.07
N CYS A 471 12.74 -14.41 -45.99
CA CYS A 471 11.74 -13.44 -46.42
C CYS A 471 10.40 -14.15 -46.48
N TYR A 472 9.42 -13.65 -45.72
CA TYR A 472 8.15 -14.32 -45.57
C TYR A 472 7.01 -13.32 -45.78
N SER A 473 5.79 -13.86 -45.84
CA SER A 473 4.60 -13.04 -45.97
C SER A 473 3.83 -13.06 -44.66
N PRO A 474 3.73 -11.93 -43.94
CA PRO A 474 3.00 -11.89 -42.67
C PRO A 474 1.48 -11.81 -42.82
N LEU A 475 0.94 -12.68 -43.66
CA LEU A 475 -0.51 -12.73 -43.90
C LEU A 475 -0.84 -14.15 -44.37
N GLN A 476 -1.44 -14.93 -43.47
CA GLN A 476 -1.81 -16.31 -43.77
C GLN A 476 -3.33 -16.42 -43.86
N SER A 477 -3.80 -17.19 -44.84
CA SER A 477 -5.23 -17.35 -45.05
C SER A 477 -5.79 -18.43 -44.13
N TYR A 478 -6.95 -18.15 -43.54
CA TYR A 478 -7.61 -19.13 -42.69
C TYR A 478 -8.12 -20.29 -43.52
N GLY A 479 -7.91 -21.51 -43.01
CA GLY A 479 -8.41 -22.70 -43.66
C GLY A 479 -9.72 -23.16 -43.05
N PHE A 480 -10.83 -22.87 -43.71
CA PHE A 480 -12.16 -23.19 -43.20
C PHE A 480 -12.81 -24.24 -44.10
N ARG A 481 -13.24 -25.34 -43.48
CA ARG A 481 -13.94 -26.41 -44.16
C ARG A 481 -15.11 -26.86 -43.30
N PRO A 482 -16.21 -27.31 -43.90
CA PRO A 482 -17.33 -27.82 -43.11
C PRO A 482 -17.02 -29.12 -42.39
N THR A 483 -15.96 -29.83 -42.77
CA THR A 483 -15.58 -31.08 -42.13
C THR A 483 -14.57 -30.90 -41.01
N TYR A 484 -14.20 -29.66 -40.70
CA TYR A 484 -13.23 -29.40 -39.65
C TYR A 484 -13.89 -29.52 -38.28
N GLY A 485 -13.05 -29.45 -37.24
CA GLY A 485 -13.51 -29.57 -35.88
C GLY A 485 -14.19 -28.31 -35.38
N VAL A 486 -14.70 -28.41 -34.14
CA VAL A 486 -15.37 -27.26 -33.52
C VAL A 486 -14.39 -26.11 -33.32
N GLY A 487 -13.18 -26.42 -32.85
CA GLY A 487 -12.19 -25.39 -32.59
C GLY A 487 -11.58 -24.78 -33.83
N HIS A 488 -11.81 -25.35 -35.00
CA HIS A 488 -11.30 -24.81 -36.26
C HIS A 488 -12.38 -24.17 -37.12
N GLN A 489 -13.64 -24.26 -36.72
CA GLN A 489 -14.71 -23.65 -37.49
C GLN A 489 -14.67 -22.12 -37.37
N PRO A 490 -15.08 -21.40 -38.41
CA PRO A 490 -15.10 -19.94 -38.32
C PRO A 490 -16.12 -19.45 -37.32
N TYR A 491 -15.80 -18.33 -36.68
CA TYR A 491 -16.67 -17.72 -35.67
C TYR A 491 -16.72 -16.22 -35.90
N ARG A 492 -17.93 -15.68 -35.95
CA ARG A 492 -18.13 -14.24 -36.08
C ARG A 492 -18.22 -13.61 -34.69
N VAL A 493 -17.39 -12.60 -34.46
CA VAL A 493 -17.28 -11.94 -33.17
C VAL A 493 -17.56 -10.45 -33.35
N VAL A 494 -18.48 -9.93 -32.53
CA VAL A 494 -18.82 -8.52 -32.51
C VAL A 494 -18.50 -7.99 -31.11
N VAL A 495 -17.69 -6.96 -31.04
CA VAL A 495 -17.27 -6.34 -29.78
C VAL A 495 -17.92 -4.96 -29.71
N LEU A 496 -18.68 -4.72 -28.64
CA LEU A 496 -19.31 -3.43 -28.39
C LEU A 496 -18.60 -2.77 -27.22
N SER A 497 -18.06 -1.59 -27.46
CA SER A 497 -17.33 -0.82 -26.46
C SER A 497 -18.13 0.43 -26.11
N PHE A 498 -18.33 0.65 -24.81
CA PHE A 498 -19.11 1.77 -24.32
C PHE A 498 -18.21 2.78 -23.63
N GLU A 499 -18.45 4.06 -23.91
CA GLU A 499 -17.70 5.14 -23.29
C GLU A 499 -18.49 5.67 -22.09
N LEU A 500 -17.79 5.87 -20.97
CA LEU A 500 -18.44 6.29 -19.74
C LEU A 500 -18.92 7.73 -19.87
N LEU A 501 -19.54 8.23 -18.78
CA LEU A 501 -20.17 9.54 -18.78
C LEU A 501 -19.11 10.62 -18.54
N HIS A 502 -18.40 10.95 -19.61
CA HIS A 502 -17.47 12.08 -19.62
C HIS A 502 -17.97 13.24 -20.46
N ALA A 503 -18.69 12.95 -21.53
CA ALA A 503 -19.36 13.91 -22.38
C ALA A 503 -20.87 13.78 -22.24
N PRO A 504 -21.64 14.73 -22.77
CA PRO A 504 -23.09 14.56 -22.80
C PRO A 504 -23.49 13.22 -23.38
N ALA A 505 -24.28 12.47 -22.61
CA ALA A 505 -24.65 11.11 -23.00
C ALA A 505 -25.59 11.13 -24.19
N THR A 506 -25.49 10.08 -25.02
CA THR A 506 -26.30 9.98 -26.23
C THR A 506 -26.96 8.61 -26.44
N VAL A 507 -26.41 7.53 -25.89
CA VAL A 507 -26.87 6.19 -26.21
C VAL A 507 -27.30 5.48 -24.93
N CYS A 508 -28.59 5.18 -24.83
CA CYS A 508 -29.16 4.39 -23.74
C CYS A 508 -30.63 4.14 -24.03
N GLY A 509 -31.28 3.42 -23.12
CA GLY A 509 -32.62 2.94 -23.32
C GLY A 509 -33.68 4.03 -23.24
N PRO A 510 -34.90 3.70 -23.66
CA PRO A 510 -36.02 4.67 -23.67
C PRO A 510 -36.66 4.86 -22.31
N LYS A 511 -36.01 5.66 -21.48
CA LYS A 511 -36.50 5.96 -20.13
C LYS A 511 -37.40 7.19 -20.19
N LYS A 512 -38.65 7.02 -19.78
CA LYS A 512 -39.59 8.13 -19.78
C LYS A 512 -39.20 9.18 -18.73
N SER A 513 -39.24 10.45 -19.13
CA SER A 513 -38.98 11.53 -18.22
C SER A 513 -40.27 12.01 -17.59
N THR A 514 -40.84 11.18 -16.73
CA THR A 514 -42.05 11.52 -15.99
C THR A 514 -41.89 12.85 -15.28
N ASN A 515 -42.70 13.83 -15.67
CA ASN A 515 -42.57 15.15 -15.06
C ASN A 515 -42.92 15.08 -13.58
N LEU A 516 -42.10 15.76 -12.75
CA LEU A 516 -42.25 15.69 -11.26
C LEU A 516 -43.41 16.56 -10.82
N VAL A 517 -44.61 16.19 -11.23
CA VAL A 517 -45.82 16.99 -11.02
C VAL A 517 -45.42 18.46 -10.96
N LYS A 518 -46.03 19.26 -10.07
CA LYS A 518 -45.55 20.63 -9.98
C LYS A 518 -45.47 21.19 -8.56
N ASN A 519 -45.91 20.42 -7.54
CA ASN A 519 -45.85 20.94 -6.18
C ASN A 519 -45.40 19.88 -5.18
N LYS A 520 -44.40 19.07 -5.52
CA LYS A 520 -43.97 17.99 -4.65
C LYS A 520 -42.55 18.21 -4.16
N CYS A 521 -42.37 18.08 -2.84
CA CYS A 521 -41.04 18.00 -2.25
C CYS A 521 -40.41 16.70 -2.72
N VAL A 522 -39.48 16.80 -3.68
CA VAL A 522 -38.92 15.63 -4.33
C VAL A 522 -37.43 15.85 -4.51
N ASN A 523 -36.68 14.76 -4.52
CA ASN A 523 -35.27 14.82 -4.86
C ASN A 523 -35.09 14.74 -6.37
N PHE A 524 -33.87 15.02 -6.81
CA PHE A 524 -33.55 15.01 -8.24
C PHE A 524 -32.09 14.66 -8.43
N ASN A 525 -31.83 13.77 -9.39
CA ASN A 525 -30.49 13.35 -9.77
C ASN A 525 -30.28 13.79 -11.21
N PHE A 526 -29.33 14.72 -11.41
CA PHE A 526 -29.05 15.32 -12.71
C PHE A 526 -27.56 15.14 -13.01
N ASN A 527 -27.24 14.07 -13.73
CA ASN A 527 -25.90 13.84 -14.27
C ASN A 527 -24.83 13.95 -13.18
N GLY A 528 -25.12 13.35 -12.03
CA GLY A 528 -24.21 13.36 -10.90
C GLY A 528 -24.57 14.32 -9.79
N LEU A 529 -25.47 15.27 -10.06
CA LEU A 529 -25.90 16.22 -9.04
C LEU A 529 -27.09 15.63 -8.27
N THR A 530 -26.94 15.51 -6.96
CA THR A 530 -28.02 15.07 -6.10
C THR A 530 -28.56 16.27 -5.32
N GLY A 531 -29.88 16.48 -5.41
CA GLY A 531 -30.48 17.60 -4.73
C GLY A 531 -31.91 17.29 -4.34
N THR A 532 -32.53 18.23 -3.63
CA THR A 532 -33.91 18.06 -3.18
C THR A 532 -34.59 19.42 -3.12
N GLY A 533 -35.90 19.42 -3.24
CA GLY A 533 -36.66 20.65 -3.09
C GLY A 533 -38.05 20.49 -3.67
N VAL A 534 -38.83 21.56 -3.57
CA VAL A 534 -40.12 21.64 -4.25
C VAL A 534 -39.92 22.51 -5.49
N LEU A 535 -40.34 21.97 -6.63
CA LEU A 535 -39.83 22.42 -7.92
C LEU A 535 -40.99 22.63 -8.86
N THR A 536 -41.13 23.85 -9.36
CA THR A 536 -42.14 24.20 -10.33
C THR A 536 -41.48 24.33 -11.70
N GLU A 537 -42.26 24.76 -12.68
CA GLU A 537 -41.71 25.09 -13.99
C GLU A 537 -41.00 26.43 -13.93
N SER A 538 -39.83 26.50 -14.56
CA SER A 538 -39.04 27.72 -14.55
C SER A 538 -39.51 28.65 -15.64
N ASN A 539 -39.95 29.83 -15.25
CA ASN A 539 -40.24 30.91 -16.19
C ASN A 539 -38.97 31.60 -16.66
N LYS A 540 -37.82 31.27 -16.08
CA LYS A 540 -36.57 31.93 -16.43
C LYS A 540 -36.21 31.68 -17.88
N LYS A 541 -35.56 32.67 -18.48
CA LYS A 541 -35.18 32.62 -19.89
C LYS A 541 -33.74 32.17 -20.02
N PHE A 542 -33.54 30.87 -19.79
CA PHE A 542 -32.24 30.24 -20.04
C PHE A 542 -32.01 30.20 -21.54
N LEU A 543 -31.08 31.00 -22.03
CA LEU A 543 -30.76 30.99 -23.45
C LEU A 543 -30.17 29.63 -23.82
N PRO A 544 -30.38 29.18 -25.07
CA PRO A 544 -30.13 27.77 -25.43
C PRO A 544 -28.83 27.16 -24.90
N PHE A 545 -27.83 28.01 -24.64
CA PHE A 545 -26.57 27.49 -24.11
C PHE A 545 -26.64 27.20 -22.61
N GLN A 546 -27.57 27.81 -21.89
CA GLN A 546 -27.60 27.73 -20.43
C GLN A 546 -28.23 26.42 -19.98
N GLN A 547 -27.60 25.77 -18.99
CA GLN A 547 -28.05 24.50 -18.47
C GLN A 547 -28.20 24.45 -16.96
N PHE A 548 -27.71 25.45 -16.22
CA PHE A 548 -27.79 25.44 -14.77
C PHE A 548 -27.89 26.88 -14.28
N GLY A 549 -28.63 27.07 -13.20
CA GLY A 549 -28.84 28.40 -12.66
C GLY A 549 -28.37 28.58 -11.23
N ARG A 550 -27.43 29.49 -11.01
CA ARG A 550 -26.86 29.73 -9.70
C ARG A 550 -27.59 30.87 -9.02
N ASP A 551 -27.96 30.66 -7.75
CA ASP A 551 -28.70 31.65 -6.99
C ASP A 551 -27.72 32.61 -6.29
N ILE A 552 -28.26 33.49 -5.45
CA ILE A 552 -27.42 34.41 -4.69
C ILE A 552 -26.57 33.64 -3.70
N ALA A 553 -27.13 32.57 -3.11
CA ALA A 553 -26.49 31.83 -2.03
C ALA A 553 -25.64 30.66 -2.52
N ASP A 554 -25.12 30.73 -3.74
CA ASP A 554 -24.18 29.73 -4.26
C ASP A 554 -24.83 28.35 -4.33
N THR A 555 -26.03 28.28 -4.90
CA THR A 555 -26.70 27.00 -5.09
C THR A 555 -27.66 27.11 -6.26
N THR A 556 -28.01 25.95 -6.81
CA THR A 556 -28.89 25.88 -7.97
C THR A 556 -30.31 26.30 -7.60
N ASP A 557 -30.95 27.04 -8.51
CA ASP A 557 -32.39 27.27 -8.42
C ASP A 557 -33.12 27.08 -9.74
N ALA A 558 -32.43 26.61 -10.79
CA ALA A 558 -33.08 26.17 -12.01
C ALA A 558 -32.25 25.06 -12.62
N VAL A 559 -32.91 23.96 -12.99
CA VAL A 559 -32.23 22.78 -13.51
C VAL A 559 -32.76 22.48 -14.92
N ARG A 560 -32.03 21.61 -15.63
CA ARG A 560 -32.31 21.32 -17.03
C ARG A 560 -32.46 19.82 -17.24
N ASP A 561 -33.54 19.43 -17.92
CA ASP A 561 -33.74 18.05 -18.33
C ASP A 561 -33.25 17.86 -19.75
N PRO A 562 -32.32 16.93 -20.01
CA PRO A 562 -31.83 16.75 -21.37
C PRO A 562 -32.84 16.11 -22.32
N GLN A 563 -33.82 15.36 -21.80
CA GLN A 563 -34.78 14.70 -22.68
C GLN A 563 -35.61 15.70 -23.46
N THR A 564 -36.18 16.69 -22.78
CA THR A 564 -36.84 17.81 -23.43
C THR A 564 -36.29 19.10 -22.84
N LEU A 565 -35.98 20.05 -23.74
CA LEU A 565 -35.35 21.33 -23.34
C LEU A 565 -36.28 22.15 -22.45
N GLU A 566 -36.46 21.71 -21.21
CA GLU A 566 -37.28 22.43 -20.26
C GLU A 566 -36.44 22.77 -19.04
N ILE A 567 -36.42 24.04 -18.66
CA ILE A 567 -35.74 24.49 -17.46
C ILE A 567 -36.75 24.60 -16.34
N LEU A 568 -36.34 24.22 -15.13
CA LEU A 568 -37.25 23.99 -14.02
C LEU A 568 -36.85 24.84 -12.80
N ASP A 569 -37.85 25.49 -12.20
CA ASP A 569 -37.66 26.36 -11.04
C ASP A 569 -37.56 25.55 -9.75
N ILE A 570 -36.72 26.01 -8.83
CA ILE A 570 -36.44 25.27 -7.60
C ILE A 570 -36.64 26.19 -6.40
N THR A 571 -37.33 25.71 -5.38
CA THR A 571 -37.47 26.37 -4.09
C THR A 571 -37.30 25.32 -3.01
N PRO A 572 -36.87 25.72 -1.81
CA PRO A 572 -36.70 24.74 -0.73
C PRO A 572 -38.04 24.23 -0.23
N CYS A 573 -38.03 22.98 0.24
CA CYS A 573 -39.21 22.40 0.85
C CYS A 573 -39.55 23.14 2.14
N SER A 574 -40.84 23.21 2.44
CA SER A 574 -41.28 23.90 3.64
C SER A 574 -40.68 23.26 4.88
N PHE A 575 -40.21 24.11 5.80
CA PHE A 575 -39.55 23.64 7.00
C PHE A 575 -39.65 24.71 8.07
N GLY A 576 -39.47 24.31 9.31
CA GLY A 576 -39.59 25.23 10.42
C GLY A 576 -39.17 24.60 11.73
N GLY A 577 -39.52 25.26 12.82
CA GLY A 577 -39.18 24.77 14.15
C GLY A 577 -40.38 24.42 15.01
N VAL A 578 -40.15 23.69 16.10
CA VAL A 578 -41.21 23.23 16.98
C VAL A 578 -40.90 23.71 18.39
N SER A 579 -41.90 24.28 19.06
CA SER A 579 -41.77 24.73 20.45
C SER A 579 -42.89 24.13 21.28
N VAL A 580 -42.64 24.01 22.58
CA VAL A 580 -43.57 23.41 23.52
C VAL A 580 -43.88 24.43 24.61
N ILE A 581 -45.18 24.64 24.86
CA ILE A 581 -45.65 25.50 25.94
C ILE A 581 -46.34 24.62 26.96
N THR A 582 -45.90 24.67 28.21
CA THR A 582 -46.43 23.80 29.25
C THR A 582 -46.21 24.45 30.60
N PRO A 583 -47.13 24.26 31.54
CA PRO A 583 -46.90 24.69 32.92
C PRO A 583 -45.93 23.77 33.64
N GLY A 584 -45.72 23.99 34.92
CA GLY A 584 -44.81 23.12 35.67
C GLY A 584 -45.33 21.70 35.75
N THR A 585 -44.38 20.76 35.81
CA THR A 585 -44.73 19.34 35.86
C THR A 585 -45.52 18.99 37.12
N ASN A 586 -45.41 19.79 38.18
CA ASN A 586 -46.14 19.54 39.42
C ASN A 586 -47.64 19.78 39.27
N THR A 587 -48.08 20.42 38.18
CA THR A 587 -49.49 20.71 37.97
C THR A 587 -50.16 19.70 37.04
N SER A 588 -49.64 19.55 35.82
CA SER A 588 -50.21 18.62 34.86
C SER A 588 -49.20 18.35 33.76
N ASN A 589 -49.44 17.26 33.02
CA ASN A 589 -48.58 16.88 31.90
C ASN A 589 -49.07 17.42 30.56
N GLN A 590 -50.18 18.15 30.54
CA GLN A 590 -50.71 18.67 29.29
C GLN A 590 -49.76 19.73 28.73
N VAL A 591 -49.52 19.65 27.41
CA VAL A 591 -48.63 20.57 26.71
C VAL A 591 -49.32 21.05 25.45
N ALA A 592 -48.76 22.11 24.86
CA ALA A 592 -49.20 22.64 23.58
C ALA A 592 -48.00 22.75 22.64
N VAL A 593 -48.20 22.36 21.40
CA VAL A 593 -47.15 22.33 20.39
C VAL A 593 -47.37 23.48 19.42
N LEU A 594 -46.32 24.26 19.17
CA LEU A 594 -46.38 25.40 18.27
C LEU A 594 -45.36 25.21 17.15
N TYR A 595 -45.84 25.24 15.91
CA TYR A 595 -44.96 25.18 14.74
C TYR A 595 -44.70 26.58 14.24
N GLN A 596 -43.43 26.92 14.04
CA GLN A 596 -43.03 28.30 13.78
C GLN A 596 -43.09 28.63 12.29
N GLY A 597 -43.82 29.69 11.95
CA GLY A 597 -43.79 30.25 10.62
C GLY A 597 -44.55 29.48 9.56
N VAL A 598 -45.44 28.57 9.95
CA VAL A 598 -46.21 27.78 9.00
C VAL A 598 -47.66 27.74 9.44
N ASN A 599 -48.57 28.09 8.54
CA ASN A 599 -50.00 28.03 8.82
C ASN A 599 -50.47 26.59 8.77
N CYS A 600 -51.65 26.35 9.37
CA CYS A 600 -52.18 25.00 9.47
C CYS A 600 -52.71 24.50 8.14
N THR A 601 -51.81 24.28 7.17
CA THR A 601 -52.19 23.78 5.86
C THR A 601 -51.28 22.67 5.33
N GLU A 602 -50.12 22.44 5.94
CA GLU A 602 -49.16 21.43 5.46
C GLU A 602 -48.52 20.75 6.68
N VAL A 603 -49.09 19.59 7.04
CA VAL A 603 -48.61 18.81 8.19
C VAL A 603 -48.59 19.64 9.46
N VAL B 3 1.41 35.46 -55.64
CA VAL B 3 2.39 36.52 -55.83
C VAL B 3 2.03 37.70 -54.94
N ASN B 4 3.02 38.56 -54.68
CA ASN B 4 2.81 39.73 -53.82
C ASN B 4 1.87 40.69 -54.53
N LEU B 5 0.63 40.74 -54.08
CA LEU B 5 -0.38 41.58 -54.70
C LEU B 5 -1.25 42.34 -53.70
N ILE B 6 -0.97 42.25 -52.40
CA ILE B 6 -1.77 42.90 -51.37
C ILE B 6 -0.94 44.03 -50.77
N THR B 7 -1.52 45.23 -50.72
CA THR B 7 -0.97 46.34 -49.99
C THR B 7 -1.76 46.52 -48.70
N ARG B 8 -1.10 47.02 -47.66
CA ARG B 8 -1.71 47.08 -46.35
C ARG B 8 -1.18 48.26 -45.56
N THR B 9 -2.07 48.90 -44.81
CA THR B 9 -1.75 50.08 -44.02
C THR B 9 -2.29 49.92 -42.61
N GLN B 10 -1.55 50.44 -41.63
CA GLN B 10 -1.88 50.34 -40.22
C GLN B 10 -2.35 51.68 -39.68
N SER B 11 -3.46 51.66 -38.96
CA SER B 11 -3.94 52.79 -38.16
C SER B 11 -4.10 52.31 -36.72
N TYR B 12 -4.30 53.28 -35.82
CA TYR B 12 -4.47 52.96 -34.41
C TYR B 12 -5.71 53.67 -33.89
N THR B 13 -6.49 52.95 -33.08
CA THR B 13 -7.69 53.55 -32.50
C THR B 13 -7.78 53.18 -31.03
N ASN B 14 -8.39 54.05 -30.24
CA ASN B 14 -8.60 53.73 -28.83
C ASN B 14 -9.63 52.63 -28.68
N SER B 15 -9.38 51.69 -27.76
CA SER B 15 -10.30 50.59 -27.55
C SER B 15 -11.63 51.05 -26.97
N PHE B 16 -11.67 52.22 -26.35
CA PHE B 16 -12.86 52.67 -25.64
C PHE B 16 -13.30 51.62 -24.63
N THR B 17 -14.59 51.32 -24.61
CA THR B 17 -15.15 50.27 -23.75
C THR B 17 -15.90 49.30 -24.64
N ARG B 18 -15.20 48.31 -25.16
CA ARG B 18 -15.81 47.27 -25.99
C ARG B 18 -15.21 45.93 -25.60
N GLY B 19 -15.95 44.87 -25.89
CA GLY B 19 -15.43 43.53 -25.68
C GLY B 19 -15.77 42.94 -24.32
N VAL B 20 -17.05 42.91 -23.99
CA VAL B 20 -17.55 42.25 -22.78
C VAL B 20 -18.39 41.06 -23.21
N TYR B 21 -18.07 39.89 -22.67
CA TYR B 21 -18.73 38.65 -23.01
C TYR B 21 -19.13 37.93 -21.75
N TYR B 22 -20.29 37.27 -21.78
CA TYR B 22 -20.78 36.52 -20.64
C TYR B 22 -19.74 35.49 -20.21
N PRO B 23 -19.09 35.69 -19.07
CA PRO B 23 -17.95 34.83 -18.71
C PRO B 23 -18.34 33.39 -18.43
N ASP B 24 -19.62 33.11 -18.20
CA ASP B 24 -20.04 31.79 -17.76
C ASP B 24 -21.37 31.42 -18.39
N LYS B 25 -21.74 30.15 -18.22
CA LYS B 25 -22.95 29.59 -18.79
C LYS B 25 -24.12 29.65 -17.82
N VAL B 26 -24.35 30.82 -17.23
CA VAL B 26 -25.34 30.96 -16.16
C VAL B 26 -26.03 32.32 -16.31
N PHE B 27 -27.33 32.35 -16.04
CA PHE B 27 -28.11 33.57 -16.06
C PHE B 27 -28.27 34.12 -14.66
N ARG B 28 -28.09 35.44 -14.53
CA ARG B 28 -28.33 36.16 -13.28
C ARG B 28 -29.16 37.38 -13.61
N SER B 29 -29.71 38.02 -12.58
CA SER B 29 -30.60 39.15 -12.82
C SER B 29 -30.48 40.20 -11.73
N SER B 30 -30.28 41.45 -12.14
CA SER B 30 -30.36 42.64 -11.30
C SER B 30 -29.28 42.70 -10.22
N VAL B 31 -28.24 41.88 -10.33
CA VAL B 31 -27.15 41.91 -9.36
C VAL B 31 -25.87 42.37 -10.02
N LEU B 32 -24.81 42.54 -9.24
CA LEU B 32 -23.49 42.88 -9.74
C LEU B 32 -22.54 41.74 -9.45
N HIS B 33 -21.79 41.31 -10.47
CA HIS B 33 -20.93 40.15 -10.34
C HIS B 33 -19.49 40.53 -10.63
N SER B 34 -18.56 39.82 -10.00
CA SER B 34 -17.13 40.04 -10.18
C SER B 34 -16.49 38.76 -10.67
N THR B 35 -15.75 38.85 -11.78
CA THR B 35 -15.06 37.70 -12.35
C THR B 35 -13.60 38.07 -12.62
N GLN B 36 -12.78 37.04 -12.84
CA GLN B 36 -11.38 37.24 -13.21
C GLN B 36 -11.08 36.27 -14.34
N ASP B 37 -11.01 36.78 -15.56
CA ASP B 37 -10.84 35.92 -16.72
C ASP B 37 -10.10 36.68 -17.81
N LEU B 38 -10.07 36.11 -19.01
CA LEU B 38 -9.39 36.72 -20.13
C LEU B 38 -10.28 37.79 -20.73
N PHE B 39 -9.80 39.04 -20.80
CA PHE B 39 -10.63 40.14 -21.24
C PHE B 39 -9.80 41.08 -22.12
N LEU B 40 -10.46 42.14 -22.57
CA LEU B 40 -9.82 43.22 -23.34
C LEU B 40 -9.67 44.43 -22.43
N PRO B 41 -8.46 44.80 -22.04
CA PRO B 41 -8.31 45.96 -21.14
C PRO B 41 -8.89 47.22 -21.75
N PHE B 42 -9.55 48.00 -20.91
CA PHE B 42 -10.20 49.22 -21.41
C PHE B 42 -9.18 50.25 -21.86
N PHE B 43 -9.59 51.06 -22.84
CA PHE B 43 -8.80 52.17 -23.36
C PHE B 43 -7.42 51.68 -23.77
N SER B 44 -7.43 50.65 -24.61
CA SER B 44 -6.22 50.09 -25.19
C SER B 44 -6.23 50.46 -26.66
N ASN B 45 -5.11 50.20 -27.33
CA ASN B 45 -4.91 50.86 -28.61
C ASN B 45 -4.79 49.82 -29.73
N VAL B 46 -5.87 49.70 -30.51
CA VAL B 46 -6.20 48.57 -31.36
C VAL B 46 -5.77 48.88 -32.78
N THR B 47 -5.39 47.84 -33.52
CA THR B 47 -4.82 48.07 -34.85
C THR B 47 -5.88 47.97 -35.93
N TRP B 48 -5.85 48.91 -36.87
CA TRP B 48 -6.81 49.02 -37.96
C TRP B 48 -6.05 48.73 -39.25
N PHE B 49 -6.24 47.53 -39.80
CA PHE B 49 -5.54 47.11 -41.00
C PHE B 49 -6.42 47.35 -42.22
N HIS B 50 -5.90 48.11 -43.17
CA HIS B 50 -6.55 48.34 -44.46
C HIS B 50 -5.77 47.57 -45.52
N ALA B 51 -6.40 46.56 -46.10
CA ALA B 51 -5.78 45.71 -47.11
C ALA B 51 -6.45 45.99 -48.45
N ILE B 52 -5.70 46.55 -49.37
CA ILE B 52 -6.18 46.89 -50.72
C ILE B 52 -5.27 46.21 -51.72
N HIS B 53 -5.87 45.49 -52.67
CA HIS B 53 -5.13 44.84 -53.73
C HIS B 53 -5.55 45.37 -55.10
N ASP B 64 4.05 42.93 -48.56
CA ASP B 64 2.92 42.71 -47.66
C ASP B 64 3.34 41.91 -46.44
N ASN B 65 3.09 42.46 -45.26
CA ASN B 65 3.41 41.80 -44.00
C ASN B 65 2.18 41.83 -43.10
N PRO B 66 1.20 40.96 -43.37
CA PRO B 66 0.01 40.88 -42.52
C PRO B 66 0.09 39.84 -41.41
N ALA B 67 1.22 39.13 -41.27
CA ALA B 67 1.40 38.18 -40.17
C ALA B 67 1.68 38.96 -38.89
N LEU B 68 0.93 38.65 -37.83
CA LEU B 68 0.98 39.47 -36.63
C LEU B 68 0.96 38.60 -35.38
N PRO B 69 1.69 39.00 -34.33
CA PRO B 69 1.85 38.12 -33.16
C PRO B 69 0.54 37.78 -32.48
N PHE B 70 0.52 36.61 -31.84
CA PHE B 70 -0.70 36.02 -31.29
C PHE B 70 -1.02 36.46 -29.87
N ASN B 71 -0.02 36.57 -29.00
CA ASN B 71 -0.19 36.90 -27.58
C ASN B 71 -0.98 35.76 -26.93
N ASP B 72 -2.18 36.00 -26.41
CA ASP B 72 -2.94 34.95 -25.73
C ASP B 72 -4.37 34.81 -26.23
N GLY B 73 -5.06 35.91 -26.52
CA GLY B 73 -6.40 35.85 -27.05
C GLY B 73 -6.58 36.90 -28.13
N VAL B 74 -7.64 36.72 -28.92
CA VAL B 74 -7.85 37.55 -30.10
C VAL B 74 -9.23 38.16 -30.07
N TYR B 75 -9.30 39.47 -30.31
CA TYR B 75 -10.54 40.21 -30.50
C TYR B 75 -10.53 40.70 -31.95
N PHE B 76 -11.39 40.12 -32.78
CA PHE B 76 -11.50 40.45 -34.18
C PHE B 76 -12.73 41.32 -34.40
N ALA B 77 -12.58 42.36 -35.22
CA ALA B 77 -13.70 43.23 -35.52
C ALA B 77 -13.65 43.65 -36.97
N SER B 78 -14.83 43.83 -37.56
CA SER B 78 -14.90 44.28 -38.94
C SER B 78 -16.20 45.04 -39.16
N THR B 79 -16.24 45.82 -40.25
CA THR B 79 -17.41 46.62 -40.59
C THR B 79 -17.75 46.54 -42.07
N GLU B 80 -17.48 45.40 -42.70
CA GLU B 80 -17.75 45.21 -44.12
C GLU B 80 -18.87 44.19 -44.32
N LYS B 81 -19.72 44.43 -45.32
CA LYS B 81 -20.84 43.57 -45.61
C LYS B 81 -20.63 42.69 -46.84
N SER B 82 -19.59 42.95 -47.64
CA SER B 82 -19.32 42.15 -48.83
C SER B 82 -18.88 40.73 -48.49
N ASN B 83 -18.58 40.45 -47.22
CA ASN B 83 -18.19 39.11 -46.77
C ASN B 83 -16.92 38.61 -47.45
N ILE B 84 -16.08 39.55 -47.91
CA ILE B 84 -14.77 39.15 -48.43
C ILE B 84 -13.92 38.58 -47.31
N ILE B 85 -14.18 38.98 -46.07
CA ILE B 85 -13.44 38.49 -44.92
C ILE B 85 -13.98 37.12 -44.53
N ARG B 86 -13.13 36.10 -44.61
CA ARG B 86 -13.53 34.73 -44.32
C ARG B 86 -12.28 33.90 -44.04
N GLY B 87 -12.21 33.31 -42.87
CA GLY B 87 -11.15 32.36 -42.62
C GLY B 87 -10.08 32.91 -41.69
N TRP B 88 -9.46 31.99 -40.95
CA TRP B 88 -8.41 32.33 -39.99
C TRP B 88 -7.27 31.33 -40.10
N ILE B 89 -6.06 31.80 -39.83
CA ILE B 89 -4.88 30.95 -39.71
C ILE B 89 -4.11 31.41 -38.48
N PHE B 90 -3.69 30.46 -37.65
CA PHE B 90 -3.00 30.71 -36.40
C PHE B 90 -1.76 29.85 -36.40
N GLY B 91 -0.61 30.38 -35.99
CA GLY B 91 0.56 29.51 -36.01
C GLY B 91 1.81 30.22 -35.50
N THR B 92 2.86 29.43 -35.33
CA THR B 92 4.09 29.93 -34.72
C THR B 92 5.20 30.19 -35.73
N THR B 93 5.10 29.66 -36.95
CA THR B 93 6.12 29.90 -37.97
C THR B 93 5.57 30.18 -39.36
N LEU B 94 4.36 29.73 -39.69
CA LEU B 94 3.83 29.80 -41.05
C LEU B 94 4.77 29.08 -42.04
N ASP B 95 5.30 27.94 -41.60
CA ASP B 95 6.19 27.13 -42.42
C ASP B 95 5.85 25.66 -42.18
N SER B 96 6.31 24.81 -43.09
CA SER B 96 6.04 23.38 -42.97
C SER B 96 6.79 22.73 -41.81
N LYS B 97 7.77 23.42 -41.22
CA LYS B 97 8.49 22.89 -40.06
C LYS B 97 7.63 22.84 -38.82
N THR B 98 6.45 23.46 -38.83
CA THR B 98 5.59 23.49 -37.65
C THR B 98 4.13 23.39 -38.10
N GLN B 99 3.25 23.22 -37.12
CA GLN B 99 1.82 23.15 -37.37
C GLN B 99 1.21 24.54 -37.26
N SER B 100 0.25 24.82 -38.15
CA SER B 100 -0.49 26.07 -38.13
C SER B 100 -1.95 25.76 -38.38
N LEU B 101 -2.84 26.55 -37.78
CA LEU B 101 -4.27 26.32 -37.92
C LEU B 101 -4.75 26.70 -39.31
N LEU B 102 -5.76 25.97 -39.78
CA LEU B 102 -6.34 26.14 -41.10
C LEU B 102 -7.86 26.29 -40.99
N ILE B 103 -8.31 27.19 -40.12
CA ILE B 103 -9.73 27.47 -40.01
C ILE B 103 -10.22 28.08 -41.33
N VAL B 104 -11.15 27.40 -41.98
CA VAL B 104 -11.73 27.89 -43.23
C VAL B 104 -13.25 27.82 -43.12
N ASN B 105 -13.91 28.90 -43.53
CA ASN B 105 -15.36 29.02 -43.42
C ASN B 105 -15.90 29.55 -44.73
N ASN B 106 -17.14 29.15 -45.05
CA ASN B 106 -17.87 29.74 -46.17
C ASN B 106 -19.35 29.76 -45.80
N ALA B 107 -20.19 30.05 -46.80
CA ALA B 107 -21.61 30.21 -46.55
C ALA B 107 -22.34 28.90 -46.26
N THR B 108 -21.64 27.77 -46.23
CA THR B 108 -22.33 26.50 -46.05
C THR B 108 -21.82 25.67 -44.88
N ASN B 109 -20.51 25.68 -44.62
CA ASN B 109 -19.97 24.88 -43.52
C ASN B 109 -18.68 25.50 -43.02
N VAL B 110 -18.08 24.86 -42.03
CA VAL B 110 -16.80 25.27 -41.46
C VAL B 110 -15.93 24.03 -41.30
N VAL B 111 -14.66 24.15 -41.70
CA VAL B 111 -13.67 23.09 -41.53
C VAL B 111 -12.41 23.70 -40.92
N ILE B 112 -11.82 22.99 -39.96
CA ILE B 112 -10.55 23.39 -39.38
C ILE B 112 -9.58 22.23 -39.49
N LYS B 113 -8.37 22.51 -39.97
CA LYS B 113 -7.28 21.54 -40.05
C LYS B 113 -6.06 22.09 -39.33
N VAL B 114 -5.27 21.18 -38.78
CA VAL B 114 -4.01 21.51 -38.13
C VAL B 114 -2.96 20.56 -38.68
N CYS B 115 -2.22 21.01 -39.69
CA CYS B 115 -1.21 20.20 -40.34
C CYS B 115 0.05 21.02 -40.58
N GLU B 116 1.15 20.32 -40.84
CA GLU B 116 2.40 20.98 -41.19
C GLU B 116 2.32 21.51 -42.61
N PHE B 117 1.80 22.72 -42.75
CA PHE B 117 1.54 23.32 -44.05
C PHE B 117 2.68 24.28 -44.43
N GLN B 118 3.08 24.23 -45.69
CA GLN B 118 4.08 25.16 -46.22
C GLN B 118 3.35 26.33 -46.86
N PHE B 119 3.35 27.48 -46.19
CA PHE B 119 2.61 28.65 -46.62
C PHE B 119 3.49 29.59 -47.42
N CYS B 120 2.86 30.30 -48.37
CA CYS B 120 3.56 31.24 -49.21
C CYS B 120 3.58 32.62 -48.54
N ASN B 121 4.08 33.62 -49.27
CA ASN B 121 4.13 34.98 -48.72
C ASN B 121 2.72 35.53 -48.49
N ASP B 122 1.80 35.28 -49.43
CA ASP B 122 0.44 35.79 -49.34
C ASP B 122 -0.56 34.66 -49.58
N PRO B 123 -1.36 34.29 -48.58
CA PRO B 123 -2.40 33.28 -48.79
C PRO B 123 -3.73 33.90 -49.21
N PHE B 124 -4.34 33.30 -50.22
CA PHE B 124 -5.62 33.77 -50.71
C PHE B 124 -6.31 32.65 -51.48
N LEU B 125 -7.57 32.87 -51.82
CA LEU B 125 -8.38 31.90 -52.53
C LEU B 125 -8.63 32.38 -53.96
N ASP B 126 -8.47 31.48 -54.92
CA ASP B 126 -8.72 31.82 -56.31
C ASP B 126 -10.19 32.16 -56.53
N VAL B 127 -11.09 31.29 -56.05
CA VAL B 127 -12.53 31.47 -56.18
C VAL B 127 -12.94 31.71 -57.63
N GLU B 137 -12.56 28.16 -56.08
CA GLU B 137 -12.57 28.01 -54.63
C GLU B 137 -11.42 27.12 -54.19
N SER B 138 -10.21 27.45 -54.63
CA SER B 138 -9.02 26.66 -54.34
C SER B 138 -8.09 27.44 -53.43
N GLU B 139 -7.59 26.78 -52.38
CA GLU B 139 -6.63 27.36 -51.46
C GLU B 139 -5.20 26.95 -51.78
N PHE B 140 -4.91 26.71 -53.07
CA PHE B 140 -3.57 26.28 -53.46
C PHE B 140 -2.56 27.41 -53.39
N ARG B 141 -3.00 28.66 -53.45
CA ARG B 141 -2.09 29.78 -53.22
C ARG B 141 -1.89 30.05 -51.74
N VAL B 142 -2.75 29.52 -50.87
CA VAL B 142 -2.56 29.67 -49.44
C VAL B 142 -1.35 28.87 -48.98
N TYR B 143 -1.25 27.63 -49.43
CA TYR B 143 -0.19 26.73 -48.98
C TYR B 143 0.31 25.91 -50.16
N SER B 144 1.51 25.35 -50.00
CA SER B 144 2.01 24.39 -50.98
C SER B 144 1.35 23.03 -50.80
N SER B 145 1.46 22.46 -49.61
CA SER B 145 0.87 21.17 -49.28
C SER B 145 0.99 20.98 -47.76
N ALA B 146 0.56 19.81 -47.30
CA ALA B 146 0.73 19.40 -45.91
C ALA B 146 1.14 17.94 -45.85
N ASN B 147 2.11 17.64 -44.98
CA ASN B 147 2.58 16.27 -44.79
C ASN B 147 1.87 15.57 -43.63
N ASN B 148 2.00 16.13 -42.42
CA ASN B 148 1.47 15.50 -41.21
C ASN B 148 0.29 16.32 -40.70
N CYS B 149 -0.85 15.66 -40.55
CA CYS B 149 -2.07 16.30 -40.07
C CYS B 149 -2.44 15.75 -38.70
N THR B 150 -2.84 16.66 -37.80
CA THR B 150 -3.13 16.30 -36.42
C THR B 150 -4.54 16.65 -35.95
N PHE B 151 -5.32 17.36 -36.75
CA PHE B 151 -6.65 17.80 -36.31
C PHE B 151 -7.48 18.16 -37.53
N GLU B 152 -8.68 17.59 -37.62
CA GLU B 152 -9.59 17.87 -38.72
C GLU B 152 -11.01 17.83 -38.19
N TYR B 153 -11.76 18.92 -38.39
CA TYR B 153 -13.13 19.01 -37.89
C TYR B 153 -14.00 19.75 -38.89
N VAL B 154 -15.23 19.24 -39.07
CA VAL B 154 -16.22 19.82 -39.97
C VAL B 154 -17.52 20.03 -39.20
N SER B 155 -18.17 21.17 -39.43
CA SER B 155 -19.43 21.49 -38.76
C SER B 155 -20.14 22.60 -39.55
N GLN B 156 -21.20 23.17 -38.94
CA GLN B 156 -22.04 24.24 -39.47
C GLN B 156 -21.33 25.60 -39.30
N PRO B 157 -21.38 26.47 -40.31
CA PRO B 157 -20.58 27.71 -40.27
C PRO B 157 -21.19 28.74 -39.32
N PHE B 158 -20.43 29.82 -39.12
CA PHE B 158 -20.72 30.81 -38.09
C PHE B 158 -21.13 32.16 -38.65
N LEU B 159 -20.33 32.74 -39.54
CA LEU B 159 -20.55 34.11 -39.99
C LEU B 159 -21.84 34.20 -40.81
N MET B 160 -22.83 34.91 -40.29
CA MET B 160 -24.08 35.13 -40.99
C MET B 160 -24.42 36.61 -41.05
N LYS B 170 -22.70 49.45 -42.12
CA LYS B 170 -24.01 49.48 -41.47
C LYS B 170 -24.06 48.49 -40.31
N ASN B 171 -23.09 47.60 -40.25
CA ASN B 171 -23.02 46.59 -39.21
C ASN B 171 -21.57 46.45 -38.74
N LEU B 172 -21.41 45.95 -37.52
CA LEU B 172 -20.10 45.64 -36.97
C LEU B 172 -20.11 44.20 -36.46
N ARG B 173 -19.15 43.42 -36.93
CA ARG B 173 -19.01 42.03 -36.49
C ARG B 173 -17.84 41.97 -35.51
N GLU B 174 -18.10 41.42 -34.32
CA GLU B 174 -17.10 41.27 -33.28
C GLU B 174 -17.03 39.81 -32.88
N PHE B 175 -15.80 39.33 -32.68
CA PHE B 175 -15.59 37.94 -32.28
C PHE B 175 -14.44 37.89 -31.30
N VAL B 176 -14.49 36.93 -30.38
CA VAL B 176 -13.43 36.73 -29.41
C VAL B 176 -13.06 35.25 -29.41
N PHE B 177 -11.78 34.96 -29.63
CA PHE B 177 -11.27 33.60 -29.61
C PHE B 177 -10.20 33.51 -28.52
N LYS B 178 -10.33 32.50 -27.65
CA LYS B 178 -9.33 32.31 -26.61
C LYS B 178 -8.94 30.84 -26.51
N ASN B 179 -7.64 30.57 -26.46
CA ASN B 179 -7.12 29.23 -26.25
C ASN B 179 -6.52 29.17 -24.86
N ILE B 180 -7.16 28.41 -23.97
CA ILE B 180 -6.71 28.24 -22.60
C ILE B 180 -6.49 26.76 -22.36
N ASP B 181 -5.27 26.40 -21.96
CA ASP B 181 -4.88 25.01 -21.70
C ASP B 181 -5.22 24.12 -22.90
N GLY B 182 -4.90 24.61 -24.10
CA GLY B 182 -5.26 23.90 -25.31
C GLY B 182 -6.76 23.82 -25.53
N TYR B 183 -7.49 24.88 -25.20
CA TYR B 183 -8.93 24.92 -25.33
C TYR B 183 -9.32 26.15 -26.15
N PHE B 184 -9.79 25.92 -27.37
CA PHE B 184 -10.22 27.00 -28.25
C PHE B 184 -11.70 27.28 -27.97
N LYS B 185 -11.99 28.51 -27.54
CA LYS B 185 -13.33 28.94 -27.18
C LYS B 185 -13.66 30.15 -28.04
N ILE B 186 -14.77 30.08 -28.76
CA ILE B 186 -15.16 31.12 -29.71
C ILE B 186 -16.50 31.70 -29.30
N TYR B 187 -16.54 33.03 -29.25
CA TYR B 187 -17.62 33.88 -28.75
C TYR B 187 -17.94 34.87 -29.85
N SER B 188 -19.22 35.01 -30.21
CA SER B 188 -19.59 35.85 -31.33
C SER B 188 -20.42 37.04 -30.89
N LYS B 189 -20.54 38.03 -31.78
CA LYS B 189 -21.50 39.11 -31.60
C LYS B 189 -21.62 39.90 -32.89
N HIS B 190 -22.85 40.29 -33.21
CA HIS B 190 -23.15 41.19 -34.31
C HIS B 190 -23.89 42.39 -33.76
N THR B 191 -23.52 43.59 -34.22
CA THR B 191 -24.23 44.77 -33.75
C THR B 191 -24.57 45.70 -34.91
N PRO B 192 -25.75 46.30 -34.88
CA PRO B 192 -26.09 47.31 -35.90
C PRO B 192 -25.51 48.66 -35.51
N ILE B 193 -24.50 49.09 -36.26
CA ILE B 193 -23.90 50.40 -36.05
C ILE B 193 -24.54 51.38 -37.02
N ASN B 194 -24.91 52.55 -36.52
CA ASN B 194 -25.47 53.59 -37.37
C ASN B 194 -24.35 54.20 -38.21
N LEU B 195 -24.65 55.29 -38.90
CA LEU B 195 -23.65 55.96 -39.72
C LEU B 195 -22.61 56.58 -38.80
N GLU B 196 -21.44 55.94 -38.71
CA GLU B 196 -20.41 56.35 -37.78
C GLU B 196 -19.05 55.94 -38.33
N ARG B 197 -18.06 56.81 -38.14
CA ARG B 197 -16.72 56.54 -38.66
C ARG B 197 -16.00 55.48 -37.85
N ASP B 198 -16.08 55.55 -36.52
CA ASP B 198 -15.27 54.72 -35.64
C ASP B 198 -16.15 53.80 -34.80
N LEU B 199 -15.53 53.12 -33.85
CA LEU B 199 -16.25 52.24 -32.94
C LEU B 199 -17.16 53.07 -32.06
N PRO B 200 -18.46 52.81 -32.02
CA PRO B 200 -19.36 53.61 -31.20
C PRO B 200 -19.18 53.31 -29.72
N GLN B 201 -19.74 54.19 -28.90
CA GLN B 201 -19.70 54.02 -27.45
C GLN B 201 -20.83 53.09 -27.02
N GLY B 202 -21.08 53.03 -25.71
CA GLY B 202 -22.10 52.16 -25.19
C GLY B 202 -21.56 50.79 -24.83
N PHE B 203 -22.40 49.76 -24.94
CA PHE B 203 -22.01 48.41 -24.57
C PHE B 203 -22.64 47.41 -25.51
N SER B 204 -22.03 46.23 -25.57
CA SER B 204 -22.54 45.13 -26.39
C SER B 204 -21.96 43.84 -25.85
N ALA B 205 -22.83 42.96 -25.35
CA ALA B 205 -22.38 41.69 -24.83
C ALA B 205 -22.01 40.75 -25.97
N LEU B 206 -21.30 39.68 -25.62
CA LEU B 206 -20.96 38.64 -26.58
C LEU B 206 -21.44 37.29 -26.04
N GLU B 207 -21.84 36.41 -26.95
CA GLU B 207 -22.53 35.19 -26.62
C GLU B 207 -21.69 33.95 -26.96
N PRO B 208 -21.89 32.84 -26.25
CA PRO B 208 -21.04 31.67 -26.46
C PRO B 208 -21.43 30.87 -27.70
N LEU B 209 -20.41 30.42 -28.43
CA LEU B 209 -20.66 29.51 -29.55
C LEU B 209 -20.01 28.14 -29.37
N VAL B 210 -18.68 28.03 -29.25
CA VAL B 210 -18.06 26.70 -29.40
C VAL B 210 -16.76 26.57 -28.62
N ASP B 211 -16.48 25.34 -28.16
CA ASP B 211 -15.18 24.95 -27.62
C ASP B 211 -14.64 23.73 -28.37
N LEU B 212 -13.32 23.67 -28.49
CA LEU B 212 -12.62 22.61 -29.22
C LEU B 212 -11.26 22.36 -28.60
N PRO B 213 -10.69 21.14 -28.76
CA PRO B 213 -9.32 20.78 -28.29
C PRO B 213 -8.16 21.06 -29.24
N ILE B 214 -7.64 22.29 -29.21
CA ILE B 214 -6.57 22.68 -30.15
C ILE B 214 -5.23 22.05 -29.76
N GLY B 215 -4.68 22.45 -28.61
CA GLY B 215 -3.43 21.93 -28.11
C GLY B 215 -2.19 22.12 -28.99
N ILE B 216 -1.95 23.33 -29.48
CA ILE B 216 -0.74 23.60 -30.26
C ILE B 216 -0.21 24.99 -29.92
N ASN B 217 1.12 25.13 -29.92
CA ASN B 217 1.76 26.41 -29.67
C ASN B 217 1.54 27.35 -30.85
N ILE B 218 1.17 28.60 -30.55
CA ILE B 218 0.89 29.62 -31.56
C ILE B 218 1.54 30.93 -31.12
N THR B 219 2.20 31.60 -32.06
CA THR B 219 2.90 32.85 -31.78
C THR B 219 2.41 34.04 -32.59
N ARG B 220 1.96 33.83 -33.83
CA ARG B 220 1.42 34.89 -34.67
C ARG B 220 0.21 34.34 -35.42
N PHE B 221 -0.40 35.15 -36.27
CA PHE B 221 -1.53 34.66 -37.04
C PHE B 221 -1.53 35.24 -38.44
N GLN B 222 -2.61 34.96 -39.15
CA GLN B 222 -2.81 35.34 -40.54
C GLN B 222 -4.30 35.38 -40.83
N THR B 223 -4.72 36.41 -41.52
CA THR B 223 -6.13 36.65 -41.84
C THR B 223 -6.38 36.32 -43.31
N LEU B 224 -7.52 35.70 -43.59
CA LEU B 224 -7.85 35.24 -44.92
C LEU B 224 -8.95 36.09 -45.52
N LEU B 225 -8.83 36.37 -46.81
CA LEU B 225 -9.76 37.24 -47.54
C LEU B 225 -10.28 36.49 -48.77
N ALA B 226 -11.21 37.13 -49.47
CA ALA B 226 -11.79 36.58 -50.69
C ALA B 226 -11.32 37.42 -51.87
N LEU B 227 -10.72 36.77 -52.87
CA LEU B 227 -10.22 37.43 -54.06
C LEU B 227 -10.78 36.73 -55.30
N HIS B 228 -11.18 37.53 -56.28
CA HIS B 228 -11.74 37.02 -57.52
C HIS B 228 -10.80 37.29 -58.69
N ARG B 229 -11.10 36.66 -59.82
CA ARG B 229 -10.29 36.80 -61.02
C ARG B 229 -11.09 36.45 -62.27
N TRP B 241 -6.32 38.88 -61.46
CA TRP B 241 -7.28 39.10 -60.40
C TRP B 241 -7.93 40.48 -60.53
N THR B 242 -8.77 40.82 -59.57
CA THR B 242 -9.46 42.11 -59.56
C THR B 242 -9.12 42.87 -58.28
N ALA B 243 -9.15 44.20 -58.38
CA ALA B 243 -8.86 45.04 -57.24
C ALA B 243 -9.95 44.92 -56.18
N GLY B 244 -9.56 45.12 -54.93
CA GLY B 244 -10.49 45.06 -53.82
C GLY B 244 -9.91 45.57 -52.53
N ALA B 245 -10.70 46.29 -51.75
CA ALA B 245 -10.26 46.90 -50.50
C ALA B 245 -11.09 46.38 -49.34
N ALA B 246 -10.44 46.24 -48.18
CA ALA B 246 -11.10 45.79 -46.97
C ALA B 246 -10.40 46.40 -45.77
N ALA B 247 -11.11 46.44 -44.64
CA ALA B 247 -10.57 46.99 -43.41
C ALA B 247 -11.06 46.19 -42.22
N TYR B 248 -10.16 45.94 -41.27
CA TYR B 248 -10.55 45.20 -40.08
C TYR B 248 -9.66 45.55 -38.91
N TYR B 249 -10.22 45.48 -37.71
CA TYR B 249 -9.54 45.84 -36.48
C TYR B 249 -9.18 44.59 -35.69
N VAL B 250 -7.98 44.59 -35.12
CA VAL B 250 -7.49 43.47 -34.33
C VAL B 250 -6.96 43.98 -33.00
N GLY B 251 -7.37 43.32 -31.91
CA GLY B 251 -6.85 43.62 -30.60
C GLY B 251 -6.54 42.33 -29.86
N TYR B 252 -5.76 42.47 -28.80
CA TYR B 252 -5.24 41.32 -28.07
C TYR B 252 -5.69 41.37 -26.61
N LEU B 253 -5.84 40.19 -26.02
CA LEU B 253 -6.44 40.04 -24.71
C LEU B 253 -5.38 39.93 -23.62
N GLN B 254 -5.83 40.00 -22.37
CA GLN B 254 -4.90 39.96 -21.22
C GLN B 254 -5.75 39.66 -19.99
N PRO B 255 -5.39 38.65 -19.17
CA PRO B 255 -6.23 38.25 -18.03
C PRO B 255 -6.36 39.39 -17.02
N ARG B 256 -7.60 39.62 -16.59
CA ARG B 256 -7.93 40.76 -15.76
C ARG B 256 -9.20 40.45 -14.99
N THR B 257 -9.44 41.22 -13.93
CA THR B 257 -10.65 41.14 -13.13
C THR B 257 -11.63 42.22 -13.59
N PHE B 258 -12.88 41.83 -13.80
CA PHE B 258 -13.92 42.71 -14.28
C PHE B 258 -15.15 42.62 -13.39
N LEU B 259 -15.95 43.69 -13.40
CA LEU B 259 -17.24 43.72 -12.72
C LEU B 259 -18.34 43.98 -13.74
N LEU B 260 -19.42 43.22 -13.63
CA LEU B 260 -20.50 43.25 -14.61
C LEU B 260 -21.80 43.58 -13.90
N LYS B 261 -22.61 44.45 -14.51
CA LYS B 261 -23.89 44.86 -13.95
C LYS B 261 -24.99 44.34 -14.86
N TYR B 262 -25.79 43.42 -14.34
CA TYR B 262 -26.94 42.91 -15.08
C TYR B 262 -28.16 43.81 -14.87
N ASN B 263 -29.14 43.63 -15.72
CA ASN B 263 -30.44 44.28 -15.60
C ASN B 263 -31.47 43.25 -15.17
N GLU B 264 -32.74 43.66 -15.15
CA GLU B 264 -33.80 42.73 -14.79
C GLU B 264 -34.07 41.69 -15.86
N ASN B 265 -33.62 41.92 -17.10
CA ASN B 265 -33.69 40.88 -18.12
C ASN B 265 -32.42 40.03 -18.19
N GLY B 266 -31.39 40.39 -17.43
CA GLY B 266 -30.16 39.64 -17.46
C GLY B 266 -29.21 39.99 -18.58
N THR B 267 -29.56 40.95 -19.42
CA THR B 267 -28.65 41.43 -20.46
C THR B 267 -27.70 42.45 -19.85
N ILE B 268 -26.42 42.34 -20.19
CA ILE B 268 -25.41 43.19 -19.58
C ILE B 268 -25.56 44.61 -20.10
N THR B 269 -25.63 45.57 -19.18
CA THR B 269 -25.76 46.97 -19.53
C THR B 269 -24.51 47.78 -19.28
N ASP B 270 -23.71 47.41 -18.27
CA ASP B 270 -22.49 48.15 -17.98
C ASP B 270 -21.49 47.23 -17.29
N ALA B 271 -20.23 47.64 -17.37
CA ALA B 271 -19.15 46.90 -16.75
C ALA B 271 -18.05 47.87 -16.37
N VAL B 272 -17.19 47.43 -15.46
CA VAL B 272 -16.09 48.26 -14.98
C VAL B 272 -14.85 47.41 -14.80
N ASP B 273 -13.70 48.03 -15.02
CA ASP B 273 -12.40 47.41 -14.82
C ASP B 273 -11.92 47.67 -13.39
N CYS B 274 -10.99 46.84 -12.93
CA CYS B 274 -10.41 47.00 -11.61
C CYS B 274 -8.94 47.39 -11.67
N ALA B 275 -8.44 47.79 -12.84
CA ALA B 275 -7.05 48.20 -12.95
C ALA B 275 -6.87 49.37 -13.91
N LEU B 276 -7.86 50.25 -14.00
CA LEU B 276 -7.76 51.42 -14.86
C LEU B 276 -7.38 52.68 -14.09
N ASP B 277 -8.20 53.07 -13.13
CA ASP B 277 -7.99 54.28 -12.36
C ASP B 277 -8.30 53.98 -10.90
N PRO B 278 -7.78 54.79 -9.97
CA PRO B 278 -8.14 54.60 -8.57
C PRO B 278 -9.63 54.45 -8.32
N LEU B 279 -10.45 55.36 -8.85
CA LEU B 279 -11.87 55.30 -8.57
C LEU B 279 -12.51 54.04 -9.12
N SER B 280 -12.01 53.53 -10.24
CA SER B 280 -12.52 52.25 -10.74
C SER B 280 -12.24 51.14 -9.74
N GLU B 281 -11.05 51.13 -9.16
CA GLU B 281 -10.71 50.11 -8.19
C GLU B 281 -11.49 50.29 -6.89
N THR B 282 -11.81 51.53 -6.53
CA THR B 282 -12.71 51.76 -5.40
C THR B 282 -14.08 51.20 -5.69
N LYS B 283 -14.59 51.40 -6.90
CA LYS B 283 -15.87 50.84 -7.28
C LYS B 283 -15.84 49.32 -7.19
N CYS B 284 -14.74 48.72 -7.63
CA CYS B 284 -14.59 47.27 -7.52
C CYS B 284 -14.63 46.84 -6.06
N THR B 285 -13.97 47.59 -5.18
CA THR B 285 -13.96 47.22 -3.77
C THR B 285 -15.35 47.34 -3.15
N LEU B 286 -16.03 48.46 -3.38
CA LEU B 286 -17.33 48.70 -2.77
C LEU B 286 -18.45 47.90 -3.44
N LYS B 287 -18.19 47.27 -4.58
CA LYS B 287 -19.20 46.50 -5.31
C LYS B 287 -20.42 47.37 -5.61
N SER B 288 -20.17 48.59 -6.07
CA SER B 288 -21.25 49.48 -6.47
C SER B 288 -20.75 50.41 -7.56
N PHE B 289 -21.68 50.95 -8.34
CA PHE B 289 -21.33 51.85 -9.43
C PHE B 289 -21.29 53.31 -9.02
N THR B 290 -21.70 53.62 -7.79
CA THR B 290 -21.62 54.98 -7.27
C THR B 290 -20.88 54.95 -5.95
N VAL B 291 -19.90 55.82 -5.79
CA VAL B 291 -19.10 55.92 -4.58
C VAL B 291 -19.53 57.18 -3.84
N GLU B 292 -19.95 57.03 -2.59
CA GLU B 292 -20.45 58.14 -1.82
C GLU B 292 -19.31 59.03 -1.34
N LYS B 293 -19.68 60.17 -0.75
CA LYS B 293 -18.69 61.12 -0.27
C LYS B 293 -17.95 60.54 0.93
N GLY B 294 -16.63 60.62 0.90
CA GLY B 294 -15.82 60.12 1.98
C GLY B 294 -14.46 59.69 1.47
N ILE B 295 -13.72 58.98 2.33
CA ILE B 295 -12.40 58.45 2.02
C ILE B 295 -12.43 56.96 2.26
N TYR B 296 -11.89 56.20 1.30
CA TYR B 296 -11.92 54.75 1.37
C TYR B 296 -10.52 54.20 1.11
N GLN B 297 -10.23 53.05 1.69
CA GLN B 297 -8.95 52.39 1.53
C GLN B 297 -9.08 51.28 0.50
N THR B 298 -8.23 51.31 -0.52
CA THR B 298 -8.39 50.44 -1.68
C THR B 298 -7.40 49.29 -1.71
N SER B 299 -6.10 49.57 -1.66
CA SER B 299 -5.09 48.53 -1.78
C SER B 299 -3.73 49.06 -1.29
N ASN B 300 -2.67 48.29 -1.56
CA ASN B 300 -1.32 48.63 -1.15
C ASN B 300 -0.39 48.60 -2.36
N PHE B 301 0.72 49.31 -2.22
CA PHE B 301 1.75 49.39 -3.25
C PHE B 301 3.08 48.90 -2.69
N ARG B 302 3.82 48.18 -3.53
CA ARG B 302 5.16 47.72 -3.19
C ARG B 302 6.05 47.92 -4.41
N VAL B 303 7.31 48.24 -4.15
CA VAL B 303 8.27 48.46 -5.24
C VAL B 303 8.73 47.10 -5.76
N GLN B 304 8.42 46.81 -7.01
CA GLN B 304 8.80 45.54 -7.59
C GLN B 304 10.31 45.47 -7.77
N PRO B 305 10.92 44.31 -7.59
CA PRO B 305 12.38 44.21 -7.74
C PRO B 305 12.80 44.38 -9.18
N THR B 306 14.06 44.79 -9.36
CA THR B 306 14.60 45.06 -10.68
C THR B 306 15.21 43.81 -11.31
N GLU B 307 16.21 43.22 -10.67
CA GLU B 307 16.88 42.04 -11.20
C GLU B 307 17.23 41.11 -10.04
N SER B 308 17.90 40.00 -10.37
CA SER B 308 18.27 39.00 -9.40
C SER B 308 19.79 38.91 -9.27
N ILE B 309 20.24 38.59 -8.06
CA ILE B 309 21.66 38.47 -7.75
C ILE B 309 21.91 37.10 -7.13
N VAL B 310 22.88 36.38 -7.66
CA VAL B 310 23.26 35.05 -7.18
C VAL B 310 24.71 35.09 -6.75
N ARG B 311 24.97 34.64 -5.52
CA ARG B 311 26.32 34.61 -4.96
C ARG B 311 26.58 33.22 -4.39
N PHE B 312 27.50 32.49 -5.00
CA PHE B 312 27.87 31.15 -4.57
C PHE B 312 29.36 31.04 -4.35
N PRO B 313 29.80 30.13 -3.48
CA PRO B 313 31.24 29.97 -3.24
C PRO B 313 31.95 29.43 -4.48
N ASN B 314 33.22 29.80 -4.59
CA ASN B 314 33.98 29.63 -5.82
C ASN B 314 34.56 28.20 -5.92
N ILE B 315 33.76 27.30 -6.46
CA ILE B 315 34.00 25.86 -6.33
C ILE B 315 34.18 25.26 -7.72
N THR B 316 35.09 24.29 -7.83
CA THR B 316 35.33 23.58 -9.09
C THR B 316 35.24 22.06 -8.99
N ASN B 317 35.25 21.49 -7.80
CA ASN B 317 35.30 20.04 -7.67
C ASN B 317 33.94 19.41 -7.94
N LEU B 318 33.97 18.16 -8.39
CA LEU B 318 32.78 17.37 -8.62
C LEU B 318 32.65 16.30 -7.54
N CYS B 319 31.45 16.16 -7.00
CA CYS B 319 31.22 15.20 -5.94
C CYS B 319 31.41 13.78 -6.48
N PRO B 320 32.19 12.94 -5.80
CA PRO B 320 32.47 11.60 -6.34
C PRO B 320 31.27 10.67 -6.27
N PHE B 321 30.16 11.08 -6.88
CA PHE B 321 28.98 10.23 -6.89
C PHE B 321 29.21 8.97 -7.70
N HIS B 322 30.09 9.02 -8.70
CA HIS B 322 30.44 7.81 -9.44
C HIS B 322 31.09 6.78 -8.53
N GLU B 323 32.02 7.24 -7.69
CA GLU B 323 32.78 6.30 -6.86
C GLU B 323 31.89 5.59 -5.85
N VAL B 324 30.98 6.32 -5.21
CA VAL B 324 30.09 5.67 -4.25
C VAL B 324 29.11 4.76 -4.96
N PHE B 325 28.62 5.16 -6.14
CA PHE B 325 27.65 4.35 -6.86
C PHE B 325 28.32 3.19 -7.60
N ASN B 326 29.25 3.51 -8.50
CA ASN B 326 30.00 2.47 -9.20
C ASN B 326 30.93 1.78 -8.21
N ALA B 327 30.56 0.56 -7.81
CA ALA B 327 31.33 -0.20 -6.84
C ALA B 327 31.17 -1.68 -7.16
N THR B 328 31.75 -2.52 -6.29
CA THR B 328 31.74 -3.97 -6.49
C THR B 328 30.90 -4.68 -5.45
N THR B 329 31.17 -4.44 -4.17
CA THR B 329 30.47 -5.11 -3.09
C THR B 329 29.87 -4.09 -2.13
N PHE B 330 28.88 -4.55 -1.37
CA PHE B 330 28.18 -3.72 -0.39
C PHE B 330 28.34 -4.33 1.00
N ALA B 331 28.38 -3.46 2.00
CA ALA B 331 28.58 -3.92 3.37
C ALA B 331 27.32 -4.62 3.90
N SER B 332 27.51 -5.38 4.97
CA SER B 332 26.41 -6.05 5.62
C SER B 332 25.52 -5.05 6.35
N VAL B 333 24.31 -5.49 6.69
CA VAL B 333 23.39 -4.62 7.41
C VAL B 333 23.92 -4.32 8.82
N TYR B 334 24.57 -5.30 9.45
CA TYR B 334 25.06 -5.09 10.81
C TYR B 334 26.14 -4.02 10.87
N ALA B 335 26.93 -3.88 9.81
CA ALA B 335 27.93 -2.81 9.70
C ALA B 335 27.89 -2.30 8.26
N TRP B 336 27.08 -1.28 8.02
CA TRP B 336 26.86 -0.76 6.68
C TRP B 336 27.89 0.31 6.34
N ASN B 337 28.10 0.51 5.04
CA ASN B 337 29.04 1.51 4.58
C ASN B 337 28.46 2.91 4.72
N ARG B 338 29.34 3.88 4.93
CA ARG B 338 28.94 5.27 5.06
C ARG B 338 30.04 6.15 4.52
N LYS B 339 29.67 7.21 3.80
CA LYS B 339 30.63 8.07 3.14
C LYS B 339 30.23 9.53 3.23
N ARG B 340 31.23 10.40 3.36
CA ARG B 340 31.02 11.83 3.37
C ARG B 340 31.18 12.42 1.97
N ILE B 341 30.27 13.34 1.65
CA ILE B 341 30.35 14.16 0.45
C ILE B 341 30.34 15.61 0.90
N SER B 342 31.37 16.36 0.53
CA SER B 342 31.45 17.77 0.89
C SER B 342 32.42 18.46 -0.05
N ASN B 343 32.29 19.80 -0.12
CA ASN B 343 33.22 20.65 -0.86
C ASN B 343 33.29 20.26 -2.34
N CYS B 344 32.11 20.17 -2.97
CA CYS B 344 32.06 19.79 -4.38
C CYS B 344 30.71 20.18 -4.95
N VAL B 345 30.62 20.14 -6.26
CA VAL B 345 29.36 20.40 -6.97
C VAL B 345 28.65 19.08 -7.18
N ALA B 346 27.37 19.03 -6.81
CA ALA B 346 26.58 17.81 -6.87
C ALA B 346 25.74 17.80 -8.14
N ASP B 347 25.90 16.76 -8.96
CA ASP B 347 25.11 16.55 -10.16
C ASP B 347 24.18 15.37 -9.91
N TYR B 348 22.90 15.65 -9.70
CA TYR B 348 21.92 14.63 -9.39
C TYR B 348 21.29 14.02 -10.64
N SER B 349 21.69 14.44 -11.83
CA SER B 349 21.16 13.90 -13.06
C SER B 349 21.88 12.65 -13.54
N VAL B 350 22.99 12.28 -12.88
CA VAL B 350 23.80 11.14 -13.32
C VAL B 350 23.46 9.86 -12.58
N ILE B 351 22.52 9.91 -11.63
CA ILE B 351 22.29 8.75 -10.78
C ILE B 351 21.39 7.71 -11.45
N TYR B 352 20.55 8.13 -12.40
CA TYR B 352 19.60 7.20 -13.01
C TYR B 352 20.27 6.17 -13.90
N ASN B 353 21.54 6.35 -14.24
CA ASN B 353 22.23 5.48 -15.18
C ASN B 353 23.10 4.43 -14.50
N PHE B 354 23.09 4.35 -13.18
CA PHE B 354 24.04 3.51 -12.46
C PHE B 354 23.42 2.34 -11.72
N ALA B 355 22.13 2.39 -11.39
CA ALA B 355 21.52 1.31 -10.63
C ALA B 355 20.20 0.89 -11.27
N PRO B 356 19.86 -0.40 -11.16
CA PRO B 356 18.59 -0.91 -11.73
C PRO B 356 17.42 -0.73 -10.76
N PHE B 357 17.13 0.51 -10.41
CA PHE B 357 16.13 0.83 -9.41
C PHE B 357 14.77 1.10 -10.05
N PHE B 358 13.76 1.21 -9.19
CA PHE B 358 12.41 1.57 -9.62
C PHE B 358 12.14 3.06 -9.51
N ALA B 359 12.23 3.61 -8.30
CA ALA B 359 11.86 5.00 -8.07
C ALA B 359 12.63 5.52 -6.85
N PHE B 360 12.25 6.71 -6.39
CA PHE B 360 12.89 7.39 -5.29
C PHE B 360 11.93 7.54 -4.13
N LYS B 361 12.48 7.64 -2.92
CA LYS B 361 11.70 7.93 -1.72
C LYS B 361 12.36 9.12 -1.03
N CYS B 362 12.01 10.32 -1.47
CA CYS B 362 12.59 11.56 -0.95
C CYS B 362 11.56 12.22 -0.06
N TYR B 363 11.79 12.15 1.26
CA TYR B 363 10.78 12.59 2.22
C TYR B 363 10.64 14.10 2.22
N GLY B 364 11.70 14.82 2.58
CA GLY B 364 11.58 16.23 2.84
C GLY B 364 11.81 17.16 1.68
N VAL B 365 12.30 16.66 0.55
CA VAL B 365 12.63 17.50 -0.59
C VAL B 365 12.12 16.83 -1.86
N SER B 366 11.52 17.62 -2.74
CA SER B 366 11.07 17.11 -4.03
C SER B 366 12.26 16.59 -4.82
N PRO B 367 12.19 15.37 -5.37
CA PRO B 367 13.38 14.75 -5.98
C PRO B 367 13.81 15.39 -7.29
N THR B 368 13.12 16.41 -7.79
CA THR B 368 13.48 17.03 -9.06
C THR B 368 14.22 18.35 -8.89
N LYS B 369 14.21 18.94 -7.69
CA LYS B 369 14.79 20.26 -7.46
C LYS B 369 16.18 20.19 -6.84
N LEU B 370 16.80 19.00 -6.81
CA LEU B 370 18.04 18.82 -6.06
C LEU B 370 19.19 19.64 -6.62
N ASN B 371 19.10 20.09 -7.87
CA ASN B 371 20.22 20.80 -8.50
C ASN B 371 20.26 22.27 -8.13
N ASP B 372 19.42 22.72 -7.20
CA ASP B 372 19.37 24.14 -6.85
C ASP B 372 19.71 24.41 -5.39
N LEU B 373 19.20 23.61 -4.46
CA LEU B 373 19.44 23.86 -3.04
C LEU B 373 20.88 23.53 -2.67
N CYS B 374 21.42 24.30 -1.72
CA CYS B 374 22.78 24.11 -1.24
C CYS B 374 22.75 23.69 0.22
N PHE B 375 23.39 22.56 0.51
CA PHE B 375 23.44 21.99 1.84
C PHE B 375 24.83 22.17 2.43
N THR B 376 24.99 21.72 3.68
CA THR B 376 26.29 21.81 4.36
C THR B 376 27.13 20.57 4.10
N ASN B 377 26.67 19.42 4.58
CA ASN B 377 27.35 18.15 4.41
C ASN B 377 26.37 17.12 3.86
N VAL B 378 26.89 16.13 3.15
CA VAL B 378 26.08 15.08 2.54
C VAL B 378 26.58 13.74 3.06
N TYR B 379 25.67 12.87 3.47
CA TYR B 379 26.01 11.54 3.92
C TYR B 379 25.37 10.52 2.99
N ALA B 380 26.21 9.66 2.39
CA ALA B 380 25.76 8.63 1.47
C ALA B 380 26.05 7.27 2.06
N ASP B 381 25.00 6.47 2.25
CA ASP B 381 25.13 5.14 2.83
C ASP B 381 24.61 4.11 1.83
N SER B 382 25.44 3.11 1.53
CA SER B 382 25.08 2.05 0.60
C SER B 382 25.21 0.71 1.31
N PHE B 383 24.15 -0.10 1.25
CA PHE B 383 24.15 -1.38 1.94
C PHE B 383 23.19 -2.35 1.25
N VAL B 384 23.10 -3.55 1.81
CA VAL B 384 22.22 -4.61 1.31
C VAL B 384 21.37 -5.11 2.46
N ILE B 385 20.06 -5.17 2.25
CA ILE B 385 19.11 -5.68 3.22
C ILE B 385 18.08 -6.55 2.51
N ARG B 386 17.14 -7.08 3.30
CA ARG B 386 16.08 -7.93 2.77
C ARG B 386 14.93 -7.08 2.22
N GLY B 387 14.08 -7.72 1.43
CA GLY B 387 12.97 -7.00 0.82
C GLY B 387 11.95 -6.51 1.83
N ASN B 388 11.59 -7.35 2.79
CA ASN B 388 10.57 -6.97 3.77
C ASN B 388 11.06 -5.90 4.75
N GLU B 389 12.37 -5.66 4.82
CA GLU B 389 12.92 -4.66 5.71
C GLU B 389 13.02 -3.29 5.06
N VAL B 390 12.52 -3.14 3.83
CA VAL B 390 12.45 -1.82 3.21
C VAL B 390 11.55 -0.90 4.03
N SER B 391 10.41 -1.43 4.49
CA SER B 391 9.54 -0.66 5.38
C SER B 391 10.16 -0.46 6.75
N GLN B 392 11.08 -1.34 7.17
CA GLN B 392 11.79 -1.15 8.43
C GLN B 392 12.71 0.07 8.39
N ILE B 393 12.98 0.62 7.21
CA ILE B 393 13.86 1.77 7.06
C ILE B 393 13.02 3.00 6.74
N ALA B 394 12.64 3.73 7.78
CA ALA B 394 11.81 4.92 7.67
C ALA B 394 11.80 5.62 9.02
N PRO B 395 11.54 6.93 9.04
CA PRO B 395 11.48 7.63 10.35
C PRO B 395 10.37 7.06 11.22
N GLY B 396 10.66 6.97 12.51
CA GLY B 396 9.71 6.46 13.48
C GLY B 396 9.30 5.02 13.23
N GLN B 397 10.28 4.16 12.96
CA GLN B 397 10.04 2.76 12.65
C GLN B 397 10.73 1.86 13.68
N THR B 398 10.13 0.70 13.93
CA THR B 398 10.66 -0.26 14.88
C THR B 398 10.76 -1.63 14.20
N GLY B 399 11.85 -2.33 14.46
CA GLY B 399 12.08 -3.64 13.89
C GLY B 399 13.45 -4.14 14.28
N ASN B 400 13.72 -5.39 13.90
CA ASN B 400 15.01 -6.01 14.22
C ASN B 400 16.15 -5.15 13.68
N ILE B 401 16.11 -4.80 12.40
CA ILE B 401 17.13 -3.93 11.84
C ILE B 401 17.08 -2.56 12.50
N ALA B 402 15.87 -2.07 12.78
CA ALA B 402 15.72 -0.72 13.31
C ALA B 402 16.39 -0.58 14.68
N ASP B 403 16.04 -1.45 15.62
CA ASP B 403 16.55 -1.32 16.98
C ASP B 403 17.86 -2.06 17.21
N TYR B 404 18.29 -2.90 16.28
CA TYR B 404 19.50 -3.68 16.46
C TYR B 404 20.56 -3.44 15.40
N ASN B 405 20.17 -3.06 14.18
CA ASN B 405 21.13 -2.85 13.10
C ASN B 405 21.16 -1.41 12.61
N TYR B 406 20.03 -0.86 12.17
CA TYR B 406 20.01 0.39 11.41
C TYR B 406 18.82 1.24 11.88
N LYS B 407 19.09 2.22 12.73
CA LYS B 407 18.07 3.09 13.28
C LYS B 407 18.13 4.45 12.60
N LEU B 408 16.96 4.93 12.13
CA LEU B 408 16.81 6.20 11.41
C LEU B 408 16.30 7.29 12.34
N PRO B 409 16.61 8.54 12.04
CA PRO B 409 16.00 9.65 12.79
C PRO B 409 14.51 9.77 12.46
N ASP B 410 13.75 10.27 13.44
CA ASP B 410 12.33 10.47 13.22
C ASP B 410 12.04 11.68 12.34
N ASP B 411 12.99 12.60 12.22
CA ASP B 411 12.85 13.79 11.39
C ASP B 411 13.65 13.66 10.09
N PHE B 412 13.64 12.47 9.51
CA PHE B 412 14.48 12.20 8.35
C PHE B 412 14.08 13.06 7.15
N THR B 413 15.09 13.61 6.48
CA THR B 413 14.90 14.31 5.22
C THR B 413 16.03 13.89 4.28
N GLY B 414 15.66 13.28 3.17
CA GLY B 414 16.65 12.76 2.24
C GLY B 414 15.99 11.82 1.26
N CYS B 415 16.84 11.24 0.41
CA CYS B 415 16.38 10.40 -0.68
C CYS B 415 16.82 8.95 -0.47
N VAL B 416 15.96 8.01 -0.86
CA VAL B 416 16.20 6.58 -0.72
C VAL B 416 16.04 5.94 -2.09
N ILE B 417 17.00 5.11 -2.47
CA ILE B 417 16.95 4.39 -3.75
C ILE B 417 17.22 2.92 -3.47
N ALA B 418 16.23 2.07 -3.74
CA ALA B 418 16.32 0.65 -3.48
C ALA B 418 16.09 -0.12 -4.78
N TRP B 419 16.96 -1.11 -5.03
CA TRP B 419 16.82 -1.96 -6.21
C TRP B 419 17.13 -3.41 -5.85
N ASN B 420 16.32 -4.33 -6.37
CA ASN B 420 16.56 -5.74 -6.14
C ASN B 420 17.84 -6.16 -6.86
N SER B 421 18.72 -6.83 -6.12
CA SER B 421 20.01 -7.30 -6.64
C SER B 421 20.10 -8.81 -6.54
N ASN B 422 18.99 -9.50 -6.80
CA ASN B 422 18.97 -10.96 -6.76
C ASN B 422 19.80 -11.56 -7.88
N LYS B 423 20.14 -10.79 -8.91
CA LYS B 423 20.90 -11.31 -10.04
C LYS B 423 22.38 -11.47 -9.72
N LEU B 424 22.90 -10.78 -8.69
CA LEU B 424 24.31 -10.83 -8.37
C LEU B 424 24.61 -11.25 -6.94
N ASP B 425 23.65 -11.15 -6.02
CA ASP B 425 23.85 -11.52 -4.63
C ASP B 425 23.29 -12.90 -4.32
N SER B 426 22.92 -13.67 -5.33
CA SER B 426 22.38 -15.00 -5.14
C SER B 426 23.22 -16.02 -5.89
N LYS B 427 23.50 -17.14 -5.23
CA LYS B 427 24.26 -18.23 -5.80
C LYS B 427 23.48 -19.53 -5.65
N PRO B 428 23.72 -20.52 -6.51
CA PRO B 428 23.00 -21.79 -6.37
C PRO B 428 23.20 -22.46 -5.04
N SER B 429 24.39 -22.33 -4.44
CA SER B 429 24.67 -22.96 -3.16
C SER B 429 24.04 -22.22 -1.99
N GLY B 430 23.64 -20.97 -2.18
CA GLY B 430 23.09 -20.17 -1.08
C GLY B 430 24.08 -19.15 -0.57
N ASN B 431 23.68 -17.89 -0.56
CA ASN B 431 24.58 -16.80 -0.18
C ASN B 431 24.43 -16.49 1.30
N TYR B 432 25.52 -16.65 2.05
CA TYR B 432 25.59 -16.29 3.46
C TYR B 432 26.49 -15.07 3.70
N ASN B 433 26.69 -14.25 2.67
CA ASN B 433 27.65 -13.15 2.75
C ASN B 433 27.28 -12.14 3.82
N TYR B 434 26.00 -12.03 4.15
CA TYR B 434 25.50 -10.95 5.01
C TYR B 434 24.90 -11.53 6.28
N LEU B 435 25.18 -10.86 7.39
CA LEU B 435 24.70 -11.25 8.71
C LEU B 435 23.96 -10.10 9.36
N TYR B 436 23.17 -10.44 10.38
CA TYR B 436 22.45 -9.44 11.17
C TYR B 436 22.53 -9.80 12.64
N ARG B 437 22.47 -8.77 13.49
CA ARG B 437 22.45 -8.99 14.93
C ARG B 437 21.03 -9.29 15.38
N LEU B 438 20.87 -10.38 16.12
CA LEU B 438 19.56 -10.83 16.59
C LEU B 438 19.26 -10.46 18.03
N PHE B 439 20.29 -10.38 18.87
CA PHE B 439 20.11 -10.10 20.29
C PHE B 439 20.96 -8.90 20.69
N ARG B 440 20.43 -8.07 21.59
CA ARG B 440 21.17 -6.93 22.11
C ARG B 440 20.55 -6.50 23.43
N LYS B 441 21.40 -6.12 24.38
CA LYS B 441 20.90 -5.72 25.70
C LYS B 441 20.05 -4.46 25.61
N SER B 442 20.46 -3.49 24.80
CA SER B 442 19.76 -2.22 24.67
C SER B 442 19.57 -1.88 23.21
N LYS B 443 18.55 -1.07 22.93
CA LYS B 443 18.24 -0.69 21.56
C LYS B 443 19.30 0.27 21.02
N LEU B 444 19.27 0.46 19.70
CA LEU B 444 20.28 1.24 19.01
C LEU B 444 19.86 2.69 18.85
N LYS B 445 20.82 3.59 19.08
CA LYS B 445 20.62 5.00 18.77
C LYS B 445 20.56 5.19 17.25
N PRO B 446 19.91 6.26 16.80
CA PRO B 446 19.79 6.48 15.35
C PRO B 446 21.16 6.57 14.68
N PHE B 447 21.26 5.91 13.52
CA PHE B 447 22.48 5.92 12.70
C PHE B 447 23.69 5.46 13.50
N GLU B 448 23.56 4.31 14.15
CA GLU B 448 24.66 3.71 14.87
C GLU B 448 24.80 2.25 14.48
N ARG B 449 26.04 1.81 14.31
CA ARG B 449 26.33 0.42 13.97
C ARG B 449 26.85 -0.33 15.19
N ASP B 450 27.07 -1.62 15.01
CA ASP B 450 27.57 -2.47 16.09
C ASP B 450 28.32 -3.64 15.47
N ILE B 451 29.66 -3.61 15.59
CA ILE B 451 30.50 -4.65 15.02
C ILE B 451 31.02 -5.62 16.09
N SER B 452 31.07 -5.22 17.36
CA SER B 452 31.63 -6.06 18.40
C SER B 452 30.91 -7.39 18.46
N THR B 453 31.68 -8.48 18.53
CA THR B 453 31.16 -9.83 18.49
C THR B 453 31.53 -10.56 19.77
N GLU B 454 30.53 -11.13 20.44
CA GLU B 454 30.76 -11.88 21.67
C GLU B 454 29.57 -12.82 21.87
N ILE B 455 29.76 -13.80 22.75
CA ILE B 455 28.71 -14.76 23.06
C ILE B 455 27.69 -14.07 23.96
N TYR B 456 26.48 -13.88 23.44
CA TYR B 456 25.41 -13.29 24.23
C TYR B 456 25.00 -14.24 25.35
N GLN B 457 24.82 -13.69 26.55
CA GLN B 457 24.47 -14.47 27.73
C GLN B 457 23.01 -14.17 28.09
N ALA B 458 22.20 -15.22 28.15
CA ALA B 458 20.79 -15.11 28.51
C ALA B 458 20.48 -15.82 29.82
N GLY B 459 21.50 -16.18 30.61
CA GLY B 459 21.28 -16.85 31.87
C GLY B 459 22.10 -16.21 32.98
N ASN B 460 21.83 -16.65 34.21
CA ASN B 460 22.55 -16.11 35.36
C ASN B 460 24.03 -16.47 35.31
N LYS B 461 24.34 -17.71 34.95
CA LYS B 461 25.73 -18.13 34.90
C LYS B 461 26.45 -17.46 33.74
N PRO B 462 27.73 -17.13 33.89
CA PRO B 462 28.48 -16.57 32.77
C PRO B 462 28.67 -17.59 31.66
N CYS B 463 28.73 -17.08 30.43
CA CYS B 463 28.88 -17.97 29.27
C CYS B 463 30.29 -18.54 29.16
N ASN B 464 31.29 -17.79 29.65
CA ASN B 464 32.69 -18.23 29.65
C ASN B 464 33.20 -18.54 28.24
N GLY B 465 32.63 -17.87 27.23
CA GLY B 465 33.08 -18.06 25.87
C GLY B 465 32.65 -19.35 25.22
N VAL B 466 31.73 -20.09 25.82
CA VAL B 466 31.25 -21.37 25.30
C VAL B 466 29.76 -21.23 25.04
N ALA B 467 29.33 -21.57 23.82
CA ALA B 467 27.93 -21.46 23.41
C ALA B 467 27.19 -22.72 23.81
N GLY B 468 26.90 -22.83 25.10
CA GLY B 468 26.13 -23.94 25.61
C GLY B 468 24.71 -23.55 25.92
N PRO B 469 24.21 -23.94 27.09
CA PRO B 469 22.87 -23.54 27.50
C PRO B 469 22.85 -22.08 27.93
N ASN B 470 21.80 -21.37 27.54
CA ASN B 470 21.65 -19.94 27.81
C ASN B 470 22.85 -19.16 27.29
N CYS B 471 23.37 -19.57 26.14
CA CYS B 471 24.50 -18.91 25.49
C CYS B 471 24.23 -18.89 24.00
N TYR B 472 24.08 -17.69 23.44
CA TYR B 472 23.65 -17.53 22.07
C TYR B 472 24.66 -16.70 21.28
N SER B 473 24.50 -16.70 19.96
CA SER B 473 25.33 -15.89 19.09
C SER B 473 24.49 -14.78 18.48
N PRO B 474 24.69 -13.52 18.86
CA PRO B 474 23.94 -12.40 18.26
C PRO B 474 24.46 -12.00 16.88
N LEU B 475 24.69 -13.00 16.02
CA LEU B 475 25.14 -12.75 14.65
C LEU B 475 24.64 -13.93 13.81
N GLN B 476 23.53 -13.72 13.10
CA GLN B 476 22.89 -14.75 12.31
C GLN B 476 23.10 -14.45 10.83
N SER B 477 23.55 -15.45 10.08
CA SER B 477 23.83 -15.27 8.66
C SER B 477 22.55 -15.28 7.84
N TYR B 478 22.50 -14.41 6.84
CA TYR B 478 21.37 -14.40 5.92
C TYR B 478 21.51 -15.53 4.90
N GLY B 479 20.37 -15.97 4.38
CA GLY B 479 20.35 -16.93 3.29
C GLY B 479 19.75 -16.34 2.04
N PHE B 480 20.57 -16.14 1.01
CA PHE B 480 20.14 -15.52 -0.23
C PHE B 480 20.25 -16.53 -1.37
N ARG B 481 19.15 -16.74 -2.07
CA ARG B 481 19.07 -17.65 -3.19
C ARG B 481 18.26 -17.01 -4.31
N PRO B 482 18.51 -17.37 -5.57
CA PRO B 482 17.74 -16.77 -6.66
C PRO B 482 16.34 -17.34 -6.82
N THR B 483 16.04 -18.46 -6.19
CA THR B 483 14.71 -19.08 -6.26
C THR B 483 13.80 -18.64 -5.12
N TYR B 484 14.27 -17.77 -4.23
CA TYR B 484 13.48 -17.36 -3.09
C TYR B 484 12.43 -16.33 -3.50
N GLY B 485 11.51 -16.06 -2.57
CA GLY B 485 10.47 -15.08 -2.81
C GLY B 485 11.00 -13.67 -2.90
N VAL B 486 10.13 -12.78 -3.39
CA VAL B 486 10.54 -11.40 -3.66
C VAL B 486 11.00 -10.73 -2.37
N GLY B 487 10.24 -10.91 -1.28
CA GLY B 487 10.67 -10.39 0.00
C GLY B 487 11.94 -11.02 0.53
N HIS B 488 12.25 -12.24 0.08
CA HIS B 488 13.47 -12.93 0.48
C HIS B 488 14.65 -12.64 -0.45
N GLN B 489 14.42 -12.01 -1.60
CA GLN B 489 15.51 -11.65 -2.48
C GLN B 489 16.36 -10.55 -1.86
N PRO B 490 17.66 -10.56 -2.12
CA PRO B 490 18.52 -9.47 -1.62
C PRO B 490 18.19 -8.15 -2.30
N TYR B 491 18.41 -7.06 -1.57
CA TYR B 491 18.13 -5.73 -2.08
C TYR B 491 19.28 -4.80 -1.74
N ARG B 492 19.65 -3.95 -2.69
CA ARG B 492 20.69 -2.94 -2.52
C ARG B 492 20.04 -1.57 -2.35
N VAL B 493 20.39 -0.87 -1.27
CA VAL B 493 19.78 0.40 -0.93
C VAL B 493 20.87 1.45 -0.77
N VAL B 494 20.68 2.60 -1.40
CA VAL B 494 21.55 3.77 -1.26
C VAL B 494 20.70 4.92 -0.75
N VAL B 495 21.13 5.52 0.35
CA VAL B 495 20.41 6.60 1.00
C VAL B 495 21.29 7.83 1.03
N LEU B 496 20.74 8.97 0.64
CA LEU B 496 21.40 10.26 0.71
C LEU B 496 20.70 11.11 1.76
N SER B 497 21.47 11.65 2.70
CA SER B 497 20.96 12.54 3.73
C SER B 497 21.72 13.86 3.66
N PHE B 498 21.00 14.95 3.90
CA PHE B 498 21.53 16.30 3.72
C PHE B 498 21.60 17.03 5.04
N GLU B 499 22.71 17.74 5.25
CA GLU B 499 22.86 18.67 6.37
C GLU B 499 22.56 20.08 5.86
N LEU B 500 21.52 20.70 6.41
CA LEU B 500 21.02 21.96 5.89
C LEU B 500 21.94 23.12 6.29
N LEU B 501 21.50 24.35 6.02
CA LEU B 501 22.34 25.54 6.18
C LEU B 501 22.43 25.90 7.65
N HIS B 502 23.54 25.53 8.29
CA HIS B 502 23.86 26.00 9.63
C HIS B 502 25.28 26.55 9.64
N ALA B 503 26.13 25.99 8.79
CA ALA B 503 27.51 26.43 8.59
C ALA B 503 27.64 26.88 7.14
N PRO B 504 28.79 27.46 6.74
CA PRO B 504 29.01 27.71 5.30
C PRO B 504 28.71 26.50 4.44
N ALA B 505 27.69 26.61 3.60
CA ALA B 505 27.28 25.49 2.76
C ALA B 505 28.39 25.09 1.81
N THR B 506 28.52 23.79 1.56
CA THR B 506 29.59 23.26 0.73
C THR B 506 29.12 22.50 -0.49
N VAL B 507 27.89 21.97 -0.48
CA VAL B 507 27.43 21.07 -1.54
C VAL B 507 26.20 21.69 -2.19
N CYS B 508 26.25 21.85 -3.52
CA CYS B 508 25.13 22.26 -4.35
C CYS B 508 25.55 22.21 -5.81
N GLY B 509 24.57 22.40 -6.68
CA GLY B 509 24.78 22.24 -8.10
C GLY B 509 25.57 23.38 -8.70
N PRO B 510 25.76 23.30 -10.01
CA PRO B 510 26.60 24.30 -10.72
C PRO B 510 25.82 25.55 -11.08
N LYS B 511 25.58 26.39 -10.07
CA LYS B 511 24.90 27.66 -10.27
C LYS B 511 25.94 28.72 -10.61
N LYS B 512 25.71 29.43 -11.73
CA LYS B 512 26.66 30.42 -12.18
C LYS B 512 26.63 31.64 -11.26
N SER B 513 27.81 32.07 -10.82
CA SER B 513 27.90 33.28 -10.03
C SER B 513 27.69 34.51 -10.90
N THR B 514 27.32 35.62 -10.26
CA THR B 514 27.07 36.86 -10.97
C THR B 514 27.65 38.02 -10.16
N ASN B 515 27.61 39.21 -10.77
CA ASN B 515 28.13 40.40 -10.13
C ASN B 515 27.20 40.84 -9.00
N LEU B 516 27.61 41.88 -8.29
CA LEU B 516 26.91 42.37 -7.11
C LEU B 516 26.49 43.81 -7.32
N VAL B 517 25.29 44.16 -6.85
CA VAL B 517 24.75 45.50 -6.97
C VAL B 517 24.22 45.93 -5.59
N LYS B 518 24.14 47.24 -5.40
CA LYS B 518 23.73 47.81 -4.12
C LYS B 518 22.70 48.90 -4.35
N ASN B 519 21.98 49.24 -3.27
CA ASN B 519 20.99 50.33 -3.27
C ASN B 519 19.92 50.11 -4.33
N LYS B 520 19.52 48.86 -4.53
CA LYS B 520 18.47 48.56 -5.49
C LYS B 520 17.66 47.38 -4.98
N CYS B 521 16.34 47.47 -5.10
CA CYS B 521 15.45 46.39 -4.69
C CYS B 521 15.67 45.22 -5.65
N VAL B 522 16.40 44.22 -5.20
CA VAL B 522 16.79 43.08 -6.02
C VAL B 522 16.55 41.80 -5.24
N ASN B 523 16.57 40.68 -5.97
CA ASN B 523 16.49 39.36 -5.39
C ASN B 523 17.89 38.80 -5.19
N PHE B 524 18.17 38.33 -3.99
CA PHE B 524 19.48 37.80 -3.63
C PHE B 524 19.36 36.34 -3.25
N ASN B 525 20.41 35.58 -3.57
CA ASN B 525 20.49 34.16 -3.23
C ASN B 525 21.90 33.89 -2.73
N PHE B 526 22.04 33.84 -1.40
CA PHE B 526 23.33 33.61 -0.75
C PHE B 526 23.34 32.17 -0.23
N ASN B 527 24.00 31.28 -0.97
CA ASN B 527 24.20 29.89 -0.56
C ASN B 527 22.87 29.24 -0.15
N GLY B 528 21.87 29.39 -1.01
CA GLY B 528 20.57 28.81 -0.76
C GLY B 528 19.62 29.67 0.05
N LEU B 529 20.13 30.72 0.70
CA LEU B 529 19.27 31.67 1.40
C LEU B 529 18.73 32.66 0.39
N THR B 530 17.45 32.57 0.09
CA THR B 530 16.82 33.38 -0.96
C THR B 530 15.96 34.46 -0.32
N GLY B 531 16.05 35.67 -0.86
CA GLY B 531 15.24 36.75 -0.35
C GLY B 531 15.22 37.91 -1.33
N THR B 532 14.50 38.97 -0.95
CA THR B 532 14.39 40.18 -1.74
C THR B 532 14.58 41.39 -0.86
N GLY B 533 15.28 42.39 -1.37
CA GLY B 533 15.50 43.59 -0.58
C GLY B 533 16.56 44.47 -1.20
N VAL B 534 17.05 45.41 -0.39
CA VAL B 534 18.09 46.35 -0.78
C VAL B 534 19.32 46.05 0.06
N LEU B 535 20.46 45.87 -0.59
CA LEU B 535 21.72 45.55 0.06
C LEU B 535 22.54 46.83 0.18
N THR B 536 22.93 47.18 1.39
CA THR B 536 23.69 48.38 1.66
C THR B 536 24.94 48.05 2.46
N GLU B 537 25.88 48.99 2.47
CA GLU B 537 27.07 48.83 3.28
C GLU B 537 26.71 48.78 4.76
N SER B 538 27.39 47.93 5.50
CA SER B 538 27.04 47.64 6.89
C SER B 538 28.09 48.20 7.84
N ASN B 539 27.65 48.43 9.08
CA ASN B 539 28.53 48.87 10.15
C ASN B 539 28.69 47.84 11.26
N LYS B 540 27.88 46.77 11.26
CA LYS B 540 27.98 45.77 12.30
C LYS B 540 29.31 45.04 12.21
N LYS B 541 29.87 44.70 13.38
CA LYS B 541 31.17 44.04 13.45
C LYS B 541 30.94 42.54 13.62
N PHE B 542 30.72 41.87 12.49
CA PHE B 542 30.59 40.42 12.50
C PHE B 542 31.88 39.79 13.01
N LEU B 543 31.74 38.83 13.92
CA LEU B 543 32.90 38.10 14.38
C LEU B 543 33.39 37.17 13.28
N PRO B 544 34.69 36.85 13.26
CA PRO B 544 35.25 36.05 12.16
C PRO B 544 34.57 34.71 11.94
N PHE B 545 33.76 34.25 12.89
CA PHE B 545 33.11 32.95 12.80
C PHE B 545 31.59 33.06 12.65
N GLN B 546 31.09 34.20 12.21
CA GLN B 546 29.66 34.42 12.07
C GLN B 546 29.29 34.62 10.60
N GLN B 547 28.12 34.10 10.22
CA GLN B 547 27.66 34.18 8.84
C GLN B 547 26.43 35.04 8.69
N PHE B 548 25.35 34.74 9.41
CA PHE B 548 24.10 35.47 9.29
C PHE B 548 23.95 36.48 10.42
N GLY B 549 22.89 37.27 10.34
CA GLY B 549 22.50 38.14 11.42
C GLY B 549 20.99 38.28 11.47
N ARG B 550 20.40 38.00 12.63
CA ARG B 550 18.95 38.03 12.76
C ARG B 550 18.52 39.27 13.52
N ASP B 551 17.21 39.35 13.80
CA ASP B 551 16.61 40.51 14.43
C ASP B 551 15.62 40.08 15.49
N ILE B 552 14.80 41.03 15.97
CA ILE B 552 13.76 40.69 16.93
C ILE B 552 12.80 39.66 16.34
N ALA B 553 12.47 39.81 15.06
CA ALA B 553 11.57 38.89 14.39
C ALA B 553 12.26 37.65 13.85
N ASP B 554 13.55 37.47 14.17
CA ASP B 554 14.33 36.32 13.70
C ASP B 554 14.33 36.24 12.18
N THR B 555 14.41 37.39 11.53
CA THR B 555 14.50 37.48 10.08
C THR B 555 15.86 38.04 9.70
N THR B 556 16.48 37.45 8.68
CA THR B 556 17.81 37.85 8.29
C THR B 556 17.85 39.31 7.87
N ASP B 557 18.81 40.05 8.40
CA ASP B 557 19.01 41.44 8.01
C ASP B 557 20.46 41.79 7.69
N ALA B 558 21.43 41.06 8.21
CA ALA B 558 22.84 41.27 7.91
C ALA B 558 23.42 39.97 7.39
N VAL B 559 24.10 40.02 6.25
CA VAL B 559 24.62 38.83 5.60
C VAL B 559 26.09 39.07 5.23
N ARG B 560 26.78 37.97 4.91
CA ARG B 560 28.18 38.01 4.53
C ARG B 560 28.35 37.35 3.17
N ASP B 561 29.06 38.02 2.28
CA ASP B 561 29.25 37.51 0.91
C ASP B 561 30.18 36.31 0.93
N PRO B 562 29.74 35.15 0.46
CA PRO B 562 30.63 33.97 0.47
C PRO B 562 31.88 34.14 -0.36
N GLN B 563 31.81 34.87 -1.48
CA GLN B 563 32.97 35.00 -2.35
C GLN B 563 34.03 35.89 -1.72
N THR B 564 33.68 37.15 -1.46
CA THR B 564 34.56 38.09 -0.78
C THR B 564 34.01 38.39 0.60
N LEU B 565 34.86 38.28 1.61
CA LEU B 565 34.42 38.48 2.99
C LEU B 565 33.99 39.93 3.18
N GLU B 566 32.68 40.14 3.27
CA GLU B 566 32.13 41.48 3.42
C GLU B 566 30.74 41.36 4.03
N ILE B 567 30.39 42.31 4.88
CA ILE B 567 29.14 42.31 5.60
C ILE B 567 28.23 43.37 5.00
N LEU B 568 27.00 42.98 4.67
CA LEU B 568 26.03 43.87 4.06
C LEU B 568 24.74 43.85 4.87
N ASP B 569 24.05 44.98 4.89
CA ASP B 569 22.76 45.11 5.57
C ASP B 569 21.64 44.98 4.56
N ILE B 570 20.58 44.27 4.97
CA ILE B 570 19.43 44.01 4.11
C ILE B 570 18.25 44.82 4.62
N THR B 571 17.63 45.58 3.72
CA THR B 571 16.46 46.37 4.08
C THR B 571 15.30 46.00 3.16
N PRO B 572 14.13 45.69 3.70
CA PRO B 572 13.01 45.31 2.84
C PRO B 572 12.61 46.46 1.92
N CYS B 573 12.18 46.10 0.71
CA CYS B 573 11.77 47.11 -0.26
C CYS B 573 10.53 47.84 0.24
N SER B 574 10.45 49.12 -0.10
CA SER B 574 9.42 49.99 0.47
C SER B 574 8.03 49.54 0.06
N PHE B 575 7.07 49.79 0.95
CA PHE B 575 5.68 49.50 0.68
C PHE B 575 4.80 50.49 1.43
N GLY B 576 3.55 50.59 1.01
CA GLY B 576 2.62 51.50 1.65
C GLY B 576 1.21 51.19 1.24
N GLY B 577 0.27 51.99 1.76
CA GLY B 577 -1.14 51.85 1.45
C GLY B 577 -1.63 53.05 0.65
N VAL B 578 -2.68 52.82 -0.14
CA VAL B 578 -3.24 53.84 -1.03
C VAL B 578 -4.67 54.13 -0.60
N SER B 579 -4.99 55.42 -0.44
CA SER B 579 -6.34 55.86 -0.10
C SER B 579 -6.83 56.84 -1.15
N VAL B 580 -8.14 56.88 -1.34
CA VAL B 580 -8.78 57.71 -2.35
C VAL B 580 -9.77 58.64 -1.65
N ILE B 581 -9.66 59.94 -1.95
CA ILE B 581 -10.57 60.96 -1.44
C ILE B 581 -11.37 61.51 -2.61
N THR B 582 -12.69 61.46 -2.50
CA THR B 582 -13.55 61.90 -3.58
C THR B 582 -14.93 62.22 -3.02
N PRO B 583 -15.65 63.17 -3.61
CA PRO B 583 -17.06 63.37 -3.24
C PRO B 583 -17.95 62.29 -3.83
N GLY B 584 -19.26 62.42 -3.65
CA GLY B 584 -20.17 61.42 -4.19
C GLY B 584 -20.11 61.37 -5.71
N THR B 585 -20.40 60.18 -6.24
CA THR B 585 -20.34 59.98 -7.69
C THR B 585 -21.31 60.90 -8.43
N ASN B 586 -22.41 61.28 -7.78
CA ASN B 586 -23.38 62.19 -8.39
C ASN B 586 -22.82 63.59 -8.62
N THR B 587 -21.69 63.93 -8.00
CA THR B 587 -21.13 65.28 -8.14
C THR B 587 -20.10 65.34 -9.26
N SER B 588 -19.04 64.55 -9.17
CA SER B 588 -17.97 64.59 -10.16
C SER B 588 -17.21 63.27 -10.12
N ASN B 589 -16.41 63.04 -11.16
CA ASN B 589 -15.62 61.83 -11.30
C ASN B 589 -14.16 62.01 -10.92
N GLN B 590 -13.81 63.14 -10.31
CA GLN B 590 -12.43 63.43 -9.94
C GLN B 590 -12.12 62.84 -8.57
N VAL B 591 -10.89 62.34 -8.40
CA VAL B 591 -10.43 61.72 -7.17
C VAL B 591 -9.04 62.24 -6.82
N ALA B 592 -8.65 62.04 -5.58
CA ALA B 592 -7.32 62.37 -5.09
C ALA B 592 -6.71 61.14 -4.44
N VAL B 593 -5.43 60.89 -4.70
CA VAL B 593 -4.73 59.70 -4.23
C VAL B 593 -3.76 60.10 -3.14
N LEU B 594 -3.78 59.35 -2.04
CA LEU B 594 -2.89 59.60 -0.90
C LEU B 594 -2.15 58.32 -0.57
N TYR B 595 -0.82 58.40 -0.52
CA TYR B 595 0.01 57.29 -0.09
C TYR B 595 0.30 57.46 1.40
N GLN B 596 -0.10 56.48 2.20
CA GLN B 596 -0.06 56.63 3.65
C GLN B 596 1.36 56.40 4.17
N GLY B 597 1.88 57.38 4.89
CA GLY B 597 3.15 57.24 5.59
C GLY B 597 4.37 57.06 4.72
N VAL B 598 4.43 57.74 3.58
CA VAL B 598 5.59 57.69 2.69
C VAL B 598 5.83 59.10 2.14
N ASN B 599 7.09 59.52 2.12
CA ASN B 599 7.43 60.84 1.60
C ASN B 599 7.14 60.93 0.11
N CYS B 600 6.83 62.16 -0.34
CA CYS B 600 6.40 62.38 -1.71
C CYS B 600 7.54 62.26 -2.72
N THR B 601 8.78 62.16 -2.28
CA THR B 601 9.93 62.12 -3.18
C THR B 601 10.51 60.72 -3.35
N GLU B 602 9.78 59.68 -2.92
CA GLU B 602 10.30 58.31 -2.98
C GLU B 602 9.46 57.37 -3.85
N VAL B 603 8.14 57.55 -3.89
CA VAL B 603 7.26 56.67 -4.65
C VAL B 603 7.69 56.54 -6.10
N VAL C 3 54.13 2.01 32.86
CA VAL C 3 54.79 2.38 34.11
C VAL C 3 54.00 3.43 34.85
N ASN C 4 53.77 3.20 36.14
CA ASN C 4 53.00 4.12 36.98
C ASN C 4 53.97 5.04 37.71
N LEU C 5 53.98 6.31 37.33
CA LEU C 5 54.89 7.27 37.93
C LEU C 5 54.26 8.65 38.10
N ILE C 6 52.94 8.75 37.98
CA ILE C 6 52.20 9.99 38.15
C ILE C 6 51.19 9.78 39.26
N THR C 7 51.14 10.71 40.22
CA THR C 7 50.16 10.63 41.28
C THR C 7 49.33 11.91 41.32
N ARG C 8 48.14 11.80 41.88
CA ARG C 8 47.15 12.86 41.77
C ARG C 8 46.39 13.04 43.08
N THR C 9 45.96 14.27 43.32
CA THR C 9 45.13 14.61 44.47
C THR C 9 43.94 15.42 44.00
N GLN C 10 42.84 15.31 44.73
CA GLN C 10 41.60 15.96 44.37
C GLN C 10 41.14 16.91 45.46
N SER C 11 40.75 18.11 45.06
CA SER C 11 40.03 19.06 45.89
C SER C 11 38.75 19.44 45.17
N TYR C 12 37.92 20.26 45.80
CA TYR C 12 36.65 20.65 45.20
C TYR C 12 36.44 22.15 45.32
N THR C 13 35.66 22.70 44.38
CA THR C 13 35.39 24.12 44.36
C THR C 13 34.01 24.33 43.74
N ASN C 14 33.42 25.48 44.03
CA ASN C 14 32.19 25.89 43.36
C ASN C 14 32.54 26.56 42.03
N SER C 15 31.75 26.25 41.01
CA SER C 15 32.04 26.74 39.66
C SER C 15 31.81 28.23 39.50
N PHE C 16 31.21 28.90 40.48
CA PHE C 16 30.79 30.30 40.38
C PHE C 16 29.88 30.39 39.16
N THR C 17 30.12 31.29 38.22
CA THR C 17 29.30 31.38 37.01
C THR C 17 30.24 31.56 35.82
N ARG C 18 30.70 30.43 35.27
CA ARG C 18 31.58 30.43 34.11
C ARG C 18 31.13 29.35 33.15
N GLY C 19 31.53 29.50 31.88
CA GLY C 19 31.26 28.49 30.89
C GLY C 19 30.05 28.77 30.02
N VAL C 20 29.94 30.00 29.52
CA VAL C 20 28.91 30.37 28.56
C VAL C 20 29.58 30.57 27.21
N TYR C 21 29.11 29.83 26.21
CA TYR C 21 29.71 29.84 24.88
C TYR C 21 28.63 30.14 23.85
N TYR C 22 29.02 30.83 22.78
CA TYR C 22 28.08 31.18 21.73
C TYR C 22 27.44 29.92 21.17
N PRO C 23 26.16 29.68 21.47
CA PRO C 23 25.56 28.39 21.08
C PRO C 23 25.47 28.20 19.58
N ASP C 24 25.39 29.27 18.80
CA ASP C 24 25.15 29.18 17.38
C ASP C 24 26.14 30.05 16.62
N LYS C 25 26.04 29.99 15.29
CA LYS C 25 26.93 30.73 14.39
C LYS C 25 26.34 32.07 13.97
N VAL C 26 25.30 32.54 14.66
CA VAL C 26 24.55 33.69 14.22
C VAL C 26 25.03 34.93 14.95
N PHE C 27 24.60 36.10 14.49
CA PHE C 27 24.96 37.38 15.08
C PHE C 27 23.70 38.08 15.55
N ARG C 28 23.73 38.57 16.79
CA ARG C 28 22.63 39.32 17.36
C ARG C 28 23.19 40.46 18.20
N SER C 29 22.37 41.50 18.40
CA SER C 29 22.82 42.66 19.17
C SER C 29 21.66 43.25 19.95
N SER C 30 21.91 43.56 21.22
CA SER C 30 20.93 44.22 22.09
C SER C 30 19.63 43.41 22.18
N VAL C 31 19.77 42.09 22.24
CA VAL C 31 18.62 41.18 22.28
C VAL C 31 18.83 40.20 23.42
N LEU C 32 17.79 39.99 24.22
CA LEU C 32 17.78 38.96 25.24
C LEU C 32 17.24 37.68 24.61
N HIS C 33 18.11 36.71 24.38
CA HIS C 33 17.73 35.48 23.72
C HIS C 33 17.63 34.34 24.71
N SER C 34 16.90 33.31 24.32
CA SER C 34 16.72 32.11 25.13
C SER C 34 17.17 30.90 24.35
N THR C 35 17.90 30.00 25.00
CA THR C 35 18.48 28.85 24.32
C THR C 35 18.39 27.64 25.22
N GLN C 36 18.30 26.46 24.62
CA GLN C 36 18.34 25.20 25.35
C GLN C 36 19.45 24.34 24.76
N ASP C 37 20.43 23.97 25.58
CA ASP C 37 21.58 23.23 25.09
C ASP C 37 22.38 22.74 26.29
N LEU C 38 23.53 22.14 26.01
CA LEU C 38 24.41 21.66 27.07
C LEU C 38 25.25 22.82 27.60
N PHE C 39 25.26 22.97 28.93
CA PHE C 39 26.04 24.01 29.57
C PHE C 39 26.54 23.48 30.91
N LEU C 40 27.40 24.26 31.56
CA LEU C 40 27.85 23.95 32.90
C LEU C 40 26.97 24.73 33.88
N PRO C 41 26.17 24.07 34.71
CA PRO C 41 25.25 24.80 35.58
C PRO C 41 26.00 25.72 36.53
N PHE C 42 25.39 26.86 36.83
CA PHE C 42 26.03 27.82 37.72
C PHE C 42 26.18 27.24 39.12
N PHE C 43 27.26 27.64 39.79
CA PHE C 43 27.61 27.14 41.12
C PHE C 43 27.67 25.62 41.15
N SER C 44 28.33 25.05 40.14
CA SER C 44 28.48 23.60 40.04
C SER C 44 29.66 23.17 40.90
N ASN C 45 29.99 21.89 40.85
CA ASN C 45 30.92 21.30 41.81
C ASN C 45 32.12 20.82 40.99
N VAL C 46 33.10 21.71 40.76
CA VAL C 46 34.25 21.37 39.93
C VAL C 46 35.29 20.68 40.79
N THR C 47 35.89 19.62 40.25
CA THR C 47 36.85 18.79 40.97
C THR C 47 38.26 19.21 40.56
N TRP C 48 38.88 20.02 41.40
CA TRP C 48 40.26 20.45 41.14
C TRP C 48 41.19 19.24 41.22
N PHE C 49 42.02 19.06 40.20
CA PHE C 49 43.02 18.02 40.17
C PHE C 49 44.41 18.64 40.30
N HIS C 50 45.21 18.10 41.21
CA HIS C 50 46.58 18.52 41.44
C HIS C 50 47.48 17.30 41.23
N ALA C 51 48.24 17.31 40.13
CA ALA C 51 49.03 16.16 39.74
C ALA C 51 50.51 16.43 40.00
N ILE C 52 51.18 15.45 40.61
CA ILE C 52 52.59 15.57 40.96
C ILE C 52 53.31 14.29 40.53
N HIS C 53 54.61 14.45 40.31
CA HIS C 53 55.51 13.33 40.07
C HIS C 53 56.91 13.67 40.53
N ASP C 64 47.24 6.00 40.73
CA ASP C 64 46.52 6.93 39.87
C ASP C 64 45.46 6.21 39.04
N ASN C 65 44.29 6.82 38.93
CA ASN C 65 43.19 6.32 38.10
C ASN C 65 42.82 7.47 37.18
N PRO C 66 43.56 7.64 36.09
CA PRO C 66 43.33 8.80 35.22
C PRO C 66 42.26 8.53 34.16
N ALA C 67 41.44 7.51 34.36
CA ALA C 67 40.34 7.21 33.45
C ALA C 67 39.12 8.06 33.84
N LEU C 68 39.24 9.35 33.56
CA LEU C 68 38.17 10.28 33.90
C LEU C 68 36.97 10.07 32.99
N PRO C 69 35.78 9.87 33.54
CA PRO C 69 34.60 9.71 32.69
C PRO C 69 34.32 10.96 31.88
N PHE C 70 33.76 10.77 30.69
CA PHE C 70 33.50 11.87 29.79
C PHE C 70 32.09 12.43 29.93
N ASN C 71 31.10 11.56 30.12
CA ASN C 71 29.69 11.97 30.22
C ASN C 71 29.31 12.70 28.93
N ASP C 72 28.39 13.65 29.01
CA ASP C 72 27.89 14.31 27.80
C ASP C 72 28.90 15.31 27.25
N GLY C 73 29.53 16.11 28.11
CA GLY C 73 30.48 17.11 27.66
C GLY C 73 31.32 17.57 28.82
N VAL C 74 32.52 18.06 28.49
CA VAL C 74 33.52 18.34 29.52
C VAL C 74 34.00 19.77 29.38
N TYR C 75 34.14 20.45 30.53
CA TYR C 75 34.70 21.79 30.60
C TYR C 75 36.04 21.69 31.32
N PHE C 76 37.11 22.10 30.67
CA PHE C 76 38.46 21.93 31.16
C PHE C 76 39.11 23.31 31.25
N ALA C 77 39.53 23.69 32.46
CA ALA C 77 40.07 25.02 32.68
C ALA C 77 41.41 24.91 33.39
N SER C 78 42.41 25.64 32.90
CA SER C 78 43.73 25.60 33.49
C SER C 78 44.30 27.01 33.59
N THR C 79 45.35 27.14 34.39
CA THR C 79 46.02 28.42 34.59
C THR C 79 47.53 28.32 34.50
N GLU C 80 48.06 27.18 34.09
CA GLU C 80 49.51 27.01 34.03
C GLU C 80 50.09 27.72 32.81
N LYS C 81 51.39 28.01 32.87
CA LYS C 81 52.07 28.73 31.81
C LYS C 81 53.12 27.91 31.09
N SER C 82 53.67 26.87 31.72
CA SER C 82 54.73 26.07 31.11
C SER C 82 54.27 25.26 29.92
N ASN C 83 53.01 25.39 29.49
CA ASN C 83 52.43 24.61 28.41
C ASN C 83 52.53 23.11 28.69
N ILE C 84 52.68 22.74 29.95
CA ILE C 84 52.86 21.34 30.31
C ILE C 84 51.61 20.53 30.04
N ILE C 85 50.46 21.19 29.91
CA ILE C 85 49.21 20.52 29.58
C ILE C 85 49.08 20.47 28.06
N ARG C 86 48.99 19.27 27.52
CA ARG C 86 48.90 19.09 26.07
C ARG C 86 48.18 17.79 25.77
N GLY C 87 47.25 17.84 24.83
CA GLY C 87 46.62 16.63 24.35
C GLY C 87 45.45 16.18 25.20
N TRP C 88 44.57 15.41 24.57
CA TRP C 88 43.36 14.91 25.20
C TRP C 88 42.95 13.64 24.47
N ILE C 89 42.83 12.54 25.18
CA ILE C 89 42.54 11.23 24.59
C ILE C 89 41.14 10.82 25.02
N PHE C 90 40.35 10.28 24.10
CA PHE C 90 38.96 9.97 24.35
C PHE C 90 38.65 8.54 23.92
N GLY C 91 37.68 7.92 24.58
CA GLY C 91 37.32 6.57 24.23
C GLY C 91 36.21 6.05 25.12
N THR C 92 35.88 4.77 24.92
CA THR C 92 34.83 4.09 25.66
C THR C 92 35.39 3.08 26.66
N THR C 93 36.16 2.11 26.18
CA THR C 93 36.84 1.14 27.03
C THR C 93 38.35 1.22 26.91
N LEU C 94 38.87 1.85 25.86
CA LEU C 94 40.29 2.08 25.69
C LEU C 94 41.08 0.77 25.75
N ASP C 95 40.57 -0.25 25.06
CA ASP C 95 41.20 -1.56 25.03
C ASP C 95 41.05 -2.15 23.63
N SER C 96 41.56 -3.37 23.46
CA SER C 96 41.57 -4.05 22.18
C SER C 96 40.28 -4.81 21.89
N LYS C 97 39.21 -4.54 22.65
CA LYS C 97 37.92 -5.16 22.41
C LYS C 97 36.89 -4.23 21.81
N THR C 98 37.00 -2.92 22.06
CA THR C 98 36.10 -1.93 21.50
C THR C 98 36.92 -0.80 20.90
N GLN C 99 36.39 -0.19 19.84
CA GLN C 99 37.11 0.86 19.14
C GLN C 99 37.37 2.04 20.07
N SER C 100 38.54 2.65 19.88
CA SER C 100 38.93 3.78 20.72
C SER C 100 39.60 4.82 19.85
N LEU C 101 39.51 6.07 20.28
CA LEU C 101 40.02 7.20 19.52
C LEU C 101 41.45 7.50 19.96
N LEU C 102 42.14 8.30 19.16
CA LEU C 102 43.54 8.64 19.43
C LEU C 102 43.80 10.11 19.17
N ILE C 103 42.91 10.98 19.63
CA ILE C 103 43.17 12.41 19.49
C ILE C 103 44.40 12.75 20.30
N VAL C 104 45.41 13.30 19.63
CA VAL C 104 46.68 13.62 20.28
C VAL C 104 47.03 15.04 19.84
N ASN C 105 46.74 16.02 20.69
CA ASN C 105 46.92 17.42 20.35
C ASN C 105 48.30 17.87 20.81
N ASN C 106 49.14 18.24 19.87
CA ASN C 106 50.51 18.66 20.11
C ASN C 106 50.65 20.13 19.72
N ALA C 107 51.90 20.60 19.65
CA ALA C 107 52.21 22.02 19.46
C ALA C 107 51.32 22.70 18.42
N THR C 108 51.36 22.23 17.17
CA THR C 108 50.55 22.83 16.10
C THR C 108 49.93 21.77 15.20
N ASN C 109 49.36 20.71 15.77
CA ASN C 109 48.78 19.67 14.94
C ASN C 109 47.72 18.90 15.72
N VAL C 110 46.93 18.10 15.00
CA VAL C 110 46.01 17.18 15.63
C VAL C 110 45.79 15.96 14.72
N VAL C 111 45.75 14.77 15.31
CA VAL C 111 45.63 13.53 14.55
C VAL C 111 44.62 12.63 15.25
N ILE C 112 43.91 11.82 14.47
CA ILE C 112 42.88 10.92 14.98
C ILE C 112 43.13 9.53 14.41
N LYS C 113 43.11 8.53 15.28
CA LYS C 113 43.08 7.13 14.88
C LYS C 113 42.01 6.43 15.70
N VAL C 114 40.97 5.93 15.04
CA VAL C 114 39.85 5.30 15.70
C VAL C 114 39.78 3.84 15.27
N CYS C 115 40.22 2.95 16.16
CA CYS C 115 39.85 1.54 16.18
C CYS C 115 40.21 0.97 17.55
N GLU C 116 40.21 -0.36 17.64
CA GLU C 116 40.30 -1.05 18.93
C GLU C 116 41.73 -1.04 19.50
N PHE C 117 42.25 0.16 19.68
CA PHE C 117 43.56 0.31 20.30
C PHE C 117 43.48 -0.02 21.78
N GLN C 118 44.48 -0.77 22.26
CA GLN C 118 44.59 -1.03 23.68
C GLN C 118 45.35 0.10 24.35
N PHE C 119 45.07 0.33 25.63
CA PHE C 119 45.67 1.43 26.37
C PHE C 119 46.28 0.91 27.66
N CYS C 120 47.41 1.51 28.07
CA CYS C 120 48.15 1.03 29.26
C CYS C 120 47.68 1.73 30.54
N ASN C 121 48.59 1.91 31.51
CA ASN C 121 48.22 2.53 32.81
C ASN C 121 48.40 4.05 32.72
N ASP C 122 49.63 4.53 32.51
CA ASP C 122 49.88 5.99 32.46
C ASP C 122 50.00 6.45 31.00
N PRO C 123 48.95 7.05 30.42
CA PRO C 123 49.00 7.56 29.05
C PRO C 123 49.83 8.83 29.00
N PHE C 124 51.15 8.67 28.99
CA PHE C 124 52.05 9.86 28.89
C PHE C 124 52.92 9.75 27.64
N LEU C 125 53.66 10.80 27.33
CA LEU C 125 54.57 10.83 26.19
C LEU C 125 56.00 10.96 26.68
N ASP C 126 56.89 10.14 26.11
CA ASP C 126 58.26 10.09 26.57
C ASP C 126 58.97 11.42 26.37
N VAL C 127 58.74 12.07 25.23
CA VAL C 127 59.32 13.37 24.87
C VAL C 127 60.78 13.52 25.31
N GLU C 137 58.72 11.67 22.13
CA GLU C 137 57.43 12.09 21.60
C GLU C 137 56.68 10.89 21.05
N SER C 138 56.89 9.73 21.68
CA SER C 138 56.34 8.48 21.18
C SER C 138 54.99 8.19 21.83
N GLU C 139 53.98 7.94 21.01
CA GLU C 139 52.66 7.54 21.48
C GLU C 139 52.52 6.03 21.61
N PHE C 140 53.64 5.31 21.67
CA PHE C 140 53.57 3.86 21.82
C PHE C 140 52.99 3.48 23.18
N ARG C 141 53.17 4.32 24.19
CA ARG C 141 52.60 4.10 25.53
C ARG C 141 51.11 4.35 25.57
N VAL C 142 50.50 4.61 24.42
CA VAL C 142 49.08 4.88 24.30
C VAL C 142 48.35 3.74 23.60
N TYR C 143 48.90 3.25 22.50
CA TYR C 143 48.29 2.17 21.74
C TYR C 143 49.38 1.24 21.22
N SER C 144 49.01 -0.02 21.01
CA SER C 144 49.90 -0.99 20.39
C SER C 144 49.35 -1.50 19.06
N SER C 145 48.14 -2.06 19.06
CA SER C 145 47.67 -2.65 17.77
C SER C 145 46.15 -2.86 17.75
N ALA C 146 45.62 -3.21 16.58
CA ALA C 146 44.18 -3.49 16.40
C ALA C 146 44.00 -4.15 15.03
N ASN C 147 42.85 -4.76 14.76
CA ASN C 147 42.61 -5.33 13.41
C ASN C 147 42.72 -4.19 12.38
N ASN C 148 43.14 -4.50 11.15
CA ASN C 148 43.32 -3.46 10.11
C ASN C 148 42.52 -2.21 10.54
N CYS C 149 43.21 -1.18 11.05
CA CYS C 149 42.47 -0.01 11.61
C CYS C 149 41.41 0.50 10.64
N THR C 150 40.24 0.88 11.18
CA THR C 150 39.12 1.34 10.33
C THR C 150 39.35 2.74 9.78
N PHE C 151 39.84 3.68 10.60
CA PHE C 151 39.93 5.09 10.11
C PHE C 151 41.17 5.84 10.61
N GLU C 152 41.71 6.74 9.79
CA GLU C 152 42.86 7.59 10.22
C GLU C 152 42.61 8.99 9.64
N TYR C 153 42.75 10.04 10.46
CA TYR C 153 42.47 11.39 10.02
C TYR C 153 43.52 12.34 10.58
N VAL C 154 43.74 13.46 9.88
CA VAL C 154 44.68 14.49 10.29
C VAL C 154 44.03 15.85 10.15
N SER C 155 44.53 16.82 10.93
CA SER C 155 44.14 18.21 10.77
C SER C 155 45.22 19.12 11.33
N GLN C 156 45.26 20.34 10.81
CA GLN C 156 46.37 21.26 11.05
C GLN C 156 45.86 22.60 11.58
N PRO C 157 45.93 22.84 12.88
CA PRO C 157 45.61 24.16 13.43
C PRO C 157 46.83 25.06 13.51
N PHE C 158 46.66 26.24 14.11
CA PHE C 158 47.74 27.15 14.42
C PHE C 158 47.67 27.56 15.89
N LEU C 159 47.49 26.57 16.75
CA LEU C 159 47.30 26.79 18.18
C LEU C 159 48.50 27.54 18.76
N MET C 160 48.29 28.20 19.89
CA MET C 160 49.32 29.10 20.41
C MET C 160 50.51 28.32 20.95
N LYS C 170 48.94 33.83 35.09
CA LYS C 170 48.66 35.18 34.59
C LYS C 170 47.50 35.16 33.61
N ASN C 171 47.12 33.97 33.16
CA ASN C 171 46.03 33.81 32.22
C ASN C 171 45.26 32.53 32.53
N LEU C 172 43.97 32.55 32.20
CA LEU C 172 43.12 31.38 32.32
C LEU C 172 42.77 30.88 30.92
N ARG C 173 42.95 29.59 30.69
CA ARG C 173 42.60 28.96 29.44
C ARG C 173 41.43 28.02 29.69
N GLU C 174 40.33 28.23 28.98
CA GLU C 174 39.11 27.48 29.19
C GLU C 174 38.72 26.80 27.89
N PHE C 175 38.36 25.52 27.96
CA PHE C 175 37.94 24.76 26.80
C PHE C 175 36.66 24.00 27.14
N VAL C 176 35.82 23.79 26.14
CA VAL C 176 34.61 23.00 26.28
C VAL C 176 34.55 22.03 25.11
N PHE C 177 34.50 20.74 25.41
CA PHE C 177 34.41 19.72 24.38
C PHE C 177 33.07 19.01 24.48
N LYS C 178 32.41 18.80 23.34
CA LYS C 178 31.16 18.05 23.40
C LYS C 178 30.99 17.22 22.14
N ASN C 179 30.13 16.19 22.25
CA ASN C 179 29.78 15.32 21.15
C ASN C 179 28.26 15.25 21.05
N ILE C 180 27.72 15.69 19.92
CA ILE C 180 26.29 15.67 19.67
C ILE C 180 26.03 14.97 18.33
N ASP C 181 25.18 13.94 18.37
CA ASP C 181 24.74 13.21 17.18
C ASP C 181 25.94 12.83 16.30
N GLY C 182 26.94 12.24 16.93
CA GLY C 182 28.15 11.87 16.21
C GLY C 182 28.87 13.07 15.63
N TYR C 183 29.06 14.12 16.44
CA TYR C 183 29.73 15.33 16.00
C TYR C 183 30.52 15.90 17.18
N PHE C 184 31.83 15.97 17.05
CA PHE C 184 32.72 16.44 18.10
C PHE C 184 33.05 17.90 17.82
N LYS C 185 32.68 18.78 18.76
CA LYS C 185 32.86 20.22 18.62
C LYS C 185 33.65 20.74 19.81
N ILE C 186 34.55 21.68 19.54
CA ILE C 186 35.43 22.25 20.57
C ILE C 186 35.26 23.76 20.60
N TYR C 187 35.14 24.31 21.82
CA TYR C 187 35.06 25.74 22.06
C TYR C 187 36.22 26.14 22.97
N SER C 188 36.71 27.36 22.81
CA SER C 188 37.90 27.76 23.56
C SER C 188 37.82 29.24 23.93
N LYS C 189 38.62 29.62 24.92
CA LYS C 189 38.79 31.03 25.26
C LYS C 189 40.03 31.22 26.12
N HIS C 190 40.84 32.20 25.74
CA HIS C 190 42.02 32.61 26.48
C HIS C 190 41.74 33.96 27.10
N THR C 191 41.81 34.04 28.42
CA THR C 191 41.48 35.29 29.10
C THR C 191 42.60 35.69 30.04
N PRO C 192 42.80 36.98 30.26
CA PRO C 192 43.80 37.42 31.25
C PRO C 192 43.20 37.51 32.64
N ILE C 193 43.97 37.08 33.62
CA ILE C 193 43.56 37.10 35.02
C ILE C 193 44.72 37.60 35.86
N ASN C 194 44.41 38.44 36.85
CA ASN C 194 45.42 38.91 37.79
C ASN C 194 45.85 37.75 38.69
N LEU C 195 46.76 38.05 39.61
CA LEU C 195 47.28 37.04 40.54
C LEU C 195 46.16 36.65 41.50
N GLU C 196 45.58 35.48 41.28
CA GLU C 196 44.48 34.99 42.10
C GLU C 196 44.58 33.48 42.21
N ARG C 197 43.85 32.91 43.17
CA ARG C 197 43.93 31.50 43.45
C ARG C 197 42.74 30.68 42.96
N ASP C 198 41.61 31.32 42.67
CA ASP C 198 40.42 30.60 42.25
C ASP C 198 39.87 31.23 40.97
N LEU C 199 38.75 30.68 40.50
CA LEU C 199 38.09 31.24 39.34
C LEU C 199 37.55 32.63 39.68
N PRO C 200 37.58 33.56 38.74
CA PRO C 200 37.14 34.92 39.05
C PRO C 200 35.66 35.14 38.79
N GLN C 201 35.17 36.34 39.11
CA GLN C 201 33.81 36.72 38.77
C GLN C 201 33.77 37.17 37.31
N GLY C 202 32.67 37.78 36.90
CA GLY C 202 32.52 38.23 35.54
C GLY C 202 32.32 37.07 34.59
N PHE C 203 32.18 37.42 33.31
CA PHE C 203 31.89 36.43 32.28
C PHE C 203 32.97 36.44 31.21
N SER C 204 32.91 35.41 30.37
CA SER C 204 33.82 35.30 29.23
C SER C 204 33.15 34.38 28.23
N ALA C 205 32.75 34.93 27.09
CA ALA C 205 32.17 34.11 26.04
C ALA C 205 33.24 33.22 25.41
N LEU C 206 32.81 32.09 24.88
CA LEU C 206 33.71 31.12 24.27
C LEU C 206 33.40 31.01 22.78
N GLU C 207 34.43 30.71 21.98
CA GLU C 207 34.26 30.66 20.54
C GLU C 207 34.62 29.30 20.00
N PRO C 208 34.01 28.88 18.89
CA PRO C 208 34.28 27.55 18.32
C PRO C 208 35.57 27.52 17.53
N LEU C 209 36.18 26.32 17.49
CA LEU C 209 37.37 26.09 16.68
C LEU C 209 37.21 24.98 15.66
N VAL C 210 36.73 23.80 16.07
CA VAL C 210 36.80 22.61 15.22
C VAL C 210 35.56 21.76 15.44
N ASP C 211 35.11 21.12 14.35
CA ASP C 211 34.07 20.11 14.33
C ASP C 211 34.52 18.91 13.51
N LEU C 212 34.12 17.71 13.93
CA LEU C 212 34.41 16.50 13.17
C LEU C 212 33.49 15.35 13.59
N PRO C 213 32.88 14.63 12.66
CA PRO C 213 31.95 13.56 13.02
C PRO C 213 32.59 12.19 13.26
N ILE C 214 33.07 11.91 14.47
CA ILE C 214 33.56 10.57 14.78
C ILE C 214 32.41 9.58 14.92
N GLY C 215 31.49 9.85 15.85
CA GLY C 215 30.29 9.03 15.97
C GLY C 215 30.42 7.67 16.66
N ILE C 216 30.61 7.67 17.98
CA ILE C 216 30.79 6.45 18.76
C ILE C 216 30.42 6.75 20.20
N ASN C 217 30.41 5.70 21.02
CA ASN C 217 30.21 5.86 22.48
C ASN C 217 31.55 6.18 23.16
N ILE C 218 31.82 7.43 23.53
CA ILE C 218 32.98 7.82 24.33
C ILE C 218 32.46 7.98 25.75
N THR C 219 32.96 7.17 26.66
CA THR C 219 32.54 7.24 28.05
C THR C 219 33.64 7.69 29.00
N ARG C 220 34.86 7.87 28.52
CA ARG C 220 35.93 8.34 29.37
C ARG C 220 36.99 9.04 28.52
N PHE C 221 37.80 9.84 29.19
CA PHE C 221 38.86 10.57 28.54
C PHE C 221 40.01 10.74 29.51
N GLN C 222 41.11 11.27 28.99
CA GLN C 222 42.38 11.31 29.69
C GLN C 222 43.14 12.55 29.25
N THR C 223 43.78 13.21 30.20
CA THR C 223 44.67 14.31 29.90
C THR C 223 46.10 13.83 29.83
N LEU C 224 46.94 14.63 29.18
CA LEU C 224 48.31 14.25 28.90
C LEU C 224 49.23 15.42 29.21
N LEU C 225 50.48 15.12 29.57
CA LEU C 225 51.44 16.14 29.96
C LEU C 225 52.78 15.82 29.31
N ALA C 226 53.78 16.65 29.63
CA ALA C 226 55.13 16.47 29.12
C ALA C 226 56.10 16.20 30.26
N LEU C 227 56.87 15.12 30.15
CA LEU C 227 57.86 14.73 31.13
C LEU C 227 59.12 14.27 30.39
N HIS C 228 60.23 14.96 30.62
CA HIS C 228 61.43 14.76 29.81
C HIS C 228 62.43 13.88 30.53
N ARG C 229 62.99 12.92 29.79
CA ARG C 229 64.01 12.02 30.33
C ARG C 229 65.37 12.26 29.66
N TRP C 241 63.34 10.09 33.96
CA TRP C 241 62.56 11.27 33.58
C TRP C 241 62.87 12.44 34.50
N THR C 242 61.88 13.33 34.67
CA THR C 242 62.06 14.52 35.50
C THR C 242 60.78 14.77 36.28
N ALA C 243 60.91 15.41 37.43
CA ALA C 243 59.77 15.72 38.28
C ALA C 243 58.83 16.69 37.58
N GLY C 244 57.54 16.55 37.87
CA GLY C 244 56.53 17.38 37.22
C GLY C 244 55.44 17.79 38.19
N ALA C 245 54.87 18.96 37.92
CA ALA C 245 53.79 19.53 38.72
C ALA C 245 52.75 20.13 37.80
N ALA C 246 51.48 19.96 38.15
CA ALA C 246 50.40 20.54 37.35
C ALA C 246 49.14 20.63 38.19
N ALA C 247 48.22 21.47 37.73
CA ALA C 247 46.93 21.65 38.38
C ALA C 247 45.93 22.13 37.35
N TYR C 248 44.70 21.62 37.44
CA TYR C 248 43.65 22.05 36.52
C TYR C 248 42.29 21.76 37.14
N TYR C 249 41.25 22.20 36.45
CA TYR C 249 39.87 22.08 36.91
C TYR C 249 39.04 21.42 35.81
N VAL C 250 38.16 20.51 36.22
CA VAL C 250 37.34 19.74 35.30
C VAL C 250 35.90 19.76 35.79
N GLY C 251 34.97 20.05 34.87
CA GLY C 251 33.56 20.01 35.19
C GLY C 251 32.78 19.31 34.11
N TYR C 252 31.60 18.82 34.48
CA TYR C 252 30.78 18.02 33.58
C TYR C 252 29.55 18.80 33.16
N LEU C 253 29.28 18.83 31.86
CA LEU C 253 28.15 19.56 31.33
C LEU C 253 26.84 18.79 31.53
N GLN C 254 25.74 19.52 31.44
CA GLN C 254 24.41 18.94 31.54
C GLN C 254 23.50 19.71 30.60
N PRO C 255 22.40 19.09 30.15
CA PRO C 255 21.42 19.84 29.36
C PRO C 255 20.65 20.81 30.24
N ARG C 256 20.55 22.06 29.79
CA ARG C 256 19.91 23.11 30.56
C ARG C 256 19.31 24.12 29.59
N THR C 257 18.63 25.11 30.16
CA THR C 257 18.04 26.22 29.41
C THR C 257 18.58 27.52 29.99
N PHE C 258 19.19 28.33 29.14
CA PHE C 258 19.83 29.57 29.55
C PHE C 258 19.16 30.75 28.86
N LEU C 259 19.31 31.93 29.48
CA LEU C 259 18.93 33.19 28.84
C LEU C 259 20.16 34.06 28.77
N LEU C 260 20.49 34.52 27.56
CA LEU C 260 21.71 35.27 27.32
C LEU C 260 21.36 36.69 26.88
N LYS C 261 22.22 37.63 27.25
CA LYS C 261 22.04 39.04 26.92
C LYS C 261 23.17 39.48 26.02
N TYR C 262 22.83 39.98 24.84
CA TYR C 262 23.80 40.52 23.90
C TYR C 262 23.84 42.02 24.05
N ASN C 263 25.05 42.59 24.07
CA ASN C 263 25.22 44.02 24.19
C ASN C 263 25.02 44.66 22.82
N GLU C 264 25.34 45.95 22.71
CA GLU C 264 25.20 46.63 21.42
C GLU C 264 26.29 46.21 20.44
N ASN C 265 27.43 45.76 20.95
CA ASN C 265 28.53 45.32 20.10
C ASN C 265 28.40 43.86 19.70
N GLY C 266 27.39 43.14 20.18
CA GLY C 266 27.20 41.76 19.84
C GLY C 266 27.93 40.76 20.70
N THR C 267 28.65 41.21 21.73
CA THR C 267 29.39 40.32 22.61
C THR C 267 28.54 39.99 23.83
N ILE C 268 28.50 38.71 24.20
CA ILE C 268 27.76 38.29 25.38
C ILE C 268 28.37 38.92 26.62
N THR C 269 27.53 39.53 27.44
CA THR C 269 27.98 40.15 28.67
C THR C 269 27.21 39.72 29.90
N ASP C 270 26.12 38.97 29.76
CA ASP C 270 25.39 38.51 30.92
C ASP C 270 24.54 37.29 30.53
N ALA C 271 24.29 36.44 31.51
CA ALA C 271 23.50 35.24 31.28
C ALA C 271 22.90 34.80 32.59
N VAL C 272 21.70 34.21 32.52
CA VAL C 272 20.96 33.78 33.69
C VAL C 272 20.43 32.37 33.43
N ASP C 273 20.61 31.49 34.41
CA ASP C 273 20.09 30.14 34.34
C ASP C 273 18.58 30.15 34.56
N CYS C 274 17.94 29.03 34.22
CA CYS C 274 16.51 28.89 34.36
C CYS C 274 16.11 27.78 35.32
N ALA C 275 17.07 27.08 35.93
CA ALA C 275 16.76 26.00 36.86
C ALA C 275 17.66 26.07 38.08
N LEU C 276 17.85 27.27 38.61
CA LEU C 276 18.68 27.45 39.80
C LEU C 276 17.87 27.92 41.00
N ASP C 277 17.19 29.06 40.90
CA ASP C 277 16.42 29.62 41.98
C ASP C 277 15.07 30.09 41.45
N PRO C 278 14.05 30.14 42.30
CA PRO C 278 12.75 30.66 41.83
C PRO C 278 12.85 32.07 41.28
N LEU C 279 13.74 32.90 41.82
CA LEU C 279 13.97 34.22 41.23
C LEU C 279 14.51 34.08 39.82
N SER C 280 15.42 33.14 39.59
CA SER C 280 15.93 32.91 38.26
C SER C 280 14.83 32.43 37.32
N GLU C 281 13.92 31.59 37.83
CA GLU C 281 12.79 31.15 37.02
C GLU C 281 11.88 32.32 36.66
N THR C 282 11.65 33.23 37.61
CA THR C 282 10.87 34.42 37.31
C THR C 282 11.54 35.26 36.23
N LYS C 283 12.86 35.42 36.33
CA LYS C 283 13.59 36.17 35.33
C LYS C 283 13.46 35.52 33.95
N CYS C 284 13.54 34.19 33.91
CA CYS C 284 13.40 33.50 32.64
C CYS C 284 12.00 33.67 32.07
N THR C 285 10.97 33.59 32.92
CA THR C 285 9.60 33.69 32.44
C THR C 285 9.30 35.09 31.94
N LEU C 286 9.64 36.11 32.73
CA LEU C 286 9.38 37.49 32.31
C LEU C 286 10.30 37.94 31.18
N LYS C 287 11.33 37.16 30.85
CA LYS C 287 12.28 37.51 29.80
C LYS C 287 12.91 38.87 30.05
N SER C 288 13.34 39.09 31.29
CA SER C 288 14.01 40.32 31.66
C SER C 288 14.99 40.05 32.80
N PHE C 289 15.97 40.92 32.94
CA PHE C 289 16.98 40.78 33.98
C PHE C 289 16.61 41.49 35.27
N THR C 290 15.52 42.24 35.28
CA THR C 290 15.07 42.92 36.47
C THR C 290 13.60 42.59 36.71
N VAL C 291 13.25 42.35 37.97
CA VAL C 291 11.89 42.03 38.37
C VAL C 291 11.39 43.11 39.31
N GLU C 292 10.27 43.73 38.94
CA GLU C 292 9.71 44.80 39.75
C GLU C 292 8.96 44.24 40.96
N LYS C 293 8.60 45.13 41.88
CA LYS C 293 7.86 44.74 43.07
C LYS C 293 6.48 44.20 42.69
N GLY C 294 6.16 43.03 43.20
CA GLY C 294 4.89 42.39 42.91
C GLY C 294 5.00 40.89 43.08
N ILE C 295 3.99 40.20 42.57
CA ILE C 295 3.90 38.74 42.64
C ILE C 295 3.67 38.21 41.23
N TYR C 296 4.44 37.21 40.84
CA TYR C 296 4.36 36.62 39.50
C TYR C 296 4.28 35.11 39.61
N GLN C 297 3.73 34.50 38.57
CA GLN C 297 3.55 33.06 38.48
C GLN C 297 4.56 32.48 37.50
N THR C 298 5.27 31.44 37.91
CA THR C 298 6.38 30.89 37.14
C THR C 298 6.02 29.56 36.48
N SER C 299 5.62 28.56 37.27
CA SER C 299 5.43 27.21 36.75
C SER C 299 4.55 26.44 37.73
N ASN C 300 4.49 25.12 37.52
CA ASN C 300 3.64 24.24 38.32
C ASN C 300 4.46 23.08 38.86
N PHE C 301 4.02 22.56 40.00
CA PHE C 301 4.64 21.40 40.64
C PHE C 301 3.67 20.24 40.66
N ARG C 302 4.22 19.04 40.49
CA ARG C 302 3.45 17.81 40.49
C ARG C 302 4.16 16.77 41.33
N VAL C 303 3.38 15.82 41.85
CA VAL C 303 3.93 14.68 42.58
C VAL C 303 4.35 13.66 41.52
N GLN C 304 5.65 13.54 41.30
CA GLN C 304 6.15 12.61 40.30
C GLN C 304 5.93 11.18 40.80
N PRO C 305 5.18 10.35 40.08
CA PRO C 305 4.91 8.99 40.56
C PRO C 305 6.20 8.18 40.64
N THR C 306 6.26 7.28 41.63
CA THR C 306 7.49 6.56 41.92
C THR C 306 7.68 5.35 41.01
N GLU C 307 6.78 4.37 41.09
CA GLU C 307 7.00 3.12 40.38
C GLU C 307 5.98 2.96 39.26
N SER C 308 5.99 1.78 38.64
CA SER C 308 5.05 1.42 37.58
C SER C 308 4.48 0.03 37.84
N ILE C 309 3.26 -0.18 37.37
CA ILE C 309 2.52 -1.42 37.61
C ILE C 309 1.79 -1.82 36.34
N VAL C 310 1.30 -3.06 36.29
CA VAL C 310 0.75 -3.62 35.06
C VAL C 310 -0.41 -4.56 35.36
N ARG C 311 -1.09 -5.05 34.32
CA ARG C 311 -2.21 -5.96 34.44
C ARG C 311 -1.91 -7.25 33.69
N PHE C 312 -2.44 -8.36 34.22
CA PHE C 312 -2.50 -9.69 33.62
C PHE C 312 -3.82 -10.36 34.01
N PRO C 313 -4.32 -11.28 33.19
CA PRO C 313 -5.63 -11.87 33.44
C PRO C 313 -5.57 -12.99 34.48
N ASN C 314 -6.74 -13.56 34.77
CA ASN C 314 -6.89 -14.64 35.73
C ASN C 314 -6.72 -15.98 35.02
N ILE C 315 -5.48 -16.43 34.95
CA ILE C 315 -5.14 -17.76 34.44
C ILE C 315 -4.43 -18.51 35.55
N THR C 316 -4.97 -19.66 35.93
CA THR C 316 -4.36 -20.51 36.94
C THR C 316 -4.03 -21.91 36.43
N ASN C 317 -4.55 -22.30 35.27
CA ASN C 317 -4.28 -23.62 34.73
C ASN C 317 -2.85 -23.70 34.19
N LEU C 318 -2.32 -24.92 34.14
CA LEU C 318 -1.00 -25.21 33.60
C LEU C 318 -1.17 -25.99 32.31
N CYS C 319 -0.51 -25.53 31.25
CA CYS C 319 -0.64 -26.18 29.95
C CYS C 319 0.01 -27.55 29.99
N PRO C 320 -0.65 -28.59 29.48
CA PRO C 320 -0.12 -29.97 29.55
C PRO C 320 0.88 -30.30 28.45
N PHE C 321 2.14 -29.93 28.69
CA PHE C 321 3.22 -30.25 27.76
C PHE C 321 3.80 -31.64 27.96
N HIS C 322 3.45 -32.33 29.05
CA HIS C 322 4.02 -33.64 29.31
C HIS C 322 3.42 -34.70 28.38
N GLU C 323 2.11 -34.62 28.12
CA GLU C 323 1.47 -35.65 27.30
C GLU C 323 1.90 -35.55 25.84
N VAL C 324 2.12 -34.33 25.35
CA VAL C 324 2.42 -34.16 23.92
C VAL C 324 3.87 -34.54 23.62
N PHE C 325 4.80 -34.08 24.45
CA PHE C 325 6.22 -34.26 24.15
C PHE C 325 6.68 -35.70 24.32
N ASN C 326 5.97 -36.51 25.11
CA ASN C 326 6.33 -37.91 25.28
C ASN C 326 5.08 -38.71 25.62
N ALA C 327 4.74 -39.67 24.75
CA ALA C 327 3.58 -40.52 24.98
C ALA C 327 3.87 -41.99 24.63
N THR C 328 5.15 -42.35 24.48
CA THR C 328 5.61 -43.69 24.13
C THR C 328 5.11 -44.15 22.76
N THR C 329 4.47 -43.26 22.00
CA THR C 329 4.02 -43.59 20.65
C THR C 329 3.79 -42.29 19.90
N PHE C 330 4.04 -42.32 18.60
CA PHE C 330 3.88 -41.15 17.74
C PHE C 330 3.04 -41.51 16.53
N ALA C 331 2.18 -40.58 16.12
CA ALA C 331 1.40 -40.77 14.92
C ALA C 331 2.29 -40.64 13.67
N SER C 332 1.82 -41.23 12.58
CA SER C 332 2.59 -41.21 11.34
C SER C 332 2.62 -39.80 10.76
N VAL C 333 3.53 -39.59 9.81
CA VAL C 333 3.69 -38.27 9.20
C VAL C 333 2.48 -37.93 8.33
N TYR C 334 1.94 -38.90 7.61
CA TYR C 334 0.78 -38.63 6.75
C TYR C 334 -0.45 -38.27 7.56
N ALA C 335 -0.57 -38.81 8.78
CA ALA C 335 -1.66 -38.47 9.70
C ALA C 335 -1.02 -37.94 10.98
N TRP C 336 -0.70 -36.66 10.99
CA TRP C 336 -0.03 -36.02 12.11
C TRP C 336 -1.02 -35.66 13.21
N ASN C 337 -0.60 -35.86 14.46
CA ASN C 337 -1.49 -35.60 15.58
C ASN C 337 -1.49 -34.13 15.94
N ARG C 338 -2.70 -33.54 16.03
CA ARG C 338 -2.83 -32.11 16.29
C ARG C 338 -3.63 -31.90 17.57
N LYS C 339 -3.06 -31.13 18.49
CA LYS C 339 -3.68 -30.82 19.77
C LYS C 339 -3.74 -29.31 19.96
N ARG C 340 -4.85 -28.84 20.54
CA ARG C 340 -5.03 -27.42 20.83
C ARG C 340 -4.86 -27.18 22.32
N ILE C 341 -4.00 -26.21 22.67
CA ILE C 341 -3.73 -25.84 24.05
C ILE C 341 -4.15 -24.38 24.24
N SER C 342 -4.96 -24.14 25.26
CA SER C 342 -5.45 -22.80 25.57
C SER C 342 -5.95 -22.78 27.01
N ASN C 343 -6.24 -21.58 27.49
CA ASN C 343 -6.77 -21.36 28.84
C ASN C 343 -5.86 -21.98 29.90
N CYS C 344 -4.56 -21.76 29.75
CA CYS C 344 -3.58 -22.28 30.69
C CYS C 344 -2.31 -21.46 30.59
N VAL C 345 -1.46 -21.60 31.61
CA VAL C 345 -0.14 -20.98 31.63
C VAL C 345 0.86 -21.97 31.05
N ALA C 346 1.59 -21.56 30.04
CA ALA C 346 2.57 -22.40 29.38
C ALA C 346 3.97 -22.04 29.86
N ASP C 347 4.68 -23.03 30.40
CA ASP C 347 6.06 -22.86 30.83
C ASP C 347 6.94 -23.58 29.81
N TYR C 348 7.54 -22.82 28.91
CA TYR C 348 8.37 -23.40 27.86
C TYR C 348 9.78 -23.72 28.32
N SER C 349 10.14 -23.35 29.56
CA SER C 349 11.44 -23.70 30.09
C SER C 349 11.52 -25.17 30.49
N VAL C 350 10.38 -25.81 30.76
CA VAL C 350 10.36 -27.23 31.11
C VAL C 350 10.33 -28.13 29.89
N ILE C 351 10.23 -27.57 28.68
CA ILE C 351 10.22 -28.37 27.47
C ILE C 351 11.55 -29.09 27.29
N TYR C 352 12.64 -28.44 27.67
CA TYR C 352 13.96 -29.05 27.55
C TYR C 352 14.07 -30.32 28.39
N ASN C 353 13.34 -30.40 29.50
CA ASN C 353 13.40 -31.55 30.38
C ASN C 353 12.52 -32.70 29.93
N PHE C 354 11.72 -32.53 28.89
CA PHE C 354 10.83 -33.57 28.40
C PHE C 354 11.36 -34.31 27.18
N ALA C 355 12.08 -33.62 26.30
CA ALA C 355 12.62 -34.24 25.09
C ALA C 355 14.12 -33.97 25.00
N PRO C 356 14.90 -34.94 24.53
CA PRO C 356 16.36 -34.77 24.43
C PRO C 356 16.79 -34.15 23.10
N PHE C 357 16.47 -32.87 22.92
CA PHE C 357 16.85 -32.12 21.74
C PHE C 357 17.97 -31.14 22.08
N PHE C 358 18.49 -30.47 21.05
CA PHE C 358 19.61 -29.55 21.22
C PHE C 358 19.15 -28.12 21.42
N ALA C 359 18.41 -27.57 20.46
CA ALA C 359 17.99 -26.17 20.54
C ALA C 359 16.68 -26.00 19.78
N PHE C 360 15.99 -24.91 20.10
CA PHE C 360 14.74 -24.57 19.44
C PHE C 360 15.00 -24.08 18.02
N LYS C 361 13.94 -24.04 17.22
CA LYS C 361 13.98 -23.50 15.85
C LYS C 361 12.67 -22.74 15.63
N CYS C 362 12.69 -21.44 15.90
CA CYS C 362 11.52 -20.59 15.77
C CYS C 362 11.75 -19.53 14.69
N TYR C 363 10.67 -19.17 14.00
CA TYR C 363 10.75 -18.22 12.90
C TYR C 363 10.08 -16.89 13.24
N GLY C 364 8.79 -16.91 13.60
CA GLY C 364 8.09 -15.68 13.91
C GLY C 364 8.46 -15.05 15.23
N VAL C 365 8.95 -15.86 16.19
CA VAL C 365 9.34 -15.38 17.50
C VAL C 365 10.70 -15.97 17.84
N SER C 366 11.20 -15.64 19.03
CA SER C 366 12.48 -16.15 19.49
C SER C 366 12.28 -17.20 20.58
N PRO C 367 13.18 -18.18 20.67
CA PRO C 367 13.05 -19.20 21.73
C PRO C 367 13.07 -18.62 23.14
N THR C 368 13.83 -17.55 23.35
CA THR C 368 13.91 -16.91 24.66
C THR C 368 12.81 -15.90 24.90
N LYS C 369 11.92 -15.68 23.92
CA LYS C 369 10.86 -14.68 24.04
C LYS C 369 9.47 -15.31 23.92
N LEU C 370 9.32 -16.54 24.43
CA LEU C 370 8.03 -17.22 24.40
C LEU C 370 7.28 -17.16 25.73
N ASN C 371 7.93 -16.71 26.80
CA ASN C 371 7.31 -16.63 28.11
C ASN C 371 6.73 -15.26 28.42
N ASP C 372 6.75 -14.33 27.47
CA ASP C 372 6.26 -12.98 27.67
C ASP C 372 5.00 -12.67 26.87
N LEU C 373 5.00 -12.97 25.57
CA LEU C 373 3.83 -12.73 24.74
C LEU C 373 2.70 -13.66 25.12
N CYS C 374 1.48 -13.15 25.02
CA CYS C 374 0.27 -13.91 25.35
C CYS C 374 -0.50 -14.19 24.07
N PHE C 375 -0.75 -15.46 23.80
CA PHE C 375 -1.40 -15.90 22.57
C PHE C 375 -2.81 -16.40 22.85
N THR C 376 -3.62 -16.43 21.80
CA THR C 376 -4.99 -16.89 21.94
C THR C 376 -5.08 -18.41 21.99
N ASN C 377 -4.49 -19.08 21.00
CA ASN C 377 -4.52 -20.53 20.92
C ASN C 377 -3.14 -21.04 20.52
N VAL C 378 -2.83 -22.26 20.97
CA VAL C 378 -1.58 -22.93 20.62
C VAL C 378 -1.93 -24.25 19.92
N TYR C 379 -1.25 -24.53 18.82
CA TYR C 379 -1.46 -25.77 18.07
C TYR C 379 -0.17 -26.58 18.09
N ALA C 380 -0.26 -27.86 18.41
CA ALA C 380 0.89 -28.75 18.46
C ALA C 380 0.65 -29.91 17.51
N ASP C 381 1.55 -30.07 16.53
CA ASP C 381 1.46 -31.14 15.54
C ASP C 381 2.66 -32.05 15.72
N SER C 382 2.40 -33.32 16.02
CA SER C 382 3.44 -34.29 16.32
C SER C 382 3.41 -35.43 15.32
N PHE C 383 4.60 -35.86 14.91
CA PHE C 383 4.75 -37.01 14.00
C PHE C 383 6.19 -37.51 14.09
N VAL C 384 6.49 -38.54 13.30
CA VAL C 384 7.84 -39.08 13.18
C VAL C 384 8.17 -39.21 11.70
N ILE C 385 9.34 -38.70 11.31
CA ILE C 385 9.78 -38.70 9.91
C ILE C 385 11.19 -39.29 9.85
N ARG C 386 11.73 -39.33 8.64
CA ARG C 386 13.07 -39.85 8.41
C ARG C 386 14.11 -38.78 8.76
N GLY C 387 15.37 -39.24 8.89
CA GLY C 387 16.42 -38.34 9.33
C GLY C 387 16.73 -37.23 8.35
N ASN C 388 16.83 -37.56 7.06
CA ASN C 388 17.21 -36.57 6.06
C ASN C 388 16.05 -35.67 5.66
N GLU C 389 14.82 -36.05 5.96
CA GLU C 389 13.65 -35.26 5.59
C GLU C 389 13.30 -34.20 6.63
N VAL C 390 14.10 -34.09 7.70
CA VAL C 390 13.89 -32.99 8.65
C VAL C 390 14.12 -31.64 7.98
N SER C 391 15.04 -31.59 7.00
CA SER C 391 15.25 -30.36 6.25
C SER C 391 14.00 -29.93 5.51
N GLN C 392 13.15 -30.89 5.12
CA GLN C 392 11.88 -30.55 4.48
C GLN C 392 10.88 -29.93 5.44
N ILE C 393 11.16 -29.94 6.74
CA ILE C 393 10.28 -29.28 7.73
C ILE C 393 10.81 -27.87 7.91
N ALA C 394 10.39 -26.99 7.01
CA ALA C 394 10.77 -25.58 7.04
C ALA C 394 9.77 -24.80 6.21
N PRO C 395 9.63 -23.50 6.46
CA PRO C 395 8.67 -22.70 5.67
C PRO C 395 9.01 -22.73 4.19
N GLY C 396 7.97 -22.84 3.36
CA GLY C 396 8.15 -22.86 1.92
C GLY C 396 9.03 -23.99 1.42
N GLN C 397 8.92 -25.16 2.01
CA GLN C 397 9.73 -26.29 1.60
C GLN C 397 9.10 -27.03 0.44
N THR C 398 9.95 -27.73 -0.31
CA THR C 398 9.53 -28.56 -1.43
C THR C 398 10.07 -29.97 -1.23
N GLY C 399 9.20 -30.95 -1.44
CA GLY C 399 9.59 -32.34 -1.27
C GLY C 399 8.36 -33.20 -1.10
N ASN C 400 8.62 -34.50 -0.95
CA ASN C 400 7.53 -35.46 -0.77
C ASN C 400 6.70 -35.10 0.46
N ILE C 401 7.37 -34.91 1.61
CA ILE C 401 6.67 -34.55 2.83
C ILE C 401 6.06 -33.16 2.72
N ALA C 402 6.76 -32.24 2.03
CA ALA C 402 6.33 -30.85 2.00
C ALA C 402 4.98 -30.68 1.32
N ASP C 403 4.75 -31.41 0.22
CA ASP C 403 3.53 -31.22 -0.56
C ASP C 403 2.60 -32.43 -0.55
N TYR C 404 2.97 -33.52 0.13
CA TYR C 404 2.14 -34.71 0.15
C TYR C 404 1.70 -35.14 1.54
N ASN C 405 2.42 -34.76 2.59
CA ASN C 405 2.08 -35.15 3.96
C ASN C 405 1.77 -33.97 4.87
N TYR C 406 2.58 -32.91 4.82
CA TYR C 406 2.40 -31.77 5.71
C TYR C 406 2.81 -30.50 4.98
N LYS C 407 1.89 -29.55 4.87
CA LYS C 407 2.15 -28.26 4.24
C LYS C 407 1.92 -27.15 5.27
N LEU C 408 2.77 -26.13 5.22
CA LEU C 408 2.76 -25.05 6.21
C LEU C 408 2.62 -23.74 5.46
N PRO C 409 1.73 -22.83 5.92
CA PRO C 409 1.65 -21.51 5.28
C PRO C 409 2.95 -20.75 5.40
N ASP C 410 3.24 -19.94 4.38
CA ASP C 410 4.52 -19.25 4.30
C ASP C 410 4.70 -18.23 5.41
N ASP C 411 3.64 -17.82 6.08
CA ASP C 411 3.71 -16.84 7.16
C ASP C 411 3.71 -17.51 8.53
N PHE C 412 4.35 -18.68 8.63
CA PHE C 412 4.35 -19.42 9.89
C PHE C 412 5.04 -18.64 10.98
N THR C 413 4.38 -18.55 12.14
CA THR C 413 4.91 -17.87 13.33
C THR C 413 4.87 -18.90 14.45
N GLY C 414 5.97 -19.63 14.62
CA GLY C 414 6.01 -20.69 15.61
C GLY C 414 7.38 -21.31 15.67
N CYS C 415 7.41 -22.54 16.19
CA CYS C 415 8.66 -23.25 16.40
C CYS C 415 8.54 -24.69 15.91
N VAL C 416 9.69 -25.31 15.64
CA VAL C 416 9.77 -26.71 15.26
C VAL C 416 10.90 -27.36 16.05
N ILE C 417 10.60 -28.49 16.69
CA ILE C 417 11.57 -29.24 17.47
C ILE C 417 11.64 -30.66 16.91
N ALA C 418 12.81 -31.06 16.46
CA ALA C 418 13.03 -32.40 15.93
C ALA C 418 14.22 -33.04 16.65
N TRP C 419 14.06 -34.32 17.01
CA TRP C 419 15.14 -35.00 17.71
C TRP C 419 15.06 -36.50 17.42
N ASN C 420 16.23 -37.15 17.51
CA ASN C 420 16.37 -38.52 17.06
C ASN C 420 15.52 -39.47 17.89
N SER C 421 15.09 -40.56 17.26
CA SER C 421 14.29 -41.61 17.89
C SER C 421 14.81 -42.99 17.51
N ASN C 422 16.13 -43.16 17.51
CA ASN C 422 16.74 -44.42 17.10
C ASN C 422 16.60 -45.51 18.15
N LYS C 423 16.36 -45.15 19.42
CA LYS C 423 16.30 -46.13 20.50
C LYS C 423 14.89 -46.62 20.79
N LEU C 424 13.87 -46.10 20.11
CA LEU C 424 12.50 -46.51 20.38
C LEU C 424 11.76 -46.88 19.09
N ASP C 425 12.11 -46.23 17.98
CA ASP C 425 11.43 -46.45 16.71
C ASP C 425 12.21 -47.35 15.77
N SER C 426 13.26 -48.01 16.25
CA SER C 426 14.07 -48.91 15.42
C SER C 426 14.08 -50.30 16.03
N LYS C 427 13.98 -51.30 15.18
CA LYS C 427 13.97 -52.70 15.58
C LYS C 427 15.01 -53.47 14.76
N PRO C 428 15.57 -54.55 15.33
CA PRO C 428 16.48 -55.39 14.54
C PRO C 428 15.82 -55.99 13.31
N SER C 429 14.54 -56.34 13.40
CA SER C 429 13.84 -56.86 12.23
C SER C 429 13.45 -55.74 11.27
N GLY C 430 13.15 -54.55 11.77
CA GLY C 430 12.78 -53.44 10.93
C GLY C 430 11.40 -52.91 11.23
N ASN C 431 11.31 -51.64 11.62
CA ASN C 431 10.03 -51.03 11.92
C ASN C 431 9.20 -50.89 10.65
N TYR C 432 7.89 -51.13 10.77
CA TYR C 432 6.99 -51.02 9.63
C TYR C 432 5.65 -50.38 9.99
N ASN C 433 5.48 -49.88 11.20
CA ASN C 433 4.22 -49.29 11.63
C ASN C 433 4.07 -47.84 11.20
N TYR C 434 5.09 -47.24 10.59
CA TYR C 434 5.06 -45.85 10.16
C TYR C 434 5.07 -45.80 8.64
N LEU C 435 4.13 -45.06 8.07
CA LEU C 435 3.98 -44.97 6.62
C LEU C 435 3.87 -43.51 6.20
N TYR C 436 4.29 -43.24 4.97
CA TYR C 436 4.20 -41.90 4.39
C TYR C 436 3.64 -41.99 2.98
N ARG C 437 2.88 -40.96 2.60
CA ARG C 437 2.28 -40.93 1.27
C ARG C 437 3.34 -40.61 0.21
N LEU C 438 3.25 -41.30 -0.92
CA LEU C 438 4.19 -41.13 -2.02
C LEU C 438 3.58 -40.46 -3.24
N PHE C 439 2.37 -40.86 -3.64
CA PHE C 439 1.73 -40.33 -4.83
C PHE C 439 0.47 -39.56 -4.44
N ARG C 440 0.30 -38.39 -5.05
CA ARG C 440 -0.89 -37.59 -4.85
C ARG C 440 -1.16 -36.77 -6.10
N LYS C 441 -2.44 -36.57 -6.40
CA LYS C 441 -2.81 -35.84 -7.61
C LYS C 441 -2.36 -34.39 -7.55
N SER C 442 -2.49 -33.76 -6.38
CA SER C 442 -2.15 -32.35 -6.22
C SER C 442 -1.35 -32.14 -4.94
N LYS C 443 -0.58 -31.07 -4.92
CA LYS C 443 0.19 -30.72 -3.73
C LYS C 443 -0.74 -30.35 -2.57
N LEU C 444 -0.28 -30.66 -1.36
CA LEU C 444 -1.11 -30.43 -0.18
C LEU C 444 -1.25 -28.95 0.12
N LYS C 445 -2.47 -28.55 0.49
CA LYS C 445 -2.71 -27.19 0.95
C LYS C 445 -2.15 -27.02 2.35
N PRO C 446 -1.86 -25.77 2.76
CA PRO C 446 -1.30 -25.55 4.09
C PRO C 446 -2.22 -26.07 5.20
N PHE C 447 -1.60 -26.68 6.20
CA PHE C 447 -2.30 -27.23 7.37
C PHE C 447 -3.42 -28.18 6.95
N GLU C 448 -3.09 -29.09 6.04
CA GLU C 448 -4.03 -30.09 5.53
C GLU C 448 -3.41 -31.46 5.62
N ARG C 449 -4.24 -32.46 5.98
CA ARG C 449 -3.80 -33.84 6.11
C ARG C 449 -4.62 -34.74 5.19
N ASP C 450 -4.10 -35.94 4.95
CA ASP C 450 -4.80 -36.95 4.16
C ASP C 450 -4.87 -38.23 4.97
N ILE C 451 -6.07 -38.81 5.05
CA ILE C 451 -6.27 -40.04 5.82
C ILE C 451 -6.81 -41.12 4.90
N SER C 452 -7.49 -40.72 3.83
CA SER C 452 -8.11 -41.67 2.93
C SER C 452 -7.07 -42.54 2.25
N THR C 453 -7.34 -43.85 2.21
CA THR C 453 -6.46 -44.83 1.57
C THR C 453 -7.20 -45.45 0.38
N GLU C 454 -6.54 -45.44 -0.78
CA GLU C 454 -7.12 -45.98 -2.00
C GLU C 454 -5.98 -46.45 -2.90
N ILE C 455 -6.34 -46.87 -4.12
CA ILE C 455 -5.36 -47.35 -5.09
C ILE C 455 -5.15 -46.23 -6.11
N TYR C 456 -3.95 -45.67 -6.13
CA TYR C 456 -3.64 -44.59 -7.06
C TYR C 456 -3.53 -45.13 -8.48
N GLN C 457 -4.08 -44.39 -9.43
CA GLN C 457 -4.09 -44.78 -10.83
C GLN C 457 -3.25 -43.80 -11.64
N ALA C 458 -2.32 -44.33 -12.43
CA ALA C 458 -1.48 -43.51 -13.30
C ALA C 458 -1.65 -43.88 -14.77
N GLY C 459 -2.77 -44.51 -15.13
CA GLY C 459 -3.04 -44.89 -16.49
C GLY C 459 -4.45 -44.52 -16.90
N ASN C 460 -4.73 -44.73 -18.19
CA ASN C 460 -6.05 -44.42 -18.73
C ASN C 460 -7.11 -45.38 -18.20
N LYS C 461 -6.80 -46.68 -18.17
CA LYS C 461 -7.76 -47.66 -17.72
C LYS C 461 -7.96 -47.56 -16.21
N PRO C 462 -9.18 -47.80 -15.72
CA PRO C 462 -9.41 -47.75 -14.27
C PRO C 462 -8.69 -48.87 -13.54
N CYS C 463 -8.34 -48.59 -12.28
CA CYS C 463 -7.67 -49.59 -11.47
C CYS C 463 -8.58 -50.78 -11.17
N ASN C 464 -9.88 -50.52 -11.00
CA ASN C 464 -10.89 -51.56 -10.76
C ASN C 464 -10.61 -52.37 -9.50
N GLY C 465 -9.96 -51.73 -8.51
CA GLY C 465 -9.73 -52.37 -7.24
C GLY C 465 -8.63 -53.41 -7.21
N VAL C 466 -7.87 -53.56 -8.29
CA VAL C 466 -6.76 -54.50 -8.35
C VAL C 466 -5.49 -53.74 -8.69
N ALA C 467 -4.42 -54.00 -7.93
CA ALA C 467 -3.15 -53.31 -8.10
C ALA C 467 -2.36 -53.97 -9.22
N GLY C 468 -2.87 -53.82 -10.43
CA GLY C 468 -2.21 -54.34 -11.62
C GLY C 468 -1.32 -53.29 -12.26
N PRO C 469 -1.16 -53.38 -13.58
CA PRO C 469 -0.39 -52.36 -14.29
C PRO C 469 -1.04 -50.98 -14.16
N ASN C 470 -0.19 -49.96 -14.05
CA ASN C 470 -0.63 -48.58 -13.87
C ASN C 470 -1.54 -48.43 -12.64
N CYS C 471 -1.21 -49.16 -11.58
CA CYS C 471 -1.94 -49.10 -10.32
C CYS C 471 -0.93 -49.22 -9.20
N TYR C 472 -0.94 -48.26 -8.28
CA TYR C 472 0.06 -48.18 -7.22
C TYR C 472 -0.61 -47.92 -5.88
N SER C 473 0.16 -48.11 -4.81
CA SER C 473 -0.31 -47.81 -3.46
C SER C 473 0.49 -46.64 -2.91
N PRO C 474 -0.10 -45.44 -2.78
CA PRO C 474 0.63 -44.28 -2.28
C PRO C 474 0.80 -44.26 -0.76
N LEU C 475 1.31 -45.35 -0.22
CA LEU C 475 1.58 -45.45 1.22
C LEU C 475 2.79 -46.36 1.41
N GLN C 476 3.96 -45.75 1.52
CA GLN C 476 5.21 -46.48 1.66
C GLN C 476 5.58 -46.59 3.13
N SER C 477 5.90 -47.81 3.56
CA SER C 477 6.28 -48.05 4.95
C SER C 477 7.72 -47.62 5.18
N TYR C 478 7.95 -46.88 6.26
CA TYR C 478 9.30 -46.43 6.59
C TYR C 478 10.17 -47.59 7.02
N GLY C 479 11.43 -47.56 6.62
CA GLY C 479 12.39 -48.57 7.03
C GLY C 479 13.37 -48.03 8.05
N PHE C 480 13.20 -48.44 9.31
CA PHE C 480 14.03 -47.96 10.40
C PHE C 480 14.82 -49.13 10.98
N ARG C 481 16.14 -48.97 11.03
CA ARG C 481 17.03 -49.98 11.57
C ARG C 481 18.07 -49.31 12.46
N PRO C 482 18.58 -50.01 13.48
CA PRO C 482 19.61 -49.41 14.33
C PRO C 482 20.98 -49.30 13.66
N THR C 483 21.18 -49.95 12.52
CA THR C 483 22.43 -49.89 11.78
C THR C 483 22.37 -48.92 10.60
N TYR C 484 21.28 -48.17 10.47
CA TYR C 484 21.12 -47.24 9.36
C TYR C 484 21.93 -45.96 9.63
N GLY C 485 22.11 -45.18 8.57
CA GLY C 485 22.85 -43.94 8.67
C GLY C 485 22.06 -42.87 9.40
N VAL C 486 22.77 -41.77 9.72
CA VAL C 486 22.17 -40.70 10.50
C VAL C 486 20.98 -40.10 9.76
N GLY C 487 21.12 -39.88 8.46
CA GLY C 487 20.03 -39.33 7.66
C GLY C 487 18.84 -40.25 7.48
N HIS C 488 18.94 -41.49 7.93
CA HIS C 488 17.85 -42.44 7.83
C HIS C 488 17.27 -42.85 9.18
N GLN C 489 17.83 -42.35 10.28
CA GLN C 489 17.28 -42.66 11.60
C GLN C 489 15.90 -42.01 11.76
N PRO C 490 14.99 -42.68 12.46
CA PRO C 490 13.69 -42.05 12.73
C PRO C 490 13.83 -40.88 13.69
N TYR C 491 13.08 -39.82 13.43
CA TYR C 491 13.14 -38.59 14.20
C TYR C 491 11.74 -38.14 14.58
N ARG C 492 11.54 -37.83 15.86
CA ARG C 492 10.29 -37.26 16.32
C ARG C 492 10.30 -35.75 16.07
N VAL C 493 9.23 -35.24 15.46
CA VAL C 493 9.10 -33.84 15.12
C VAL C 493 7.81 -33.31 15.72
N VAL C 494 7.90 -32.16 16.39
CA VAL C 494 6.75 -31.46 16.95
C VAL C 494 6.82 -30.01 16.48
N VAL C 495 5.75 -29.55 15.84
CA VAL C 495 5.64 -28.19 15.32
C VAL C 495 4.60 -27.46 16.14
N LEU C 496 4.99 -26.34 16.74
CA LEU C 496 4.10 -25.51 17.54
C LEU C 496 3.77 -24.24 16.75
N SER C 497 2.48 -23.97 16.61
CA SER C 497 1.98 -22.79 15.90
C SER C 497 1.22 -21.92 16.87
N PHE C 498 1.43 -20.61 16.78
CA PHE C 498 0.83 -19.65 17.69
C PHE C 498 -0.14 -18.74 16.94
N GLU C 499 -1.13 -18.24 17.67
CA GLU C 499 -2.09 -17.28 17.16
C GLU C 499 -1.91 -15.96 17.89
N LEU C 500 -1.82 -14.87 17.13
CA LEU C 500 -1.54 -13.57 17.71
C LEU C 500 -2.78 -13.04 18.42
N LEU C 501 -2.69 -11.80 18.91
CA LEU C 501 -3.74 -11.19 19.73
C LEU C 501 -4.87 -10.72 18.82
N HIS C 502 -5.72 -11.67 18.43
CA HIS C 502 -6.96 -11.39 17.72
C HIS C 502 -8.20 -11.56 18.58
N ALA C 503 -8.18 -12.51 19.50
CA ALA C 503 -9.22 -12.73 20.49
C ALA C 503 -8.58 -12.58 21.88
N PRO C 504 -9.37 -12.46 22.96
CA PRO C 504 -8.77 -12.45 24.30
C PRO C 504 -7.80 -13.60 24.51
N ALA C 505 -6.54 -13.27 24.78
CA ALA C 505 -5.49 -14.29 24.86
C ALA C 505 -5.69 -15.18 26.08
N THR C 506 -5.13 -16.39 25.97
CA THR C 506 -5.30 -17.39 27.03
C THR C 506 -4.01 -18.09 27.44
N VAL C 507 -2.90 -17.94 26.71
CA VAL C 507 -1.67 -18.68 26.98
C VAL C 507 -0.53 -17.67 27.09
N CYS C 508 0.07 -17.58 28.27
CA CYS C 508 1.26 -16.77 28.51
C CYS C 508 1.80 -17.09 29.89
N GLY C 509 2.94 -16.48 30.23
CA GLY C 509 3.65 -16.78 31.46
C GLY C 509 3.01 -16.16 32.68
N PRO C 510 3.29 -16.75 33.84
CA PRO C 510 2.68 -16.30 35.12
C PRO C 510 3.49 -15.25 35.87
N LYS C 511 3.41 -14.01 35.41
CA LYS C 511 3.99 -12.88 36.12
C LYS C 511 2.87 -12.10 36.77
N LYS C 512 3.00 -11.84 38.08
CA LYS C 512 1.96 -11.19 38.84
C LYS C 512 1.64 -9.82 38.25
N SER C 513 0.44 -9.32 38.54
CA SER C 513 0.08 -7.97 38.15
C SER C 513 0.76 -6.98 39.08
N THR C 514 2.08 -7.15 39.26
CA THR C 514 2.93 -6.24 40.02
C THR C 514 2.45 -6.04 41.46
N ASN C 515 1.77 -7.05 42.01
CA ASN C 515 1.40 -7.06 43.41
C ASN C 515 0.77 -5.75 43.85
N LEU C 516 -0.46 -5.50 43.39
CA LEU C 516 -1.10 -4.18 43.38
C LEU C 516 -0.75 -3.31 44.58
N VAL C 517 -0.17 -2.13 44.32
CA VAL C 517 0.30 -1.22 45.35
C VAL C 517 -0.86 -0.32 45.77
N LYS C 518 -0.70 0.37 46.90
CA LYS C 518 -1.75 1.25 47.41
C LYS C 518 -1.13 2.50 47.99
N ASN C 519 -1.89 3.60 47.92
CA ASN C 519 -1.55 4.86 48.56
C ASN C 519 -0.23 5.45 48.03
N LYS C 520 -0.01 5.34 46.73
CA LYS C 520 1.18 5.92 46.12
C LYS C 520 0.85 6.39 44.71
N CYS C 521 1.33 7.58 44.36
CA CYS C 521 1.31 8.01 42.98
C CYS C 521 2.18 7.08 42.16
N VAL C 522 1.59 6.46 41.14
CA VAL C 522 2.21 5.36 40.41
C VAL C 522 2.00 5.54 38.93
N ASN C 523 3.03 5.26 38.15
CA ASN C 523 2.87 5.07 36.71
C ASN C 523 2.18 3.74 36.47
N PHE C 524 1.59 3.59 35.28
CA PHE C 524 1.01 2.31 34.95
C PHE C 524 0.70 2.22 33.47
N ASN C 525 0.68 0.97 32.99
CA ASN C 525 0.21 0.58 31.67
C ASN C 525 -0.77 -0.57 31.94
N PHE C 526 -2.01 -0.22 32.23
CA PHE C 526 -3.06 -1.20 32.51
C PHE C 526 -3.76 -1.56 31.20
N ASN C 527 -3.44 -2.74 30.66
CA ASN C 527 -4.14 -3.28 29.49
C ASN C 527 -4.07 -2.33 28.30
N GLY C 528 -2.91 -1.71 28.10
CA GLY C 528 -2.73 -0.75 27.04
C GLY C 528 -3.05 0.68 27.40
N LEU C 529 -3.62 0.91 28.58
CA LEU C 529 -3.95 2.25 29.06
C LEU C 529 -2.74 2.79 29.81
N THR C 530 -2.10 3.81 29.24
CA THR C 530 -0.93 4.43 29.83
C THR C 530 -1.35 5.63 30.66
N GLY C 531 -0.79 5.74 31.86
CA GLY C 531 -1.10 6.91 32.67
C GLY C 531 -0.44 6.84 34.03
N THR C 532 -0.87 7.75 34.91
CA THR C 532 -0.40 7.84 36.28
C THR C 532 -1.59 8.13 37.17
N GLY C 533 -1.47 7.74 38.44
CA GLY C 533 -2.54 8.03 39.38
C GLY C 533 -2.24 7.49 40.76
N VAL C 534 -3.08 7.89 41.71
CA VAL C 534 -3.03 7.39 43.08
C VAL C 534 -4.16 6.38 43.24
N LEU C 535 -3.85 5.24 43.83
CA LEU C 535 -4.78 4.13 43.96
C LEU C 535 -5.09 3.91 45.43
N THR C 536 -6.38 3.84 45.75
CA THR C 536 -6.83 3.64 47.13
C THR C 536 -7.92 2.57 47.13
N GLU C 537 -8.41 2.25 48.33
CA GLU C 537 -9.51 1.31 48.46
C GLU C 537 -10.78 1.92 47.88
N SER C 538 -11.83 1.10 47.81
CA SER C 538 -13.09 1.50 47.19
C SER C 538 -14.27 1.15 48.08
N ASN C 539 -15.34 1.93 47.95
CA ASN C 539 -16.59 1.68 48.66
C ASN C 539 -17.78 1.60 47.71
N LYS C 540 -17.52 1.38 46.43
CA LYS C 540 -18.56 1.33 45.41
C LYS C 540 -18.82 -0.12 44.99
N LYS C 541 -20.08 -0.40 44.64
CA LYS C 541 -20.53 -1.77 44.38
C LYS C 541 -20.55 -2.02 42.88
N PHE C 542 -19.38 -2.29 42.31
CA PHE C 542 -19.29 -2.72 40.93
C PHE C 542 -20.01 -4.05 40.74
N LEU C 543 -20.85 -4.11 39.71
CA LEU C 543 -21.62 -5.31 39.44
C LEU C 543 -20.70 -6.41 38.90
N PRO C 544 -21.11 -7.69 39.02
CA PRO C 544 -20.18 -8.81 38.84
C PRO C 544 -19.13 -8.72 37.74
N PHE C 545 -19.43 -8.11 36.59
CA PHE C 545 -18.55 -8.23 35.44
C PHE C 545 -18.30 -6.88 34.78
N GLN C 546 -17.94 -5.88 35.58
CA GLN C 546 -17.44 -4.62 35.05
C GLN C 546 -15.92 -4.59 35.16
N GLN C 547 -15.27 -4.06 34.12
CA GLN C 547 -13.82 -3.94 34.08
C GLN C 547 -13.34 -2.51 34.27
N PHE C 548 -14.01 -1.54 33.65
CA PHE C 548 -13.69 -0.13 33.81
C PHE C 548 -14.97 0.63 34.11
N GLY C 549 -14.89 1.59 35.04
CA GLY C 549 -16.03 2.41 35.39
C GLY C 549 -15.69 3.88 35.45
N ARG C 550 -16.36 4.69 34.64
CA ARG C 550 -15.95 6.07 34.43
C ARG C 550 -16.83 7.04 35.23
N ASP C 551 -16.58 8.33 35.01
CA ASP C 551 -17.18 9.43 35.76
C ASP C 551 -17.91 10.35 34.78
N ILE C 552 -18.33 11.51 35.28
CA ILE C 552 -18.94 12.53 34.43
C ILE C 552 -18.00 12.92 33.30
N ALA C 553 -16.72 13.08 33.60
CA ALA C 553 -15.71 13.40 32.60
C ALA C 553 -15.38 12.23 31.71
N ASP C 554 -16.11 11.12 31.84
CA ASP C 554 -15.88 9.91 31.05
C ASP C 554 -14.45 9.40 31.24
N THR C 555 -13.92 9.55 32.45
CA THR C 555 -12.62 9.01 32.80
C THR C 555 -12.77 8.11 34.02
N THR C 556 -11.97 7.05 34.05
CA THR C 556 -12.18 5.98 35.02
C THR C 556 -11.96 6.49 36.45
N ASP C 557 -12.77 5.97 37.37
CA ASP C 557 -12.61 6.28 38.79
C ASP C 557 -12.65 5.05 39.69
N ALA C 558 -13.28 3.96 39.28
CA ALA C 558 -13.27 2.73 40.06
C ALA C 558 -12.98 1.56 39.13
N VAL C 559 -12.26 0.57 39.65
CA VAL C 559 -11.55 -0.39 38.81
C VAL C 559 -11.54 -1.75 39.52
N ARG C 560 -11.48 -2.82 38.72
CA ARG C 560 -11.33 -4.21 39.15
C ARG C 560 -9.89 -4.68 38.88
N ASP C 561 -9.63 -5.96 39.13
CA ASP C 561 -8.32 -6.51 38.81
C ASP C 561 -8.49 -7.83 38.08
N PRO C 562 -7.81 -8.03 36.95
CA PRO C 562 -7.94 -9.28 36.20
C PRO C 562 -7.19 -10.45 36.82
N GLN C 563 -6.38 -10.24 37.85
CA GLN C 563 -5.72 -11.32 38.55
C GLN C 563 -6.38 -11.66 39.89
N THR C 564 -7.19 -10.77 40.44
CA THR C 564 -7.95 -11.02 41.65
C THR C 564 -9.09 -10.03 41.72
N LEU C 565 -10.32 -10.54 41.88
CA LEU C 565 -11.54 -9.70 41.88
C LEU C 565 -11.55 -8.72 43.05
N GLU C 566 -10.98 -7.53 42.87
CA GLU C 566 -10.96 -6.52 43.91
C GLU C 566 -11.47 -5.21 43.34
N ILE C 567 -12.04 -4.37 44.19
CA ILE C 567 -12.61 -3.09 43.78
C ILE C 567 -11.76 -1.98 44.37
N LEU C 568 -11.30 -1.07 43.51
CA LEU C 568 -10.33 -0.06 43.89
C LEU C 568 -10.74 1.29 43.32
N ASP C 569 -10.27 2.36 43.95
CA ASP C 569 -10.58 3.72 43.53
C ASP C 569 -9.32 4.43 43.03
N ILE C 570 -9.52 5.36 42.11
CA ILE C 570 -8.45 6.11 41.47
C ILE C 570 -8.65 7.59 41.74
N THR C 571 -7.57 8.29 42.07
CA THR C 571 -7.56 9.73 42.25
C THR C 571 -6.37 10.30 41.50
N PRO C 572 -6.42 11.56 41.11
CA PRO C 572 -5.24 12.20 40.53
C PRO C 572 -4.24 12.55 41.62
N CYS C 573 -2.96 12.41 41.28
CA CYS C 573 -1.91 12.83 42.20
C CYS C 573 -1.97 14.34 42.39
N SER C 574 -1.65 14.78 43.61
CA SER C 574 -1.75 16.19 43.93
C SER C 574 -0.78 17.01 43.11
N PHE C 575 -1.24 18.17 42.65
CA PHE C 575 -0.38 19.10 41.92
C PHE C 575 -0.93 20.51 42.09
N GLY C 576 -0.08 21.49 41.80
CA GLY C 576 -0.48 22.87 41.97
C GLY C 576 0.45 23.81 41.24
N GLY C 577 0.27 25.10 41.49
CA GLY C 577 1.12 26.12 40.88
C GLY C 577 2.02 26.81 41.88
N VAL C 578 3.08 27.45 41.40
CA VAL C 578 4.07 28.11 42.25
C VAL C 578 4.09 29.59 41.91
N SER C 579 3.99 30.44 42.95
CA SER C 579 4.08 31.88 42.80
C SER C 579 5.26 32.39 43.60
N VAL C 580 5.87 33.47 43.12
CA VAL C 580 7.04 34.06 43.75
C VAL C 580 6.75 35.53 44.02
N ILE C 581 6.96 35.94 45.27
CA ILE C 581 6.75 37.33 45.71
C ILE C 581 8.10 37.93 46.00
N THR C 582 8.44 39.00 45.29
CA THR C 582 9.71 39.68 45.45
C THR C 582 9.49 41.18 45.57
N PRO C 583 10.35 41.88 46.31
CA PRO C 583 10.41 43.33 46.22
C PRO C 583 11.11 43.74 44.93
N GLY C 584 11.32 45.04 44.78
CA GLY C 584 12.01 45.52 43.60
C GLY C 584 13.42 44.97 43.52
N THR C 585 13.87 44.70 42.29
CA THR C 585 15.22 44.18 42.09
C THR C 585 16.27 45.17 42.60
N ASN C 586 16.03 46.46 42.40
CA ASN C 586 16.92 47.48 42.93
C ASN C 586 16.94 47.53 44.45
N THR C 587 15.99 46.88 45.12
CA THR C 587 15.91 46.89 46.58
C THR C 587 16.70 45.72 47.18
N SER C 588 16.31 44.50 46.86
CA SER C 588 16.97 43.32 47.41
C SER C 588 16.67 42.12 46.53
N ASN C 589 17.48 41.07 46.70
CA ASN C 589 17.33 39.82 45.95
C ASN C 589 16.50 38.78 46.68
N GLN C 590 16.04 39.06 47.90
CA GLN C 590 15.28 38.08 48.66
C GLN C 590 13.91 37.85 48.03
N VAL C 591 13.46 36.59 48.06
CA VAL C 591 12.19 36.19 47.45
C VAL C 591 11.42 35.33 48.44
N ALA C 592 10.14 35.16 48.15
CA ALA C 592 9.27 34.26 48.90
C ALA C 592 8.51 33.37 47.92
N VAL C 593 8.37 32.09 48.28
CA VAL C 593 7.76 31.09 47.42
C VAL C 593 6.46 30.62 48.06
N LEU C 594 5.39 30.57 47.25
CA LEU C 594 4.08 30.14 47.73
C LEU C 594 3.52 29.09 46.78
N TYR C 595 3.02 28.00 47.34
CA TYR C 595 2.34 26.96 46.57
C TYR C 595 0.84 27.19 46.65
N GLN C 596 0.21 27.38 45.49
CA GLN C 596 -1.19 27.78 45.45
C GLN C 596 -2.11 26.60 45.78
N GLY C 597 -3.00 26.81 46.75
CA GLY C 597 -4.05 25.85 47.05
C GLY C 597 -3.54 24.49 47.52
N VAL C 598 -2.53 24.47 48.38
CA VAL C 598 -1.99 23.24 48.92
C VAL C 598 -1.76 23.42 50.41
N ASN C 599 -2.21 22.43 51.20
CA ASN C 599 -2.00 22.49 52.64
C ASN C 599 -0.51 22.46 52.97
N CYS C 600 -0.14 23.17 54.03
CA CYS C 600 1.28 23.31 54.37
C CYS C 600 1.79 22.09 55.13
N THR C 601 1.58 20.91 54.59
CA THR C 601 2.11 19.67 55.18
C THR C 601 2.85 18.81 54.16
N GLU C 602 2.36 18.74 52.92
CA GLU C 602 2.99 17.89 51.92
C GLU C 602 4.20 18.58 51.29
N VAL C 603 3.98 19.74 50.66
CA VAL C 603 5.00 20.54 49.98
C VAL C 603 6.06 19.69 49.28
N GLN D 1 38.92 -7.59 -3.97
CA GLN D 1 39.28 -6.90 -2.73
C GLN D 1 40.00 -7.84 -1.77
N VAL D 2 39.47 -9.04 -1.61
CA VAL D 2 40.07 -10.07 -0.76
C VAL D 2 40.99 -10.92 -1.61
N GLN D 3 42.27 -10.96 -1.26
CA GLN D 3 43.25 -11.73 -2.00
C GLN D 3 44.14 -12.48 -1.02
N LEU D 4 44.49 -13.72 -1.38
CA LEU D 4 45.35 -14.57 -0.57
C LEU D 4 46.59 -14.90 -1.40
N GLN D 5 47.74 -14.36 -0.99
CA GLN D 5 49.01 -14.62 -1.64
C GLN D 5 49.91 -15.41 -0.70
N GLU D 6 50.60 -16.40 -1.24
CA GLU D 6 51.39 -17.34 -0.46
C GLU D 6 52.86 -17.26 -0.87
N SER D 7 53.73 -17.26 0.13
CA SER D 7 55.17 -17.17 -0.09
C SER D 7 55.87 -18.25 0.73
N GLY D 8 56.97 -18.77 0.18
CA GLY D 8 57.76 -19.79 0.84
C GLY D 8 57.61 -21.14 0.15
N GLY D 9 58.53 -22.04 0.52
CA GLY D 9 58.59 -23.38 -0.01
C GLY D 9 59.97 -23.70 -0.51
N GLY D 10 60.07 -24.80 -1.26
CA GLY D 10 61.30 -25.23 -1.87
C GLY D 10 61.53 -26.72 -1.66
N LEU D 11 62.76 -27.15 -1.92
CA LEU D 11 63.16 -28.54 -1.77
C LEU D 11 64.21 -28.65 -0.67
N VAL D 12 63.97 -29.53 0.30
CA VAL D 12 64.89 -29.74 1.41
C VAL D 12 64.98 -31.24 1.69
N GLN D 13 66.05 -31.62 2.39
CA GLN D 13 66.27 -33.01 2.76
C GLN D 13 65.27 -33.44 3.84
N PRO D 14 65.02 -34.75 3.97
CA PRO D 14 64.12 -35.22 5.03
C PRO D 14 64.60 -34.80 6.41
N GLY D 15 63.66 -34.48 7.27
CA GLY D 15 63.98 -34.01 8.61
C GLY D 15 64.30 -32.52 8.70
N GLY D 16 64.22 -31.79 7.59
CA GLY D 16 64.52 -30.38 7.60
C GLY D 16 63.37 -29.54 8.12
N SER D 17 63.59 -28.23 8.14
CA SER D 17 62.62 -27.28 8.65
C SER D 17 62.29 -26.25 7.59
N LEU D 18 61.00 -25.90 7.49
CA LEU D 18 60.54 -24.91 6.53
C LEU D 18 59.54 -23.98 7.20
N ARG D 19 59.53 -22.72 6.76
CA ARG D 19 58.55 -21.73 7.19
C ARG D 19 57.80 -21.24 5.96
N LEU D 20 56.48 -21.32 6.00
CA LEU D 20 55.63 -20.90 4.89
C LEU D 20 54.50 -20.03 5.45
N SER D 21 54.19 -18.95 4.72
CA SER D 21 53.18 -18.01 5.17
C SER D 21 52.28 -17.63 4.01
N CYS D 22 51.00 -17.38 4.33
CA CYS D 22 50.03 -16.85 3.39
C CYS D 22 49.43 -15.58 3.98
N ALA D 23 49.39 -14.52 3.18
CA ALA D 23 48.91 -13.22 3.63
C ALA D 23 47.54 -12.93 3.05
N ALA D 24 46.63 -12.47 3.89
CA ALA D 24 45.28 -12.10 3.47
C ALA D 24 45.19 -10.58 3.39
N SER D 25 44.87 -10.06 2.21
CA SER D 25 44.77 -8.63 1.96
C SER D 25 43.33 -8.29 1.61
N GLY D 26 42.78 -7.27 2.26
CA GLY D 26 41.42 -6.84 2.01
C GLY D 26 40.34 -7.64 2.70
N PHE D 27 40.71 -8.52 3.63
CA PHE D 27 39.72 -9.32 4.33
C PHE D 27 38.84 -8.43 5.20
N THR D 28 37.53 -8.70 5.18
CA THR D 28 36.56 -7.88 5.88
C THR D 28 35.62 -8.64 6.79
N LEU D 29 35.62 -9.98 6.75
CA LEU D 29 34.72 -10.75 7.60
C LEU D 29 35.17 -10.67 9.05
N ASP D 30 34.21 -10.43 9.95
CA ASP D 30 34.54 -10.34 11.38
C ASP D 30 34.92 -11.71 11.94
N ASP D 31 34.14 -12.73 11.62
CA ASP D 31 34.40 -14.09 12.07
C ASP D 31 34.70 -14.95 10.85
N TYR D 32 35.82 -15.68 10.89
CA TYR D 32 36.23 -16.51 9.77
C TYR D 32 37.13 -17.61 10.28
N ALA D 33 37.24 -18.68 9.48
CA ALA D 33 38.09 -19.82 9.79
C ALA D 33 38.90 -20.12 8.53
N ILE D 34 40.10 -19.55 8.44
CA ILE D 34 40.94 -19.77 7.27
C ILE D 34 41.43 -21.21 7.27
N GLY D 35 41.34 -21.86 6.13
CA GLY D 35 41.69 -23.26 6.01
C GLY D 35 42.98 -23.51 5.28
N TRP D 36 43.62 -24.64 5.53
CA TRP D 36 44.87 -25.00 4.90
C TRP D 36 44.81 -26.43 4.37
N PHE D 37 45.24 -26.60 3.12
CA PHE D 37 45.05 -27.84 2.38
C PHE D 37 46.33 -28.17 1.60
N ARG D 38 46.51 -29.46 1.33
CA ARG D 38 47.61 -29.93 0.50
C ARG D 38 47.12 -31.05 -0.39
N GLN D 39 47.77 -31.20 -1.55
CA GLN D 39 47.36 -32.22 -2.52
C GLN D 39 48.59 -32.76 -3.22
N ALA D 40 48.95 -34.00 -2.92
CA ALA D 40 50.01 -34.68 -3.64
C ALA D 40 49.50 -35.09 -5.02
N PRO D 41 50.39 -35.19 -6.01
CA PRO D 41 49.96 -35.63 -7.35
C PRO D 41 49.38 -37.03 -7.30
N GLY D 42 48.09 -37.14 -7.62
CA GLY D 42 47.39 -38.40 -7.60
C GLY D 42 46.52 -38.65 -6.39
N LYS D 43 46.41 -37.68 -5.49
CA LYS D 43 45.59 -37.82 -4.30
C LYS D 43 44.73 -36.57 -4.11
N GLU D 44 43.61 -36.74 -3.42
CA GLU D 44 42.69 -35.63 -3.20
C GLU D 44 43.26 -34.64 -2.20
N ARG D 45 42.75 -33.41 -2.26
CA ARG D 45 43.19 -32.35 -1.37
C ARG D 45 42.44 -32.44 -0.04
N GLU D 46 43.18 -32.40 1.06
CA GLU D 46 42.62 -32.55 2.39
C GLU D 46 43.08 -31.42 3.28
N GLY D 47 42.31 -31.16 4.34
CA GLY D 47 42.68 -30.15 5.31
C GLY D 47 43.88 -30.57 6.13
N VAL D 48 44.56 -29.56 6.69
CA VAL D 48 45.79 -29.81 7.44
C VAL D 48 45.62 -29.39 8.89
N LEU D 49 45.38 -28.10 9.12
CA LEU D 49 45.25 -27.58 10.47
C LEU D 49 44.66 -26.17 10.41
N CYS D 50 44.09 -25.75 11.54
CA CYS D 50 43.45 -24.43 11.63
C CYS D 50 43.30 -24.07 13.09
N ILE D 51 43.21 -22.75 13.34
CA ILE D 51 42.94 -22.21 14.67
C ILE D 51 41.82 -21.19 14.56
N SER D 52 41.19 -20.93 15.70
CA SER D 52 40.11 -19.96 15.75
C SER D 52 40.65 -18.54 15.57
N ALA D 53 39.87 -17.69 14.91
CA ALA D 53 40.28 -16.31 14.71
C ALA D 53 40.09 -15.47 15.96
N SER D 54 39.08 -15.78 16.78
CA SER D 54 38.78 -14.94 17.94
C SER D 54 39.86 -15.05 19.01
N GLY D 55 40.25 -16.27 19.37
CA GLY D 55 41.20 -16.45 20.45
C GLY D 55 42.36 -17.37 20.15
N GLY D 56 42.24 -18.14 19.07
CA GLY D 56 43.31 -19.05 18.68
C GLY D 56 43.14 -20.45 19.20
N SER D 57 41.92 -20.98 19.14
CA SER D 57 41.67 -22.36 19.53
C SER D 57 42.24 -23.28 18.47
N THR D 58 43.37 -23.92 18.76
CA THR D 58 44.14 -24.62 17.76
C THR D 58 43.58 -26.02 17.49
N LEU D 59 43.82 -26.51 16.29
CA LEU D 59 43.44 -27.86 15.88
C LEU D 59 44.46 -28.36 14.86
N TYR D 60 44.74 -29.66 14.92
CA TYR D 60 45.70 -30.29 14.03
C TYR D 60 45.06 -31.48 13.34
N ALA D 61 45.84 -32.18 12.52
CA ALA D 61 45.46 -33.43 11.90
C ALA D 61 46.33 -34.55 12.44
N ASP D 62 45.83 -35.78 12.29
CA ASP D 62 46.53 -36.94 12.84
C ASP D 62 47.89 -37.13 12.19
N SER D 63 47.98 -36.93 10.86
CA SER D 63 49.23 -37.15 10.16
C SER D 63 50.27 -36.08 10.48
N VAL D 64 49.82 -34.86 10.76
CA VAL D 64 50.73 -33.73 10.95
C VAL D 64 50.65 -33.18 12.38
N LYS D 65 50.21 -34.00 13.34
CA LYS D 65 50.08 -33.54 14.71
C LYS D 65 51.45 -33.29 15.32
N GLY D 66 51.58 -32.16 16.01
CA GLY D 66 52.84 -31.80 16.67
C GLY D 66 53.90 -31.26 15.74
N ARG D 67 54.10 -31.90 14.59
CA ARG D 67 55.11 -31.46 13.64
C ARG D 67 54.77 -30.10 13.03
N PHE D 68 53.49 -29.87 12.72
CA PHE D 68 53.05 -28.64 12.06
C PHE D 68 52.59 -27.66 13.14
N THR D 69 53.39 -26.62 13.37
CA THR D 69 53.10 -25.61 14.37
C THR D 69 52.65 -24.34 13.67
N ILE D 70 51.47 -23.82 14.05
CA ILE D 70 50.84 -22.71 13.35
C ILE D 70 50.55 -21.58 14.32
N SER D 71 50.49 -20.37 13.78
CA SER D 71 50.13 -19.19 14.55
C SER D 71 49.57 -18.14 13.59
N ARG D 72 48.55 -17.42 14.03
CA ARG D 72 47.88 -16.40 13.22
C ARG D 72 48.18 -15.03 13.80
N ASP D 73 48.68 -14.13 12.95
CA ASP D 73 48.99 -12.76 13.35
C ASP D 73 47.99 -11.82 12.70
N LYS D 74 47.24 -11.10 13.53
CA LYS D 74 46.23 -10.17 13.04
C LYS D 74 46.80 -8.83 12.61
N ASP D 75 48.05 -8.53 12.98
CA ASP D 75 48.65 -7.25 12.58
C ASP D 75 48.84 -7.20 11.07
N LYS D 76 49.45 -8.23 10.49
CA LYS D 76 49.58 -8.34 9.05
C LYS D 76 48.44 -9.15 8.43
N ASN D 77 47.55 -9.70 9.25
CA ASN D 77 46.43 -10.53 8.77
C ASN D 77 46.94 -11.70 7.94
N THR D 78 47.98 -12.37 8.44
CA THR D 78 48.61 -13.48 7.75
C THR D 78 48.72 -14.67 8.69
N VAL D 79 48.97 -15.84 8.10
CA VAL D 79 49.07 -17.10 8.84
C VAL D 79 50.48 -17.65 8.66
N TYR D 80 51.10 -18.02 9.78
CA TYR D 80 52.48 -18.49 9.80
C TYR D 80 52.52 -19.91 10.37
N LEU D 81 53.35 -20.76 9.78
CA LEU D 81 53.55 -22.12 10.26
C LEU D 81 55.03 -22.49 10.31
N GLN D 82 55.40 -23.26 11.33
CA GLN D 82 56.71 -23.88 11.43
C GLN D 82 56.57 -25.37 11.12
N MET D 83 57.31 -25.84 10.12
CA MET D 83 57.24 -27.24 9.69
C MET D 83 58.62 -27.84 9.79
N ASN D 84 58.76 -28.85 10.65
CA ASN D 84 60.03 -29.54 10.88
C ASN D 84 59.82 -31.04 10.75
N SER D 85 60.93 -31.77 10.69
CA SER D 85 60.93 -33.23 10.61
C SER D 85 60.15 -33.70 9.38
N LEU D 86 60.59 -33.25 8.21
CA LEU D 86 59.92 -33.59 6.96
C LEU D 86 60.21 -35.04 6.57
N LYS D 87 59.18 -35.73 6.07
CA LYS D 87 59.27 -37.08 5.53
C LYS D 87 58.80 -37.06 4.08
N PRO D 88 59.13 -38.08 3.30
CA PRO D 88 58.69 -38.11 1.90
C PRO D 88 57.18 -38.10 1.72
N GLU D 89 56.40 -38.54 2.71
CA GLU D 89 54.95 -38.53 2.56
C GLU D 89 54.37 -37.12 2.58
N ASP D 90 55.17 -36.12 2.93
CA ASP D 90 54.71 -34.74 2.96
C ASP D 90 54.84 -34.04 1.62
N THR D 91 55.35 -34.72 0.59
CA THR D 91 55.49 -34.12 -0.74
C THR D 91 54.12 -33.90 -1.34
N ALA D 92 53.70 -32.64 -1.42
CA ALA D 92 52.38 -32.31 -1.94
C ALA D 92 52.38 -30.84 -2.36
N VAL D 93 51.26 -30.41 -2.94
CA VAL D 93 51.07 -29.04 -3.37
C VAL D 93 50.16 -28.36 -2.34
N TYR D 94 50.70 -27.38 -1.64
CA TYR D 94 50.00 -26.79 -0.49
C TYR D 94 49.29 -25.51 -0.90
N TYR D 95 48.00 -25.43 -0.57
CA TYR D 95 47.17 -24.28 -0.88
C TYR D 95 46.66 -23.66 0.40
N CYS D 96 46.64 -22.32 0.46
CA CYS D 96 46.12 -21.61 1.61
C CYS D 96 44.73 -21.08 1.27
N ALA D 97 43.83 -21.11 2.24
CA ALA D 97 42.43 -20.83 1.96
C ALA D 97 41.80 -20.10 3.13
N ALA D 98 40.70 -19.40 2.83
CA ALA D 98 39.95 -18.64 3.83
C ALA D 98 38.46 -18.89 3.63
N ALA D 99 37.73 -19.00 4.73
CA ALA D 99 36.30 -19.26 4.69
C ALA D 99 35.64 -18.66 5.92
N GLY D 100 34.32 -18.49 5.84
CA GLY D 100 33.56 -17.95 6.95
C GLY D 100 33.15 -19.01 7.95
N ARG D 101 33.00 -18.59 9.20
CA ARG D 101 32.63 -19.49 10.28
C ARG D 101 31.14 -19.85 10.20
N LEU D 102 30.78 -20.93 10.87
CA LEU D 102 29.42 -21.43 10.86
C LEU D 102 28.64 -20.88 12.05
N ASP D 103 27.39 -20.50 11.80
CA ASP D 103 26.50 -19.98 12.83
C ASP D 103 25.28 -20.90 12.91
N LEU D 104 25.37 -21.92 13.78
CA LEU D 104 24.28 -22.86 13.97
C LEU D 104 24.16 -23.16 15.46
N GLY D 105 22.92 -23.20 15.95
CA GLY D 105 22.71 -23.39 17.37
C GLY D 105 23.04 -22.18 18.21
N SER D 106 23.11 -21.00 17.59
CA SER D 106 23.44 -19.75 18.27
C SER D 106 24.80 -19.83 18.96
N GLY D 107 25.83 -20.00 18.14
CA GLY D 107 27.18 -20.09 18.67
C GLY D 107 28.22 -19.75 17.62
N TYR D 108 29.45 -19.59 18.10
CA TYR D 108 30.61 -19.32 17.24
C TYR D 108 31.44 -20.60 17.17
N VAL D 109 31.38 -21.27 16.02
CA VAL D 109 32.10 -22.52 15.80
C VAL D 109 32.88 -22.40 14.50
N CYS D 110 34.17 -22.70 14.55
CA CYS D 110 35.03 -22.66 13.37
C CYS D 110 35.07 -24.03 12.71
N TYR D 111 34.85 -24.06 11.40
CA TYR D 111 34.80 -25.31 10.64
C TYR D 111 35.67 -25.19 9.41
N GLY D 112 36.32 -26.30 9.05
CA GLY D 112 37.15 -26.34 7.85
C GLY D 112 36.61 -27.30 6.82
N TYR D 113 37.43 -28.27 6.42
CA TYR D 113 37.06 -29.32 5.45
C TYR D 113 36.68 -28.62 4.14
N TYR D 114 35.58 -29.00 3.49
CA TYR D 114 35.18 -28.40 2.24
C TYR D 114 34.34 -27.15 2.50
N GLY D 115 33.72 -26.63 1.45
CA GLY D 115 32.93 -25.40 1.58
C GLY D 115 33.75 -24.18 1.89
N THR D 116 34.88 -23.99 1.21
CA THR D 116 35.77 -22.86 1.44
C THR D 116 35.47 -21.77 0.43
N ASP D 117 35.33 -20.54 0.91
CA ASP D 117 34.96 -19.43 0.03
C ASP D 117 36.12 -19.03 -0.89
N TYR D 118 37.33 -18.92 -0.33
CA TYR D 118 38.47 -18.41 -1.08
C TYR D 118 39.64 -19.37 -0.95
N TRP D 119 40.55 -19.28 -1.93
CA TRP D 119 41.70 -20.16 -2.02
C TRP D 119 42.90 -19.37 -2.57
N GLY D 120 44.10 -19.88 -2.30
CA GLY D 120 45.32 -19.28 -2.77
C GLY D 120 45.86 -19.97 -4.02
N LYS D 121 46.93 -19.40 -4.56
CA LYS D 121 47.53 -19.95 -5.77
C LYS D 121 48.33 -21.23 -5.47
N GLY D 122 48.87 -21.35 -4.26
CA GLY D 122 49.57 -22.55 -3.85
C GLY D 122 51.03 -22.55 -4.23
N THR D 123 51.76 -23.49 -3.64
CA THR D 123 53.19 -23.68 -3.89
C THR D 123 53.50 -25.17 -3.90
N GLN D 124 54.77 -25.49 -4.06
CA GLN D 124 55.24 -26.87 -4.08
C GLN D 124 56.25 -27.09 -2.97
N VAL D 125 56.01 -28.11 -2.15
CA VAL D 125 56.94 -28.53 -1.10
C VAL D 125 57.43 -29.92 -1.46
N THR D 126 58.74 -30.05 -1.66
CA THR D 126 59.35 -31.29 -2.13
C THR D 126 60.38 -31.78 -1.12
N VAL D 127 60.36 -33.08 -0.85
CA VAL D 127 61.33 -33.74 0.03
C VAL D 127 62.19 -34.64 -0.84
N SER D 128 63.52 -34.53 -0.69
CA SER D 128 64.43 -35.28 -1.54
C SER D 128 64.27 -36.78 -1.36
N SER D 129 64.11 -37.23 -0.11
CA SER D 129 63.91 -38.64 0.22
C SER D 129 65.08 -39.52 -0.25
N GLN E 1 -19.22 -9.72 -48.56
CA GLN E 1 -17.90 -9.18 -48.86
C GLN E 1 -17.65 -9.06 -50.36
N VAL E 2 -16.94 -10.04 -50.91
CA VAL E 2 -16.54 -10.03 -52.31
C VAL E 2 -17.81 -10.08 -53.17
N GLN E 3 -18.08 -9.00 -53.89
CA GLN E 3 -19.26 -8.93 -54.75
C GLN E 3 -18.86 -8.22 -56.04
N LEU E 4 -19.28 -8.79 -57.16
CA LEU E 4 -18.95 -8.25 -58.48
C LEU E 4 -20.24 -7.83 -59.17
N GLN E 5 -20.32 -6.56 -59.54
CA GLN E 5 -21.46 -6.01 -60.27
C GLN E 5 -20.94 -5.27 -61.49
N GLU E 6 -21.61 -5.48 -62.62
CA GLU E 6 -21.20 -4.91 -63.90
C GLU E 6 -22.15 -3.80 -64.32
N SER E 7 -21.68 -2.99 -65.26
CA SER E 7 -22.45 -1.87 -65.78
C SER E 7 -22.18 -1.72 -67.26
N GLY E 8 -23.12 -1.07 -67.96
CA GLY E 8 -23.00 -0.83 -69.37
C GLY E 8 -23.60 -1.94 -70.22
N GLY E 9 -23.65 -1.69 -71.52
CA GLY E 9 -24.19 -2.62 -72.49
C GLY E 9 -25.34 -2.00 -73.25
N GLY E 10 -26.01 -2.84 -74.05
CA GLY E 10 -27.16 -2.42 -74.82
C GLY E 10 -27.06 -2.98 -76.24
N LEU E 11 -27.83 -2.38 -77.13
CA LEU E 11 -27.88 -2.78 -78.53
C LEU E 11 -27.23 -1.69 -79.38
N VAL E 12 -26.26 -2.11 -80.21
CA VAL E 12 -25.51 -1.19 -81.05
C VAL E 12 -25.37 -1.79 -82.45
N GLN E 13 -25.13 -0.92 -83.42
CA GLN E 13 -24.90 -1.33 -84.79
C GLN E 13 -23.50 -1.91 -84.94
N PRO E 14 -23.27 -2.73 -85.97
CA PRO E 14 -21.92 -3.25 -86.20
C PRO E 14 -20.92 -2.11 -86.44
N GLY E 15 -19.71 -2.31 -85.94
CA GLY E 15 -18.69 -1.29 -86.01
C GLY E 15 -18.77 -0.22 -84.95
N GLY E 16 -19.71 -0.31 -84.02
CA GLY E 16 -19.86 0.67 -82.96
C GLY E 16 -18.89 0.42 -81.81
N SER E 17 -19.06 1.21 -80.77
CA SER E 17 -18.20 1.16 -79.60
C SER E 17 -19.05 1.09 -78.33
N LEU E 18 -18.54 0.36 -77.35
CA LEU E 18 -19.19 0.22 -76.05
C LEU E 18 -18.14 0.16 -74.96
N ARG E 19 -18.56 0.49 -73.74
CA ARG E 19 -17.70 0.43 -72.57
C ARG E 19 -18.39 -0.39 -71.49
N LEU E 20 -17.71 -1.42 -71.01
CA LEU E 20 -18.24 -2.31 -69.99
C LEU E 20 -17.29 -2.33 -68.80
N SER E 21 -17.84 -2.17 -67.59
CA SER E 21 -17.04 -2.13 -66.37
C SER E 21 -17.71 -2.95 -65.30
N CYS E 22 -16.91 -3.75 -64.58
CA CYS E 22 -17.38 -4.53 -63.43
C CYS E 22 -16.61 -4.08 -62.20
N ALA E 23 -17.35 -3.76 -61.13
CA ALA E 23 -16.76 -3.22 -59.91
C ALA E 23 -16.61 -4.33 -58.88
N ALA E 24 -15.40 -4.48 -58.34
CA ALA E 24 -15.10 -5.47 -57.33
C ALA E 24 -15.10 -4.79 -55.96
N SER E 25 -16.11 -5.12 -55.15
CA SER E 25 -16.26 -4.53 -53.83
C SER E 25 -15.99 -5.58 -52.76
N GLY E 26 -15.29 -5.18 -51.71
CA GLY E 26 -15.00 -6.06 -50.60
C GLY E 26 -13.85 -7.02 -50.83
N PHE E 27 -13.12 -6.89 -51.94
CA PHE E 27 -12.01 -7.79 -52.21
C PHE E 27 -10.86 -7.51 -51.26
N THR E 28 -10.24 -8.58 -50.75
CA THR E 28 -9.16 -8.46 -49.78
C THR E 28 -7.93 -9.28 -50.13
N LEU E 29 -7.98 -10.08 -51.19
CA LEU E 29 -6.83 -10.89 -51.56
C LEU E 29 -5.67 -10.01 -52.03
N ASP E 30 -4.45 -10.37 -51.60
CA ASP E 30 -3.28 -9.58 -51.96
C ASP E 30 -2.99 -9.67 -53.45
N ASP E 31 -2.97 -10.88 -54.00
CA ASP E 31 -2.74 -11.11 -55.43
C ASP E 31 -3.86 -11.97 -55.98
N TYR E 32 -4.34 -11.60 -57.17
CA TYR E 32 -5.46 -12.30 -57.79
C TYR E 32 -5.44 -12.03 -59.28
N ALA E 33 -6.19 -12.84 -60.01
CA ALA E 33 -6.29 -12.72 -61.48
C ALA E 33 -7.77 -12.71 -61.85
N ILE E 34 -8.30 -11.52 -62.10
CA ILE E 34 -9.68 -11.35 -62.51
C ILE E 34 -9.79 -11.55 -64.02
N GLY E 35 -10.90 -12.13 -64.46
CA GLY E 35 -11.11 -12.38 -65.87
C GLY E 35 -12.51 -12.00 -66.30
N TRP E 36 -12.65 -11.76 -67.59
CA TRP E 36 -13.93 -11.42 -68.21
C TRP E 36 -14.37 -12.57 -69.11
N PHE E 37 -15.66 -12.89 -69.06
CA PHE E 37 -16.20 -14.03 -69.77
C PHE E 37 -17.46 -13.64 -70.53
N ARG E 38 -17.69 -14.32 -71.65
CA ARG E 38 -18.89 -14.11 -72.45
C ARG E 38 -19.42 -15.48 -72.88
N GLN E 39 -20.74 -15.55 -73.10
CA GLN E 39 -21.37 -16.81 -73.48
C GLN E 39 -22.60 -16.50 -74.34
N ALA E 40 -22.50 -16.80 -75.63
CA ALA E 40 -23.65 -16.69 -76.50
C ALA E 40 -24.58 -17.89 -76.31
N PRO E 41 -25.89 -17.66 -76.21
CA PRO E 41 -26.85 -18.78 -76.15
C PRO E 41 -26.55 -19.87 -77.17
N GLY E 42 -26.29 -21.07 -76.70
CA GLY E 42 -25.95 -22.19 -77.56
C GLY E 42 -24.48 -22.51 -77.67
N LYS E 43 -23.62 -21.84 -76.91
CA LYS E 43 -22.19 -22.13 -76.91
C LYS E 43 -21.66 -22.00 -75.49
N GLU E 44 -20.56 -22.70 -75.22
CA GLU E 44 -19.98 -22.71 -73.88
C GLU E 44 -19.24 -21.41 -73.60
N ARG E 45 -19.35 -20.95 -72.35
CA ARG E 45 -18.65 -19.74 -71.94
C ARG E 45 -17.14 -19.94 -71.98
N GLU E 46 -16.42 -18.88 -72.35
CA GLU E 46 -14.97 -18.92 -72.44
C GLU E 46 -14.40 -17.59 -71.97
N GLY E 47 -13.13 -17.62 -71.58
CA GLY E 47 -12.46 -16.40 -71.17
C GLY E 47 -12.23 -15.45 -72.32
N VAL E 48 -12.13 -14.16 -71.98
CA VAL E 48 -11.98 -13.13 -73.00
C VAL E 48 -10.65 -12.40 -72.80
N LEU E 49 -10.52 -11.71 -71.67
CA LEU E 49 -9.33 -10.90 -71.39
C LEU E 49 -8.95 -11.06 -69.93
N CYS E 50 -7.67 -10.82 -69.65
CA CYS E 50 -7.13 -10.89 -68.30
C CYS E 50 -5.77 -10.23 -68.27
N ILE E 51 -5.50 -9.45 -67.23
CA ILE E 51 -4.22 -8.80 -67.04
C ILE E 51 -3.74 -9.04 -65.61
N SER E 52 -2.43 -8.95 -65.43
CA SER E 52 -1.84 -9.18 -64.11
C SER E 52 -2.21 -8.07 -63.14
N ALA E 53 -2.38 -8.45 -61.88
CA ALA E 53 -2.71 -7.46 -60.85
C ALA E 53 -1.50 -6.64 -60.43
N SER E 54 -0.32 -7.25 -60.41
CA SER E 54 0.87 -6.55 -59.89
C SER E 54 1.30 -5.44 -60.82
N GLY E 55 1.40 -5.72 -62.12
CA GLY E 55 1.92 -4.73 -63.05
C GLY E 55 1.06 -4.49 -64.27
N GLY E 56 0.11 -5.39 -64.53
CA GLY E 56 -0.76 -5.26 -65.67
C GLY E 56 -0.20 -5.86 -66.95
N SER E 57 0.16 -7.13 -66.90
CA SER E 57 0.66 -7.83 -68.08
C SER E 57 -0.53 -8.19 -68.98
N THR E 58 -0.55 -7.61 -70.18
CA THR E 58 -1.70 -7.77 -71.06
C THR E 58 -1.73 -9.16 -71.68
N LEU E 59 -2.87 -9.85 -71.53
CA LEU E 59 -3.12 -11.12 -72.17
C LEU E 59 -4.45 -11.04 -72.90
N TYR E 60 -4.45 -11.35 -74.19
CA TYR E 60 -5.63 -11.18 -75.04
C TYR E 60 -5.98 -12.49 -75.71
N ALA E 61 -7.25 -12.61 -76.09
CA ALA E 61 -7.72 -13.75 -76.85
C ALA E 61 -7.56 -13.48 -78.34
N ASP E 62 -7.33 -14.56 -79.10
CA ASP E 62 -7.04 -14.43 -80.52
C ASP E 62 -8.21 -13.81 -81.28
N SER E 63 -9.44 -14.24 -80.98
CA SER E 63 -10.59 -13.76 -81.72
C SER E 63 -10.87 -12.29 -81.45
N VAL E 64 -10.52 -11.79 -80.27
CA VAL E 64 -10.85 -10.43 -79.86
C VAL E 64 -9.59 -9.61 -79.59
N LYS E 65 -8.45 -10.03 -80.12
CA LYS E 65 -7.22 -9.28 -79.93
C LYS E 65 -7.28 -7.95 -80.66
N GLY E 66 -6.83 -6.90 -80.00
CA GLY E 66 -6.86 -5.56 -80.57
C GLY E 66 -8.18 -4.84 -80.49
N ARG E 67 -9.28 -5.52 -80.83
CA ARG E 67 -10.60 -4.90 -80.76
C ARG E 67 -11.08 -4.75 -79.32
N PHE E 68 -10.64 -5.62 -78.42
CA PHE E 68 -11.08 -5.60 -77.03
C PHE E 68 -9.98 -4.96 -76.18
N THR E 69 -10.26 -3.80 -75.61
CA THR E 69 -9.31 -3.06 -74.79
C THR E 69 -9.73 -3.16 -73.33
N ILE E 70 -8.80 -3.58 -72.48
CA ILE E 70 -9.05 -3.78 -71.05
C ILE E 70 -8.13 -2.88 -70.26
N SER E 71 -8.66 -2.30 -69.18
CA SER E 71 -7.88 -1.48 -68.27
C SER E 71 -8.37 -1.70 -66.84
N ARG E 72 -7.44 -1.74 -65.91
CA ARG E 72 -7.74 -2.00 -64.50
C ARG E 72 -7.33 -0.80 -63.67
N ASP E 73 -8.26 -0.30 -62.86
CA ASP E 73 -8.02 0.86 -62.00
C ASP E 73 -8.08 0.40 -60.55
N LYS E 74 -6.97 0.58 -59.83
CA LYS E 74 -6.92 0.20 -58.42
C LYS E 74 -7.59 1.23 -57.51
N ASP E 75 -7.82 2.45 -58.01
CA ASP E 75 -8.46 3.47 -57.18
C ASP E 75 -9.88 3.08 -56.81
N LYS E 76 -10.64 2.54 -57.77
CA LYS E 76 -12.00 2.10 -57.53
C LYS E 76 -12.14 0.58 -57.49
N ASN E 77 -11.04 -0.16 -57.64
CA ASN E 77 -11.06 -1.61 -57.64
C ASN E 77 -12.04 -2.16 -58.68
N THR E 78 -12.00 -1.58 -59.88
CA THR E 78 -12.87 -1.99 -60.97
C THR E 78 -12.05 -2.15 -62.25
N VAL E 79 -12.54 -2.98 -63.15
CA VAL E 79 -11.90 -3.26 -64.43
C VAL E 79 -12.75 -2.66 -65.54
N TYR E 80 -12.12 -1.89 -66.42
CA TYR E 80 -12.81 -1.22 -67.51
C TYR E 80 -12.47 -1.91 -68.82
N LEU E 81 -13.51 -2.29 -69.57
CA LEU E 81 -13.36 -2.93 -70.86
C LEU E 81 -13.90 -2.00 -71.95
N GLN E 82 -13.09 -1.78 -72.98
CA GLN E 82 -13.45 -0.92 -74.10
C GLN E 82 -13.72 -1.77 -75.33
N MET E 83 -14.83 -1.49 -76.01
CA MET E 83 -15.25 -2.26 -77.17
C MET E 83 -15.24 -1.36 -78.40
N ASN E 84 -14.78 -1.90 -79.52
CA ASN E 84 -14.88 -1.20 -80.80
C ASN E 84 -14.82 -2.22 -81.93
N SER E 85 -15.29 -1.78 -83.10
CA SER E 85 -15.36 -2.63 -84.30
C SER E 85 -16.13 -3.92 -84.00
N LEU E 86 -17.29 -3.76 -83.38
CA LEU E 86 -18.10 -4.91 -82.97
C LEU E 86 -18.61 -5.67 -84.19
N LYS E 87 -18.74 -6.97 -84.03
CA LYS E 87 -19.10 -7.90 -85.09
C LYS E 87 -20.29 -8.73 -84.68
N PRO E 88 -21.02 -9.32 -85.63
CA PRO E 88 -22.17 -10.16 -85.27
C PRO E 88 -21.81 -11.32 -84.35
N GLU E 89 -20.60 -11.85 -84.45
CA GLU E 89 -20.18 -12.95 -83.58
C GLU E 89 -19.97 -12.52 -82.13
N ASP E 90 -19.98 -11.22 -81.85
CA ASP E 90 -19.77 -10.73 -80.50
C ASP E 90 -21.04 -10.71 -79.66
N THR E 91 -22.19 -11.11 -80.23
CA THR E 91 -23.44 -11.13 -79.48
C THR E 91 -23.39 -12.26 -78.46
N ALA E 92 -23.33 -11.91 -77.18
CA ALA E 92 -23.24 -12.89 -76.12
C ALA E 92 -23.60 -12.22 -74.80
N VAL E 93 -23.73 -13.04 -73.76
CA VAL E 93 -23.99 -12.54 -72.41
C VAL E 93 -22.63 -12.41 -71.71
N TYR E 94 -22.22 -11.17 -71.45
CA TYR E 94 -20.89 -10.88 -70.94
C TYR E 94 -20.88 -10.88 -69.42
N TYR E 95 -19.93 -11.60 -68.84
CA TYR E 95 -19.81 -11.74 -67.39
C TYR E 95 -18.42 -11.29 -66.94
N CYS E 96 -18.34 -10.88 -65.68
CA CYS E 96 -17.07 -10.57 -65.05
C CYS E 96 -16.83 -11.56 -63.92
N ALA E 97 -15.55 -11.85 -63.65
CA ALA E 97 -15.21 -12.85 -62.65
C ALA E 97 -13.90 -12.47 -61.98
N ALA E 98 -13.70 -13.01 -60.78
CA ALA E 98 -12.49 -12.74 -60.00
C ALA E 98 -11.99 -14.03 -59.39
N ALA E 99 -10.67 -14.25 -59.49
CA ALA E 99 -10.05 -15.44 -58.92
C ALA E 99 -8.62 -15.11 -58.53
N GLY E 100 -8.09 -15.90 -57.59
CA GLY E 100 -6.74 -15.69 -57.13
C GLY E 100 -5.69 -16.19 -58.11
N ARG E 101 -4.47 -15.71 -57.91
CA ARG E 101 -3.35 -16.12 -58.74
C ARG E 101 -2.88 -17.51 -58.36
N LEU E 102 -2.30 -18.20 -59.35
CA LEU E 102 -1.78 -19.55 -59.13
C LEU E 102 -0.37 -19.46 -58.58
N ASP E 103 -0.11 -20.21 -57.51
CA ASP E 103 1.18 -20.21 -56.82
C ASP E 103 1.80 -21.59 -56.94
N LEU E 104 2.55 -21.80 -58.03
CA LEU E 104 3.25 -23.05 -58.27
C LEU E 104 4.71 -22.76 -58.59
N GLY E 105 5.60 -23.58 -58.04
CA GLY E 105 7.02 -23.42 -58.28
C GLY E 105 7.62 -22.14 -57.76
N SER E 106 7.11 -21.62 -56.64
CA SER E 106 7.61 -20.40 -56.01
C SER E 106 7.66 -19.24 -57.00
N GLY E 107 6.49 -18.97 -57.61
CA GLY E 107 6.39 -17.91 -58.58
C GLY E 107 5.00 -17.31 -58.59
N TYR E 108 4.88 -16.18 -59.28
CA TYR E 108 3.62 -15.44 -59.41
C TYR E 108 3.22 -15.44 -60.87
N VAL E 109 2.26 -16.30 -61.22
CA VAL E 109 1.75 -16.40 -62.58
C VAL E 109 0.23 -16.32 -62.52
N CYS E 110 -0.34 -15.40 -63.30
CA CYS E 110 -1.78 -15.23 -63.33
C CYS E 110 -2.42 -16.25 -64.26
N TYR E 111 -3.42 -16.97 -63.78
CA TYR E 111 -4.10 -18.01 -64.54
C TYR E 111 -5.59 -17.74 -64.54
N GLY E 112 -6.21 -17.90 -65.71
CA GLY E 112 -7.64 -17.70 -65.85
C GLY E 112 -8.37 -18.98 -66.22
N TYR E 113 -9.03 -18.96 -67.38
CA TYR E 113 -9.77 -20.12 -67.90
C TYR E 113 -10.84 -20.48 -66.88
N TYR E 114 -10.97 -21.76 -66.50
CA TYR E 114 -11.97 -22.16 -65.53
C TYR E 114 -11.38 -22.08 -64.13
N GLY E 115 -12.09 -22.64 -63.15
CA GLY E 115 -11.64 -22.59 -61.76
C GLY E 115 -11.64 -21.20 -61.16
N THR E 116 -12.70 -20.43 -61.38
CA THR E 116 -12.82 -19.08 -60.86
C THR E 116 -13.58 -19.08 -59.55
N ASP E 117 -13.11 -18.28 -58.59
CA ASP E 117 -13.71 -18.26 -57.27
C ASP E 117 -15.08 -17.59 -57.28
N TYR E 118 -15.20 -16.45 -57.94
CA TYR E 118 -16.41 -15.64 -57.88
C TYR E 118 -16.86 -15.25 -59.28
N TRP E 119 -18.15 -14.95 -59.39
CA TRP E 119 -18.77 -14.55 -60.66
C TRP E 119 -19.79 -13.46 -60.40
N GLY E 120 -20.07 -12.68 -61.44
CA GLY E 120 -21.07 -11.64 -61.38
C GLY E 120 -22.39 -12.06 -62.03
N LYS E 121 -23.35 -11.14 -61.99
CA LYS E 121 -24.65 -11.39 -62.58
C LYS E 121 -24.61 -11.32 -64.11
N GLY E 122 -23.68 -10.55 -64.66
CA GLY E 122 -23.49 -10.49 -66.10
C GLY E 122 -24.40 -9.48 -66.78
N THR E 123 -24.04 -9.15 -68.02
CA THR E 123 -24.78 -8.22 -68.84
C THR E 123 -24.93 -8.78 -70.25
N GLN E 124 -25.86 -8.20 -71.01
CA GLN E 124 -26.14 -8.62 -72.37
C GLN E 124 -25.67 -7.56 -73.35
N VAL E 125 -24.88 -7.98 -74.33
CA VAL E 125 -24.40 -7.12 -75.41
C VAL E 125 -24.95 -7.66 -76.71
N THR E 126 -25.67 -6.81 -77.44
CA THR E 126 -26.36 -7.21 -78.67
C THR E 126 -25.92 -6.33 -79.82
N VAL E 127 -25.71 -6.94 -80.99
CA VAL E 127 -25.37 -6.25 -82.23
C VAL E 127 -26.57 -6.32 -83.15
N SER E 128 -26.95 -5.17 -83.72
CA SER E 128 -28.12 -5.12 -84.59
C SER E 128 -27.92 -5.97 -85.84
N SER E 129 -26.71 -5.97 -86.40
CA SER E 129 -26.36 -6.76 -87.57
C SER E 129 -27.22 -6.38 -88.79
N GLN F 1 -1.74 -49.30 24.41
CA GLN F 1 -2.86 -48.68 23.70
C GLN F 1 -3.64 -49.71 22.91
N VAL F 2 -2.93 -50.57 22.18
CA VAL F 2 -3.55 -51.61 21.38
C VAL F 2 -3.65 -52.87 22.22
N GLN F 3 -4.87 -53.39 22.38
CA GLN F 3 -5.11 -54.59 23.15
C GLN F 3 -6.07 -55.49 22.40
N LEU F 4 -5.82 -56.81 22.48
CA LEU F 4 -6.66 -57.81 21.83
C LEU F 4 -7.16 -58.77 22.90
N GLN F 5 -8.46 -58.76 23.15
CA GLN F 5 -9.09 -59.63 24.12
C GLN F 5 -10.19 -60.44 23.44
N GLU F 6 -10.25 -61.72 23.76
CA GLU F 6 -11.20 -62.64 23.14
C GLU F 6 -12.24 -63.10 24.15
N SER F 7 -13.39 -63.54 23.62
CA SER F 7 -14.48 -64.03 24.44
C SER F 7 -15.12 -65.23 23.75
N GLY F 8 -15.68 -66.11 24.56
CA GLY F 8 -16.34 -67.31 24.07
C GLY F 8 -15.44 -68.54 24.16
N GLY F 9 -16.09 -69.69 23.98
CA GLY F 9 -15.44 -70.99 24.03
C GLY F 9 -16.15 -71.91 24.98
N GLY F 10 -15.49 -73.03 25.31
CA GLY F 10 -16.02 -74.01 26.23
C GLY F 10 -15.92 -75.40 25.65
N LEU F 11 -16.69 -76.32 26.23
CA LEU F 11 -16.72 -77.72 25.81
C LEU F 11 -18.07 -78.04 25.22
N VAL F 12 -18.08 -78.59 24.01
CA VAL F 12 -19.30 -78.96 23.31
C VAL F 12 -19.13 -80.35 22.71
N GLN F 13 -20.27 -80.98 22.43
CA GLN F 13 -20.27 -82.29 21.78
C GLN F 13 -19.89 -82.14 20.31
N PRO F 14 -19.39 -83.21 19.68
CA PRO F 14 -19.08 -83.15 18.26
C PRO F 14 -20.32 -82.82 17.44
N GLY F 15 -20.12 -82.02 16.39
CA GLY F 15 -21.22 -81.55 15.57
C GLY F 15 -21.92 -80.31 16.09
N GLY F 16 -21.46 -79.76 17.22
CA GLY F 16 -22.08 -78.56 17.78
C GLY F 16 -21.56 -77.29 17.14
N SER F 17 -22.00 -76.17 17.70
CA SER F 17 -21.64 -74.85 17.20
C SER F 17 -21.15 -73.98 18.34
N LEU F 18 -20.23 -73.07 18.01
CA LEU F 18 -19.68 -72.13 18.97
C LEU F 18 -19.42 -70.80 18.28
N ARG F 19 -19.34 -69.75 19.09
CA ARG F 19 -19.07 -68.40 18.61
C ARG F 19 -17.86 -67.84 19.35
N LEU F 20 -16.88 -67.37 18.60
CA LEU F 20 -15.67 -66.79 19.16
C LEU F 20 -15.46 -65.39 18.58
N SER F 21 -15.11 -64.45 19.44
CA SER F 21 -14.89 -63.06 19.02
C SER F 21 -13.72 -62.47 19.80
N CYS F 22 -12.87 -61.72 19.09
CA CYS F 22 -11.77 -60.99 19.70
C CYS F 22 -11.93 -59.51 19.40
N ALA F 23 -11.93 -58.69 20.45
CA ALA F 23 -12.14 -57.26 20.35
C ALA F 23 -10.81 -56.53 20.32
N ALA F 24 -10.64 -55.64 19.35
CA ALA F 24 -9.44 -54.83 19.22
C ALA F 24 -9.74 -53.42 19.71
N SER F 25 -9.01 -52.98 20.73
CA SER F 25 -9.18 -51.67 21.33
C SER F 25 -7.89 -50.87 21.17
N GLY F 26 -8.02 -49.62 20.71
CA GLY F 26 -6.89 -48.75 20.54
C GLY F 26 -6.12 -48.93 19.24
N PHE F 27 -6.63 -49.74 18.32
CA PHE F 27 -5.95 -49.94 17.04
C PHE F 27 -5.97 -48.66 16.22
N THR F 28 -4.83 -48.34 15.61
CA THR F 28 -4.68 -47.09 14.86
C THR F 28 -4.19 -47.27 13.43
N LEU F 29 -3.74 -48.46 13.05
CA LEU F 29 -3.25 -48.68 11.69
C LEU F 29 -4.39 -48.54 10.69
N ASP F 30 -4.12 -47.82 9.60
CA ASP F 30 -5.14 -47.61 8.57
C ASP F 30 -5.44 -48.92 7.83
N ASP F 31 -4.40 -49.63 7.40
CA ASP F 31 -4.53 -50.89 6.70
C ASP F 31 -3.85 -51.99 7.52
N TYR F 32 -4.57 -53.07 7.77
CA TYR F 32 -4.06 -54.15 8.59
C TYR F 32 -4.75 -55.45 8.22
N ALA F 33 -4.13 -56.56 8.58
CA ALA F 33 -4.65 -57.90 8.31
C ALA F 33 -4.64 -58.69 9.61
N ILE F 34 -5.78 -58.74 10.28
CA ILE F 34 -5.90 -59.49 11.54
C ILE F 34 -6.17 -60.95 11.22
N GLY F 35 -5.59 -61.85 12.02
CA GLY F 35 -5.73 -63.27 11.79
C GLY F 35 -6.05 -64.01 13.07
N TRP F 36 -6.63 -65.19 12.89
CA TRP F 36 -6.95 -66.09 13.99
C TRP F 36 -6.10 -67.35 13.89
N PHE F 37 -5.57 -67.78 15.04
CA PHE F 37 -4.64 -68.90 15.10
C PHE F 37 -5.07 -69.88 16.17
N ARG F 38 -4.70 -71.15 15.97
CA ARG F 38 -4.98 -72.20 16.93
C ARG F 38 -3.73 -73.07 17.08
N GLN F 39 -3.61 -73.71 18.24
CA GLN F 39 -2.46 -74.58 18.52
C GLN F 39 -2.91 -75.69 19.45
N ALA F 40 -3.00 -76.91 18.92
CA ALA F 40 -3.29 -78.05 19.76
C ALA F 40 -2.08 -78.42 20.61
N PRO F 41 -2.29 -79.00 21.79
CA PRO F 41 -1.15 -79.40 22.63
C PRO F 41 -0.27 -80.41 21.89
N GLY F 42 0.96 -80.01 21.63
CA GLY F 42 1.92 -80.84 20.92
C GLY F 42 2.10 -80.52 19.45
N LYS F 43 1.48 -79.46 18.95
CA LYS F 43 1.62 -79.08 17.55
C LYS F 43 1.87 -77.58 17.44
N GLU F 44 2.54 -77.19 16.36
CA GLU F 44 2.87 -75.79 16.15
C GLU F 44 1.63 -74.98 15.76
N ARG F 45 1.57 -73.75 16.25
CA ARG F 45 0.47 -72.86 15.89
C ARG F 45 0.55 -72.50 14.41
N GLU F 46 -0.62 -72.46 13.77
CA GLU F 46 -0.70 -72.18 12.34
C GLU F 46 -1.85 -71.22 12.06
N GLY F 47 -1.76 -70.54 10.93
CA GLY F 47 -2.84 -69.68 10.49
C GLY F 47 -4.08 -70.48 10.13
N VAL F 48 -5.24 -69.88 10.39
CA VAL F 48 -6.51 -70.56 10.17
C VAL F 48 -7.31 -69.84 9.09
N LEU F 49 -7.64 -68.57 9.33
CA LEU F 49 -8.52 -67.85 8.41
C LEU F 49 -8.29 -66.35 8.58
N CYS F 50 -8.58 -65.61 7.52
CA CYS F 50 -8.38 -64.17 7.51
C CYS F 50 -9.13 -63.57 6.32
N ILE F 51 -9.54 -62.30 6.47
CA ILE F 51 -10.17 -61.55 5.40
C ILE F 51 -9.51 -60.18 5.31
N SER F 52 -9.70 -59.53 4.17
CA SER F 52 -9.18 -58.19 3.98
C SER F 52 -10.01 -57.18 4.77
N ALA F 53 -9.38 -56.04 5.07
CA ALA F 53 -10.04 -54.99 5.84
C ALA F 53 -10.77 -53.98 4.98
N SER F 54 -10.27 -53.69 3.78
CA SER F 54 -10.88 -52.68 2.94
C SER F 54 -12.24 -53.12 2.42
N GLY F 55 -12.31 -54.33 1.88
CA GLY F 55 -13.55 -54.79 1.27
C GLY F 55 -14.05 -56.12 1.82
N GLY F 56 -13.16 -56.89 2.44
CA GLY F 56 -13.54 -58.17 3.01
C GLY F 56 -13.36 -59.34 2.07
N SER F 57 -12.18 -59.47 1.48
CA SER F 57 -11.86 -60.61 0.63
C SER F 57 -11.54 -61.80 1.52
N THR F 58 -12.46 -62.78 1.56
CA THR F 58 -12.37 -63.87 2.51
C THR F 58 -11.33 -64.90 2.09
N LEU F 59 -10.57 -65.39 3.06
CA LEU F 59 -9.62 -66.48 2.84
C LEU F 59 -9.81 -67.52 3.93
N TYR F 60 -9.60 -68.78 3.57
CA TYR F 60 -9.79 -69.89 4.50
C TYR F 60 -8.68 -70.91 4.33
N ALA F 61 -8.52 -71.75 5.35
CA ALA F 61 -7.65 -72.90 5.28
C ALA F 61 -8.44 -74.10 4.75
N ASP F 62 -7.70 -75.09 4.23
CA ASP F 62 -8.36 -76.26 3.65
C ASP F 62 -9.10 -77.06 4.70
N SER F 63 -8.55 -77.18 5.91
CA SER F 63 -9.16 -78.00 6.94
C SER F 63 -10.39 -77.37 7.58
N VAL F 64 -10.58 -76.06 7.41
CA VAL F 64 -11.69 -75.36 8.05
C VAL F 64 -12.54 -74.63 7.02
N LYS F 65 -12.42 -75.04 5.75
CA LYS F 65 -13.18 -74.39 4.69
C LYS F 65 -14.65 -74.79 4.81
N GLY F 66 -15.52 -73.80 4.93
CA GLY F 66 -16.95 -74.05 5.09
C GLY F 66 -17.42 -74.19 6.53
N ARG F 67 -16.69 -74.99 7.32
CA ARG F 67 -17.06 -75.17 8.72
C ARG F 67 -16.75 -73.96 9.56
N PHE F 68 -15.86 -73.07 9.10
CA PHE F 68 -15.51 -71.85 9.81
C PHE F 68 -16.02 -70.65 9.02
N THR F 69 -16.81 -69.81 9.67
CA THR F 69 -17.34 -68.59 9.07
C THR F 69 -16.91 -67.40 9.92
N ILE F 70 -16.45 -66.34 9.25
CA ILE F 70 -15.93 -65.16 9.92
C ILE F 70 -16.65 -63.92 9.40
N SER F 71 -16.66 -62.88 10.23
CA SER F 71 -17.22 -61.58 9.85
C SER F 71 -16.52 -60.52 10.67
N ARG F 72 -16.18 -59.40 10.01
CA ARG F 72 -15.49 -58.29 10.66
C ARG F 72 -16.40 -57.08 10.64
N ASP F 73 -16.67 -56.52 11.82
CA ASP F 73 -17.51 -55.34 11.96
C ASP F 73 -16.64 -54.18 12.43
N LYS F 74 -16.66 -53.07 11.68
CA LYS F 74 -15.85 -51.92 12.03
C LYS F 74 -16.51 -51.02 13.06
N ASP F 75 -17.78 -51.27 13.41
CA ASP F 75 -18.45 -50.47 14.42
C ASP F 75 -17.79 -50.66 15.78
N LYS F 76 -17.54 -51.91 16.17
CA LYS F 76 -16.90 -52.22 17.43
C LYS F 76 -15.44 -52.64 17.26
N ASN F 77 -14.94 -52.69 16.02
CA ASN F 77 -13.58 -53.14 15.73
C ASN F 77 -13.33 -54.54 16.30
N THR F 78 -14.35 -55.40 16.20
CA THR F 78 -14.29 -56.75 16.73
C THR F 78 -14.64 -57.74 15.64
N VAL F 79 -13.87 -58.82 15.56
CA VAL F 79 -14.08 -59.86 14.57
C VAL F 79 -14.75 -61.06 15.24
N TYR F 80 -15.77 -61.61 14.58
CA TYR F 80 -16.56 -62.70 15.11
C TYR F 80 -16.35 -63.95 14.29
N LEU F 81 -16.17 -65.08 14.96
CA LEU F 81 -15.91 -66.37 14.34
C LEU F 81 -17.06 -67.31 14.62
N GLN F 82 -17.57 -67.95 13.56
CA GLN F 82 -18.64 -68.94 13.66
C GLN F 82 -18.10 -70.31 13.28
N MET F 83 -18.24 -71.28 14.17
CA MET F 83 -17.81 -72.65 13.93
C MET F 83 -19.01 -73.58 14.09
N ASN F 84 -19.20 -74.47 13.12
CA ASN F 84 -20.26 -75.47 13.18
C ASN F 84 -19.70 -76.81 12.74
N SER F 85 -20.38 -77.88 13.17
CA SER F 85 -19.94 -79.25 12.91
C SER F 85 -18.53 -79.48 13.43
N LEU F 86 -18.31 -79.13 14.69
CA LEU F 86 -17.00 -79.27 15.30
C LEU F 86 -16.61 -80.75 15.39
N LYS F 87 -15.32 -81.02 15.24
CA LYS F 87 -14.77 -82.35 15.17
C LYS F 87 -13.63 -82.49 16.17
N PRO F 88 -13.29 -83.72 16.57
CA PRO F 88 -12.30 -83.88 17.65
C PRO F 88 -10.94 -83.24 17.37
N GLU F 89 -10.47 -83.23 16.13
CA GLU F 89 -9.16 -82.65 15.84
C GLU F 89 -9.16 -81.14 15.96
N ASP F 90 -10.33 -80.49 16.06
CA ASP F 90 -10.41 -79.05 16.22
C ASP F 90 -10.08 -78.59 17.63
N THR F 91 -9.92 -79.50 18.57
CA THR F 91 -9.56 -79.12 19.94
C THR F 91 -8.14 -78.54 19.95
N ALA F 92 -8.02 -77.28 20.34
CA ALA F 92 -6.75 -76.58 20.32
C ALA F 92 -6.89 -75.32 21.18
N VAL F 93 -5.78 -74.60 21.32
CA VAL F 93 -5.76 -73.31 22.00
C VAL F 93 -5.87 -72.23 20.93
N TYR F 94 -7.01 -71.55 20.88
CA TYR F 94 -7.31 -70.60 19.82
C TYR F 94 -6.92 -69.19 20.24
N TYR F 95 -6.23 -68.49 19.33
CA TYR F 95 -5.74 -67.15 19.58
C TYR F 95 -6.21 -66.20 18.49
N CYS F 96 -6.27 -64.92 18.83
CA CYS F 96 -6.52 -63.86 17.87
C CYS F 96 -5.27 -63.00 17.74
N ALA F 97 -5.00 -62.54 16.51
CA ALA F 97 -3.78 -61.80 16.21
C ALA F 97 -4.10 -60.66 15.27
N ALA F 98 -3.29 -59.60 15.35
CA ALA F 98 -3.46 -58.43 14.51
C ALA F 98 -2.10 -57.99 13.98
N ALA F 99 -2.05 -57.66 12.70
CA ALA F 99 -0.81 -57.21 12.07
C ALA F 99 -1.16 -56.31 10.89
N GLY F 100 -0.22 -55.43 10.55
CA GLY F 100 -0.41 -54.55 9.42
C GLY F 100 -0.20 -55.24 8.09
N ARG F 101 -0.77 -54.64 7.05
CA ARG F 101 -0.65 -55.19 5.70
C ARG F 101 0.73 -54.90 5.13
N LEU F 102 1.24 -55.88 4.37
CA LEU F 102 2.54 -55.73 3.72
C LEU F 102 2.43 -54.76 2.55
N ASP F 103 3.47 -53.96 2.37
CA ASP F 103 3.53 -52.97 1.30
C ASP F 103 4.69 -53.32 0.37
N LEU F 104 4.40 -54.06 -0.69
CA LEU F 104 5.40 -54.45 -1.68
C LEU F 104 4.76 -54.44 -3.05
N GLY F 105 5.48 -53.90 -4.04
CA GLY F 105 4.98 -53.85 -5.39
C GLY F 105 3.93 -52.79 -5.64
N SER F 106 3.80 -51.81 -4.75
CA SER F 106 2.83 -50.72 -4.88
C SER F 106 1.41 -51.26 -5.00
N GLY F 107 0.97 -51.92 -3.92
CA GLY F 107 -0.37 -52.48 -3.90
C GLY F 107 -0.84 -52.74 -2.48
N TYR F 108 -2.12 -53.10 -2.38
CA TYR F 108 -2.76 -53.42 -1.10
C TYR F 108 -2.97 -54.92 -1.04
N VAL F 109 -2.14 -55.61 -0.28
CA VAL F 109 -2.19 -57.07 -0.16
C VAL F 109 -2.17 -57.42 1.32
N CYS F 110 -3.10 -58.27 1.74
CA CYS F 110 -3.18 -58.73 3.12
C CYS F 110 -2.47 -60.08 3.25
N TYR F 111 -1.59 -60.19 4.24
CA TYR F 111 -0.79 -61.39 4.46
C TYR F 111 -0.94 -61.87 5.89
N GLY F 112 -1.01 -63.18 6.07
CA GLY F 112 -1.10 -63.76 7.39
C GLY F 112 0.15 -64.56 7.75
N TYR F 113 -0.05 -65.81 8.15
CA TYR F 113 1.04 -66.74 8.52
C TYR F 113 1.79 -66.12 9.68
N TYR F 114 3.13 -66.10 9.67
CA TYR F 114 3.91 -65.57 10.77
C TYR F 114 4.13 -64.06 10.57
N GLY F 115 5.03 -63.48 11.35
CA GLY F 115 5.29 -62.05 11.28
C GLY F 115 4.13 -61.19 11.73
N THR F 116 3.51 -61.54 12.85
CA THR F 116 2.37 -60.81 13.37
C THR F 116 2.82 -59.89 14.50
N ASP F 117 2.37 -58.64 14.47
CA ASP F 117 2.82 -57.66 15.45
C ASP F 117 2.19 -57.89 16.82
N TYR F 118 0.89 -58.19 16.86
CA TYR F 118 0.17 -58.28 18.12
C TYR F 118 -0.54 -59.62 18.24
N TRP F 119 -0.81 -60.01 19.48
CA TRP F 119 -1.45 -61.28 19.78
C TRP F 119 -2.34 -61.11 21.01
N GLY F 120 -3.29 -62.03 21.15
CA GLY F 120 -4.18 -62.06 22.30
C GLY F 120 -3.76 -63.09 23.34
N LYS F 121 -4.52 -63.11 24.43
CA LYS F 121 -4.21 -64.04 25.52
C LYS F 121 -4.62 -65.47 25.17
N GLY F 122 -5.60 -65.64 24.28
CA GLY F 122 -6.00 -66.94 23.83
C GLY F 122 -7.12 -67.55 24.67
N THR F 123 -7.78 -68.55 24.09
CA THR F 123 -8.88 -69.24 24.74
C THR F 123 -8.78 -70.73 24.43
N GLN F 124 -9.54 -71.52 25.19
CA GLN F 124 -9.56 -72.97 25.06
C GLN F 124 -10.89 -73.42 24.48
N VAL F 125 -10.82 -74.17 23.38
CA VAL F 125 -11.99 -74.80 22.77
C VAL F 125 -11.75 -76.30 22.78
N THR F 126 -12.67 -77.04 23.39
CA THR F 126 -12.52 -78.48 23.56
C THR F 126 -13.75 -79.20 23.01
N VAL F 127 -13.52 -80.38 22.45
CA VAL F 127 -14.58 -81.25 21.93
C VAL F 127 -14.59 -82.52 22.76
N SER F 128 -15.79 -82.91 23.21
CA SER F 128 -15.89 -84.09 24.08
C SER F 128 -15.43 -85.35 23.36
N SER F 129 -15.82 -85.52 22.10
CA SER F 129 -15.43 -86.67 21.29
C SER F 129 -15.81 -88.00 21.93
#